data_7L2U
#
_entry.id   7L2U
#
_cell.length_a   1.00
_cell.length_b   1.00
_cell.length_c   1.00
_cell.angle_alpha   90.00
_cell.angle_beta   90.00
_cell.angle_gamma   90.00
#
_symmetry.space_group_name_H-M   'P 1'
#
loop_
_entity.id
_entity.type
_entity.pdbx_description
1 polymer 'Transient receptor potential cation channel subfamily V member 1'
2 polymer Tau-theraphotoxin-Hs1a
3 non-polymer '(2S)-1-(butanoyloxy)-3-{[(R)-hydroxy{[(1r,2R,3S,4S,5R,6S)-2,3,4,5,6-pentahydroxycyclohexyl]oxy}phosphoryl]oxy}propan-2-yl tridecanoate'
4 non-polymer '(11R,14S)-17-amino-14-hydroxy-8,14-dioxo-9,13,15-trioxa-14lambda~5~-phosphaheptadecan-11-yl decanoate'
5 non-polymer 'SODIUM ION'
6 water water
#
loop_
_entity_poly.entity_id
_entity_poly.type
_entity_poly.pdbx_seq_one_letter_code
_entity_poly.pdbx_strand_id
1 'polypeptide(L)'
;GAMGSRLYDRRSIFDAVAQSNCQELESLLPFLQRSKKRLTDSEFKDPETGKTCLLKAMLNLHNGQNDTIALLLDVARKTD
SLKQFVNASYTDSYYKGQTALHIAIERRNMTLVTLLVENGADVQAAANGDFFKKTKGRPGFYFGELPLSLAACTNQLAIV
KFLLQNSWQPADISARDSVGNTVLHALVEVADNTVDNTKFVTSMYNEILILGAKLHPTLKLEEITNRKGLTPLALAASSG
KIGVLAYILQREIHEPECRHLSRKFTEWAYGPVHSSLYDLSCIDTCEKNSVLEVIAYSSSETPNRHDMLLVEPLNRLLQD
KWDRFVKRIFYFNFFVYCLYMIIFTAAAYYRPVEGLPPYKLKNTVGDYFRVTGEILSVSGGVYFFFRGIQYFLQRRPSLK
SLFVDSYSEILFFVQSLFMLVSVVLYFSQRKEYVASMVFSLAMGWTNMLYYTRGFQQMGIYAVMIEKMILRDLCRFMFVY
LVFLFGFSTAVVTLIEDGKYNSLYSTCLELFKFTIGMGDLEFTENYDFKAVFIILLLAYVILTYILLLNMLIALMGETVN
KIAQESKNIWKLQRAITILDTEKSFLKCMRKAFRSGKLLQVGFTPDGKDDYRWCFRVDEVNWTTWNTNVGIINEDPG
;
A,B,C,D
2 'polypeptide(L)' MDCAKEGEVCSWGKKCCDLDNFYCPMEFIPHCKKYKPYVPVTTNCAKEGEVCGWGSKCCHGLDCPLAFIPYCEKYR F,E
#
# COMPACT_ATOMS: atom_id res chain seq x y z
N ASN A 87 -59.87 -33.74 -13.28
CA ASN A 87 -58.47 -33.35 -13.26
C ASN A 87 -57.76 -33.81 -14.52
N ALA A 88 -56.82 -32.99 -15.00
CA ALA A 88 -56.03 -33.31 -16.17
C ALA A 88 -54.68 -32.61 -16.07
N SER A 89 -53.69 -33.16 -16.77
CA SER A 89 -52.34 -32.61 -16.76
C SER A 89 -51.59 -33.10 -17.99
N TYR A 90 -50.46 -32.47 -18.25
CA TYR A 90 -49.59 -32.90 -19.33
C TYR A 90 -49.04 -34.30 -19.06
N THR A 91 -48.90 -35.08 -20.12
CA THR A 91 -48.28 -36.39 -20.06
C THR A 91 -46.85 -36.41 -20.60
N ASP A 92 -46.45 -35.39 -21.35
CA ASP A 92 -45.09 -35.30 -21.84
C ASP A 92 -44.13 -35.15 -20.66
N SER A 93 -42.96 -35.79 -20.77
CA SER A 93 -42.01 -35.83 -19.67
C SER A 93 -41.46 -34.44 -19.32
N TYR A 94 -41.50 -33.50 -20.26
CA TYR A 94 -40.93 -32.18 -20.00
C TYR A 94 -41.81 -31.36 -19.07
N TYR A 95 -43.14 -31.45 -19.25
CA TYR A 95 -44.11 -30.74 -18.43
C TYR A 95 -44.99 -31.68 -17.62
N LYS A 96 -44.56 -32.92 -17.40
CA LYS A 96 -45.40 -33.94 -16.76
C LYS A 96 -45.94 -33.47 -15.41
N GLY A 97 -47.25 -33.65 -15.22
CA GLY A 97 -47.90 -33.35 -13.97
C GLY A 97 -48.44 -31.94 -13.83
N GLN A 98 -48.14 -31.05 -14.77
CA GLN A 98 -48.61 -29.67 -14.67
C GLN A 98 -50.11 -29.64 -14.93
N THR A 99 -50.89 -29.28 -13.90
CA THR A 99 -52.34 -29.24 -13.97
C THR A 99 -52.83 -27.79 -13.84
N ALA A 100 -54.15 -27.63 -13.80
CA ALA A 100 -54.74 -26.30 -13.80
C ALA A 100 -54.35 -25.49 -12.58
N LEU A 101 -54.17 -26.14 -11.43
CA LEU A 101 -53.79 -25.42 -10.21
C LEU A 101 -52.42 -24.77 -10.36
N HIS A 102 -51.47 -25.46 -10.99
CA HIS A 102 -50.15 -24.89 -11.19
C HIS A 102 -50.21 -23.65 -12.08
N ILE A 103 -51.00 -23.72 -13.16
CA ILE A 103 -51.15 -22.57 -14.04
C ILE A 103 -51.84 -21.42 -13.31
N ALA A 104 -52.86 -21.72 -12.52
CA ALA A 104 -53.57 -20.69 -11.77
C ALA A 104 -52.64 -19.98 -10.79
N ILE A 105 -51.79 -20.75 -10.09
CA ILE A 105 -50.87 -20.14 -9.14
C ILE A 105 -49.81 -19.33 -9.88
N GLU A 106 -49.32 -19.85 -11.01
CA GLU A 106 -48.27 -19.17 -11.76
C GLU A 106 -48.72 -17.79 -12.23
N ARG A 107 -49.98 -17.66 -12.64
CA ARG A 107 -50.52 -16.40 -13.11
C ARG A 107 -51.05 -15.52 -11.99
N ARG A 108 -50.99 -15.98 -10.74
CA ARG A 108 -51.47 -15.22 -9.58
C ARG A 108 -52.95 -14.87 -9.74
N ASN A 109 -53.75 -15.86 -10.15
CA ASN A 109 -55.19 -15.74 -10.31
C ASN A 109 -55.84 -16.59 -9.21
N MET A 110 -56.05 -15.96 -8.05
CA MET A 110 -56.59 -16.70 -6.91
C MET A 110 -58.04 -17.11 -7.14
N THR A 111 -58.79 -16.34 -7.94
CA THR A 111 -60.16 -16.71 -8.26
C THR A 111 -60.21 -18.04 -8.99
N LEU A 112 -59.30 -18.24 -9.95
CA LEU A 112 -59.24 -19.52 -10.65
C LEU A 112 -58.86 -20.64 -9.70
N VAL A 113 -57.97 -20.37 -8.75
CA VAL A 113 -57.60 -21.38 -7.76
C VAL A 113 -58.82 -21.79 -6.94
N THR A 114 -59.59 -20.81 -6.49
CA THR A 114 -60.79 -21.11 -5.70
C THR A 114 -61.79 -21.91 -6.52
N LEU A 115 -62.00 -21.52 -7.78
CA LEU A 115 -62.93 -22.24 -8.64
C LEU A 115 -62.48 -23.67 -8.88
N LEU A 116 -61.17 -23.87 -9.12
CA LEU A 116 -60.65 -25.22 -9.33
C LEU A 116 -60.82 -26.08 -8.09
N VAL A 117 -60.55 -25.52 -6.90
CA VAL A 117 -60.74 -26.28 -5.68
C VAL A 117 -62.20 -26.62 -5.48
N GLU A 118 -63.10 -25.68 -5.79
CA GLU A 118 -64.54 -25.95 -5.66
C GLU A 118 -64.99 -27.09 -6.56
N ASN A 119 -64.37 -27.25 -7.72
CA ASN A 119 -64.74 -28.28 -8.68
C ASN A 119 -64.04 -29.62 -8.43
N GLY A 120 -63.41 -29.79 -7.27
CA GLY A 120 -62.79 -31.06 -6.93
C GLY A 120 -61.39 -31.25 -7.45
N ALA A 121 -60.65 -30.18 -7.70
CA ALA A 121 -59.27 -30.30 -8.16
C ALA A 121 -58.41 -30.95 -7.09
N ASP A 122 -57.43 -31.73 -7.54
CA ASP A 122 -56.55 -32.47 -6.63
C ASP A 122 -55.42 -31.53 -6.19
N VAL A 123 -55.50 -31.06 -4.95
CA VAL A 123 -54.47 -30.18 -4.42
C VAL A 123 -53.14 -30.88 -4.17
N GLN A 124 -53.11 -32.22 -4.22
CA GLN A 124 -51.90 -32.99 -4.01
C GLN A 124 -51.21 -33.36 -5.32
N ALA A 125 -51.66 -32.82 -6.45
CA ALA A 125 -51.04 -33.14 -7.73
C ALA A 125 -49.59 -32.67 -7.75
N ALA A 126 -48.73 -33.49 -8.34
CA ALA A 126 -47.29 -33.25 -8.38
C ALA A 126 -46.86 -32.97 -9.82
N ALA A 127 -46.16 -31.86 -10.01
CA ALA A 127 -45.60 -31.50 -11.32
C ALA A 127 -44.24 -32.17 -11.43
N ASN A 128 -44.24 -33.40 -11.96
CA ASN A 128 -43.05 -34.24 -12.00
C ASN A 128 -42.23 -34.08 -13.28
N GLY A 129 -42.54 -33.10 -14.11
CA GLY A 129 -41.80 -32.92 -15.34
C GLY A 129 -40.37 -32.47 -15.10
N ASP A 130 -39.51 -32.75 -16.08
CA ASP A 130 -38.10 -32.38 -15.97
C ASP A 130 -37.92 -30.88 -15.84
N PHE A 131 -38.82 -30.08 -16.42
CA PHE A 131 -38.71 -28.64 -16.31
C PHE A 131 -38.80 -28.15 -14.87
N PHE A 132 -39.44 -28.91 -13.98
CA PHE A 132 -39.67 -28.49 -12.61
C PHE A 132 -38.66 -29.07 -11.64
N LYS A 133 -37.56 -29.64 -12.13
CA LYS A 133 -36.52 -30.19 -11.25
C LYS A 133 -35.16 -30.14 -11.93
N PRO A 139 -32.62 -25.56 -18.59
CA PRO A 139 -33.67 -24.65 -18.14
C PRO A 139 -34.64 -25.31 -17.18
N GLY A 140 -35.16 -24.56 -16.22
CA GLY A 140 -36.12 -25.10 -15.28
C GLY A 140 -36.25 -24.22 -14.06
N PHE A 141 -37.14 -24.64 -13.17
CA PHE A 141 -37.40 -23.92 -11.93
C PHE A 141 -37.93 -24.93 -10.92
N TYR A 142 -37.13 -25.25 -9.91
CA TYR A 142 -37.53 -26.19 -8.86
C TYR A 142 -38.23 -25.44 -7.74
N PHE A 143 -39.42 -25.92 -7.36
CA PHE A 143 -40.21 -25.29 -6.31
C PHE A 143 -40.83 -26.30 -5.35
N GLY A 144 -40.69 -27.60 -5.58
CA GLY A 144 -41.41 -28.59 -4.81
C GLY A 144 -42.71 -28.91 -5.52
N GLU A 145 -42.86 -30.15 -5.98
CA GLU A 145 -43.82 -30.47 -7.03
C GLU A 145 -45.27 -30.12 -6.68
N LEU A 146 -45.62 -30.04 -5.40
CA LEU A 146 -47.01 -29.81 -5.04
C LEU A 146 -47.36 -28.32 -5.16
N PRO A 147 -48.62 -27.98 -5.44
CA PRO A 147 -48.99 -26.57 -5.60
C PRO A 147 -48.83 -25.75 -4.34
N LEU A 148 -48.89 -26.36 -3.16
CA LEU A 148 -48.68 -25.61 -1.93
C LEU A 148 -47.26 -25.04 -1.86
N SER A 149 -46.27 -25.85 -2.23
CA SER A 149 -44.90 -25.36 -2.29
C SER A 149 -44.74 -24.29 -3.38
N LEU A 150 -45.48 -24.40 -4.48
CA LEU A 150 -45.46 -23.36 -5.50
C LEU A 150 -45.98 -22.05 -4.94
N ALA A 151 -47.11 -22.09 -4.22
CA ALA A 151 -47.65 -20.89 -3.62
C ALA A 151 -46.67 -20.30 -2.61
N ALA A 152 -46.03 -21.16 -1.81
CA ALA A 152 -45.06 -20.68 -0.83
C ALA A 152 -43.86 -20.04 -1.51
N CYS A 153 -43.38 -20.63 -2.61
CA CYS A 153 -42.17 -20.15 -3.27
C CYS A 153 -42.42 -18.87 -4.07
N THR A 154 -43.66 -18.59 -4.45
CA THR A 154 -43.99 -17.39 -5.22
C THR A 154 -44.51 -16.25 -4.35
N ASN A 155 -44.40 -16.38 -3.02
CA ASN A 155 -44.79 -15.31 -2.08
C ASN A 155 -46.27 -14.99 -2.18
N GLN A 156 -47.08 -16.01 -2.52
CA GLN A 156 -48.53 -15.87 -2.59
C GLN A 156 -49.12 -16.43 -1.28
N LEU A 157 -49.03 -15.60 -0.23
CA LEU A 157 -49.41 -16.06 1.10
C LEU A 157 -50.89 -16.39 1.19
N ALA A 158 -51.76 -15.61 0.53
CA ALA A 158 -53.18 -15.86 0.59
C ALA A 158 -53.54 -17.21 -0.03
N ILE A 159 -52.89 -17.55 -1.15
CA ILE A 159 -53.12 -18.85 -1.76
C ILE A 159 -52.62 -19.95 -0.84
N VAL A 160 -51.50 -19.72 -0.15
CA VAL A 160 -50.99 -20.70 0.81
C VAL A 160 -52.03 -20.98 1.89
N LYS A 161 -52.59 -19.92 2.47
CA LYS A 161 -53.59 -20.09 3.52
C LYS A 161 -54.81 -20.82 2.99
N PHE A 162 -55.30 -20.40 1.82
CA PHE A 162 -56.50 -21.02 1.26
C PHE A 162 -56.28 -22.50 0.97
N LEU A 163 -55.18 -22.83 0.29
CA LEU A 163 -54.90 -24.24 -0.01
C LEU A 163 -54.68 -25.04 1.27
N LEU A 164 -54.15 -24.41 2.33
CA LEU A 164 -53.88 -25.15 3.54
C LEU A 164 -55.17 -25.45 4.32
N GLN A 165 -56.11 -24.51 4.37
CA GLN A 165 -57.31 -24.65 5.21
C GLN A 165 -58.56 -24.18 4.47
N ASN A 166 -58.80 -24.71 3.27
CA ASN A 166 -60.09 -24.57 2.61
C ASN A 166 -61.03 -25.69 3.06
N SER A 167 -62.32 -25.50 2.81
CA SER A 167 -63.32 -26.46 3.26
C SER A 167 -63.29 -27.74 2.42
N TRP A 168 -63.03 -27.62 1.12
CA TRP A 168 -63.25 -28.74 0.21
C TRP A 168 -62.07 -29.71 0.21
N GLN A 169 -60.85 -29.21 0.01
CA GLN A 169 -59.67 -30.05 -0.16
C GLN A 169 -58.48 -29.38 0.50
N PRO A 170 -58.38 -29.46 1.83
CA PRO A 170 -57.20 -28.91 2.50
C PRO A 170 -55.95 -29.71 2.16
N ALA A 171 -54.84 -28.99 2.01
CA ALA A 171 -53.58 -29.61 1.65
C ALA A 171 -52.93 -30.28 2.85
N ASP A 172 -52.11 -31.29 2.58
CA ASP A 172 -51.38 -32.01 3.63
C ASP A 172 -50.07 -31.29 3.89
N ILE A 173 -49.95 -30.68 5.07
CA ILE A 173 -48.77 -29.89 5.40
C ILE A 173 -47.52 -30.74 5.52
N SER A 174 -47.66 -32.04 5.78
CA SER A 174 -46.53 -32.94 5.93
C SER A 174 -46.22 -33.72 4.65
N ALA A 175 -46.78 -33.31 3.52
CA ALA A 175 -46.57 -34.03 2.27
C ALA A 175 -45.11 -33.96 1.85
N ARG A 176 -44.69 -34.97 1.08
CA ARG A 176 -43.31 -35.11 0.62
C ARG A 176 -43.31 -35.21 -0.91
N ASP A 177 -42.31 -34.59 -1.53
CA ASP A 177 -42.14 -34.64 -2.97
C ASP A 177 -41.35 -35.90 -3.34
N SER A 178 -40.87 -35.97 -4.58
CA SER A 178 -40.19 -37.17 -5.05
C SER A 178 -38.88 -37.42 -4.31
N VAL A 179 -38.25 -36.40 -3.75
CA VAL A 179 -36.95 -36.52 -3.07
C VAL A 179 -37.09 -36.39 -1.56
N GLY A 180 -38.31 -36.46 -1.03
CA GLY A 180 -38.54 -36.35 0.40
C GLY A 180 -38.63 -34.94 0.94
N ASN A 181 -38.54 -33.93 0.09
CA ASN A 181 -38.58 -32.55 0.54
C ASN A 181 -40.02 -32.10 0.71
N THR A 182 -40.31 -31.50 1.87
CA THR A 182 -41.60 -30.88 2.14
C THR A 182 -41.51 -29.39 1.87
N VAL A 183 -42.53 -28.63 2.28
CA VAL A 183 -42.59 -27.21 1.96
C VAL A 183 -41.41 -26.45 2.57
N LEU A 184 -40.98 -26.84 3.78
CA LEU A 184 -39.86 -26.17 4.42
C LEU A 184 -38.56 -26.42 3.66
N HIS A 185 -38.34 -27.66 3.23
CA HIS A 185 -37.11 -27.96 2.50
C HIS A 185 -37.05 -27.22 1.17
N ALA A 186 -38.17 -27.19 0.44
CA ALA A 186 -38.21 -26.46 -0.82
C ALA A 186 -38.04 -24.96 -0.59
N LEU A 187 -38.63 -24.45 0.50
CA LEU A 187 -38.50 -23.02 0.79
C LEU A 187 -37.05 -22.66 1.14
N VAL A 188 -36.34 -23.55 1.84
CA VAL A 188 -34.93 -23.33 2.09
C VAL A 188 -34.14 -23.42 0.79
N GLU A 189 -34.51 -24.36 -0.09
CA GLU A 189 -33.73 -24.61 -1.30
C GLU A 189 -33.69 -23.39 -2.21
N VAL A 190 -34.80 -22.64 -2.30
CA VAL A 190 -34.87 -21.51 -3.22
C VAL A 190 -34.12 -20.28 -2.73
N ALA A 191 -33.50 -20.33 -1.55
CA ALA A 191 -32.79 -19.17 -1.04
C ALA A 191 -31.45 -19.00 -1.77
N ASP A 192 -31.03 -17.73 -1.91
CA ASP A 192 -29.74 -17.39 -2.50
C ASP A 192 -28.99 -16.32 -1.72
N ASN A 193 -29.41 -16.03 -0.48
CA ASN A 193 -28.67 -15.16 0.43
C ASN A 193 -28.59 -13.71 -0.04
N THR A 194 -29.52 -13.26 -0.88
CA THR A 194 -29.70 -11.85 -1.16
C THR A 194 -30.67 -11.23 -0.15
N VAL A 195 -30.75 -9.90 -0.16
CA VAL A 195 -31.52 -9.20 0.86
C VAL A 195 -33.01 -9.49 0.72
N ASP A 196 -33.56 -9.27 -0.47
CA ASP A 196 -35.00 -9.47 -0.67
C ASP A 196 -35.38 -10.93 -0.54
N ASN A 197 -34.54 -11.82 -1.07
CA ASN A 197 -34.78 -13.25 -0.94
C ASN A 197 -34.77 -13.66 0.53
N THR A 198 -33.81 -13.14 1.30
CA THR A 198 -33.76 -13.46 2.71
C THR A 198 -35.03 -13.02 3.43
N LYS A 199 -35.49 -11.80 3.17
CA LYS A 199 -36.71 -11.31 3.80
C LYS A 199 -37.91 -12.18 3.44
N PHE A 200 -38.07 -12.48 2.15
CA PHE A 200 -39.22 -13.24 1.68
C PHE A 200 -39.22 -14.65 2.26
N VAL A 201 -38.06 -15.33 2.19
CA VAL A 201 -37.97 -16.70 2.68
C VAL A 201 -38.23 -16.75 4.18
N THR A 202 -37.65 -15.81 4.94
CA THR A 202 -37.85 -15.82 6.38
C THR A 202 -39.32 -15.60 6.74
N SER A 203 -39.97 -14.63 6.10
CA SER A 203 -41.37 -14.35 6.40
C SER A 203 -42.25 -15.56 6.08
N MET A 204 -42.06 -16.16 4.91
CA MET A 204 -42.88 -17.29 4.52
C MET A 204 -42.64 -18.48 5.44
N TYR A 205 -41.38 -18.71 5.83
CA TYR A 205 -41.05 -19.78 6.76
C TYR A 205 -41.78 -19.59 8.09
N ASN A 206 -41.73 -18.37 8.63
CA ASN A 206 -42.38 -18.12 9.92
C ASN A 206 -43.89 -18.33 9.82
N GLU A 207 -44.51 -17.83 8.76
CA GLU A 207 -45.96 -17.97 8.62
C GLU A 207 -46.36 -19.43 8.49
N ILE A 208 -45.60 -20.21 7.70
CA ILE A 208 -45.91 -21.63 7.54
C ILE A 208 -45.77 -22.35 8.87
N LEU A 209 -44.72 -22.04 9.64
CA LEU A 209 -44.54 -22.72 10.92
C LEU A 209 -45.67 -22.40 11.88
N ILE A 210 -46.11 -21.14 11.94
CA ILE A 210 -47.18 -20.79 12.86
C ILE A 210 -48.48 -21.48 12.46
N LEU A 211 -48.81 -21.47 11.15
CA LEU A 211 -50.03 -22.13 10.72
C LEU A 211 -49.98 -23.63 10.98
N GLY A 212 -48.82 -24.25 10.74
CA GLY A 212 -48.68 -25.67 11.01
C GLY A 212 -48.84 -25.99 12.49
N ALA A 213 -48.28 -25.14 13.35
CA ALA A 213 -48.44 -25.31 14.79
C ALA A 213 -49.90 -25.21 15.19
N LYS A 214 -50.65 -24.27 14.60
CA LYS A 214 -52.03 -24.09 15.02
C LYS A 214 -52.95 -25.18 14.50
N LEU A 215 -52.74 -25.64 13.26
CA LEU A 215 -53.63 -26.65 12.70
C LEU A 215 -53.34 -28.04 13.22
N HIS A 216 -52.08 -28.36 13.48
CA HIS A 216 -51.66 -29.69 13.94
C HIS A 216 -50.72 -29.51 15.13
N PRO A 217 -51.27 -29.26 16.33
CA PRO A 217 -50.40 -29.01 17.49
C PRO A 217 -49.48 -30.17 17.85
N THR A 218 -49.82 -31.40 17.46
CA THR A 218 -49.00 -32.56 17.78
C THR A 218 -47.97 -32.90 16.70
N LEU A 219 -47.92 -32.13 15.62
CA LEU A 219 -47.00 -32.40 14.51
C LEU A 219 -45.72 -31.60 14.71
N LYS A 220 -44.59 -32.31 14.76
CA LYS A 220 -43.26 -31.68 14.79
C LYS A 220 -42.79 -31.54 13.35
N LEU A 221 -43.26 -30.46 12.70
CA LEU A 221 -43.06 -30.30 11.27
C LEU A 221 -41.58 -30.16 10.92
N GLU A 222 -40.81 -29.46 11.76
CA GLU A 222 -39.41 -29.20 11.43
C GLU A 222 -38.53 -30.44 11.54
N GLU A 223 -39.03 -31.55 12.10
CA GLU A 223 -38.25 -32.76 12.28
C GLU A 223 -38.39 -33.76 11.15
N ILE A 224 -39.14 -33.44 10.10
CA ILE A 224 -39.32 -34.38 8.98
C ILE A 224 -38.09 -34.28 8.09
N THR A 225 -37.43 -35.42 7.88
CA THR A 225 -36.20 -35.49 7.09
C THR A 225 -36.48 -35.97 5.68
N ASN A 226 -35.68 -35.49 4.74
CA ASN A 226 -35.77 -35.92 3.35
C ASN A 226 -35.04 -37.26 3.18
N ARG A 227 -34.84 -37.67 1.94
CA ARG A 227 -34.19 -38.96 1.69
C ARG A 227 -32.77 -39.01 2.23
N LYS A 228 -32.06 -37.89 2.23
CA LYS A 228 -30.70 -37.84 2.75
C LYS A 228 -30.63 -37.82 4.27
N GLY A 229 -31.76 -37.72 4.96
CA GLY A 229 -31.75 -37.64 6.41
C GLY A 229 -31.43 -36.26 6.94
N LEU A 230 -31.75 -35.21 6.18
CA LEU A 230 -31.46 -33.83 6.56
C LEU A 230 -32.74 -33.14 7.00
N THR A 231 -32.66 -32.43 8.12
CA THR A 231 -33.71 -31.51 8.53
C THR A 231 -33.50 -30.17 7.85
N PRO A 232 -34.50 -29.28 7.86
CA PRO A 232 -34.29 -27.95 7.26
C PRO A 232 -33.11 -27.19 7.84
N LEU A 233 -32.86 -27.32 9.14
CA LEU A 233 -31.70 -26.69 9.74
C LEU A 233 -30.40 -27.30 9.20
N ALA A 234 -30.35 -28.63 9.16
CA ALA A 234 -29.18 -29.30 8.62
C ALA A 234 -28.99 -28.99 7.13
N LEU A 235 -30.09 -28.91 6.38
CA LEU A 235 -29.99 -28.56 4.97
C LEU A 235 -29.44 -27.16 4.79
N ALA A 236 -29.95 -26.20 5.57
CA ALA A 236 -29.49 -24.82 5.47
C ALA A 236 -28.01 -24.72 5.84
N ALA A 237 -27.60 -25.43 6.90
CA ALA A 237 -26.19 -25.40 7.30
C ALA A 237 -25.30 -26.06 6.26
N SER A 238 -25.77 -27.15 5.65
CA SER A 238 -24.94 -27.86 4.68
C SER A 238 -24.78 -27.06 3.39
N SER A 239 -25.87 -26.46 2.89
CA SER A 239 -25.84 -25.77 1.60
C SER A 239 -25.31 -24.36 1.68
N GLY A 240 -25.00 -23.84 2.88
CA GLY A 240 -24.48 -22.50 3.00
C GLY A 240 -25.53 -21.41 2.97
N LYS A 241 -26.77 -21.73 3.31
CA LYS A 241 -27.84 -20.72 3.38
C LYS A 241 -27.68 -19.97 4.69
N ILE A 242 -26.77 -19.00 4.68
CA ILE A 242 -26.37 -18.32 5.91
C ILE A 242 -27.52 -17.53 6.51
N GLY A 243 -28.33 -16.88 5.67
CA GLY A 243 -29.44 -16.09 6.18
C GLY A 243 -30.50 -16.93 6.88
N VAL A 244 -30.82 -18.08 6.30
CA VAL A 244 -31.82 -18.96 6.91
C VAL A 244 -31.32 -19.52 8.23
N LEU A 245 -30.04 -19.92 8.28
CA LEU A 245 -29.46 -20.39 9.53
C LEU A 245 -29.47 -19.30 10.59
N ALA A 246 -29.11 -18.08 10.20
CA ALA A 246 -29.09 -16.97 11.15
C ALA A 246 -30.48 -16.70 11.69
N TYR A 247 -31.50 -16.79 10.84
CA TYR A 247 -32.87 -16.64 11.30
C TYR A 247 -33.26 -17.76 12.26
N ILE A 248 -33.03 -19.01 11.86
CA ILE A 248 -33.52 -20.15 12.63
C ILE A 248 -32.90 -20.17 14.01
N LEU A 249 -31.58 -19.97 14.11
CA LEU A 249 -30.92 -20.12 15.39
C LEU A 249 -31.26 -19.02 16.39
N GLN A 250 -31.96 -17.95 15.97
CA GLN A 250 -32.27 -16.83 16.84
C GLN A 250 -33.75 -16.44 16.79
N ARG A 251 -34.62 -17.32 16.31
CA ARG A 251 -36.02 -16.95 16.14
C ARG A 251 -36.75 -16.92 17.49
N GLU A 252 -37.69 -15.97 17.60
CA GLU A 252 -38.56 -15.86 18.76
C GLU A 252 -39.95 -15.44 18.28
N ILE A 253 -40.98 -16.04 18.86
CA ILE A 253 -42.37 -15.78 18.50
C ILE A 253 -43.10 -15.44 19.79
N HIS A 254 -43.40 -14.16 19.98
CA HIS A 254 -44.11 -13.68 21.18
C HIS A 254 -45.61 -13.69 20.91
N GLU A 255 -46.17 -14.90 20.84
CA GLU A 255 -47.59 -15.11 20.61
C GLU A 255 -48.07 -16.25 21.51
N PRO A 256 -49.35 -16.27 21.88
CA PRO A 256 -49.87 -17.40 22.65
C PRO A 256 -49.83 -18.69 21.83
N GLU A 257 -49.53 -19.80 22.49
CA GLU A 257 -49.45 -21.13 21.91
C GLU A 257 -48.33 -21.26 20.87
N CYS A 258 -47.42 -20.29 20.80
CA CYS A 258 -46.26 -20.34 19.92
C CYS A 258 -44.96 -20.17 20.68
N ARG A 259 -45.00 -20.10 22.01
CA ARG A 259 -43.78 -19.93 22.79
C ARG A 259 -42.83 -21.11 22.61
N HIS A 260 -43.37 -22.32 22.52
CA HIS A 260 -42.54 -23.52 22.43
C HIS A 260 -41.79 -23.63 21.11
N LEU A 261 -42.13 -22.82 20.10
CA LEU A 261 -41.43 -22.86 18.82
C LEU A 261 -40.16 -22.03 18.82
N SER A 262 -39.95 -21.17 19.80
CA SER A 262 -38.79 -20.28 19.80
C SER A 262 -37.52 -21.03 20.19
N ARG A 263 -36.39 -20.48 19.79
CA ARG A 263 -35.07 -20.95 20.20
C ARG A 263 -34.30 -19.93 21.02
N LYS A 264 -34.64 -18.65 20.95
CA LYS A 264 -34.03 -17.58 21.74
C LYS A 264 -35.07 -17.08 22.73
N PHE A 265 -34.73 -17.14 24.02
CA PHE A 265 -35.61 -16.74 25.11
C PHE A 265 -34.91 -15.71 25.99
N THR A 266 -35.67 -15.14 26.90
CA THR A 266 -35.16 -14.21 27.90
C THR A 266 -35.33 -14.82 29.29
N GLU A 267 -34.22 -14.90 30.03
CA GLU A 267 -34.25 -15.49 31.37
C GLU A 267 -34.67 -14.48 32.42
N TRP A 268 -34.02 -13.32 32.44
CA TRP A 268 -34.33 -12.29 33.42
C TRP A 268 -33.79 -10.97 32.91
N ALA A 269 -34.25 -9.90 33.55
CA ALA A 269 -33.84 -8.56 33.21
C ALA A 269 -33.67 -7.72 34.47
N TYR A 270 -32.85 -6.69 34.34
CA TYR A 270 -32.55 -5.71 35.37
C TYR A 270 -32.53 -4.41 34.59
N GLY A 271 -31.73 -3.42 35.01
CA GLY A 271 -31.70 -2.18 34.27
C GLY A 271 -30.95 -2.41 32.97
N PRO A 272 -29.78 -1.79 32.76
CA PRO A 272 -29.10 -1.96 31.45
C PRO A 272 -28.77 -3.41 31.10
N VAL A 273 -28.69 -4.31 32.07
CA VAL A 273 -28.22 -5.67 31.87
C VAL A 273 -29.41 -6.63 31.83
N HIS A 274 -29.37 -7.58 30.91
CA HIS A 274 -30.36 -8.66 30.87
C HIS A 274 -29.67 -9.93 30.40
N SER A 275 -30.37 -11.06 30.57
CA SER A 275 -29.82 -12.38 30.27
C SER A 275 -30.74 -13.09 29.30
N SER A 276 -30.20 -13.47 28.14
CA SER A 276 -30.90 -14.27 27.14
C SER A 276 -30.42 -15.72 27.24
N LEU A 277 -31.25 -16.62 26.70
CA LEU A 277 -31.06 -18.06 26.86
C LEU A 277 -31.35 -18.74 25.54
N TYR A 278 -30.31 -19.30 24.92
CA TYR A 278 -30.40 -19.91 23.61
C TYR A 278 -30.60 -21.42 23.74
N ASP A 279 -31.38 -21.98 22.82
CA ASP A 279 -31.59 -23.42 22.74
C ASP A 279 -30.51 -24.02 21.83
N LEU A 280 -29.71 -24.92 22.38
CA LEU A 280 -28.65 -25.61 21.64
C LEU A 280 -29.02 -27.05 21.30
N SER A 281 -30.30 -27.37 21.24
CA SER A 281 -30.70 -28.69 20.80
C SER A 281 -30.28 -28.92 19.35
N CYS A 282 -29.64 -30.06 19.10
CA CYS A 282 -29.17 -30.45 17.78
C CYS A 282 -28.12 -29.48 17.23
N ILE A 283 -27.35 -28.85 18.10
CA ILE A 283 -26.18 -28.06 17.72
C ILE A 283 -24.89 -28.80 18.06
N ASP A 284 -24.74 -29.24 19.30
CA ASP A 284 -23.54 -29.96 19.70
C ASP A 284 -23.59 -31.42 19.25
N THR A 285 -24.73 -32.08 19.40
CA THR A 285 -24.86 -33.46 18.97
C THR A 285 -26.33 -33.83 18.85
N CYS A 286 -26.65 -34.61 17.81
CA CYS A 286 -27.98 -35.21 17.70
C CYS A 286 -27.91 -36.65 17.21
N GLU A 287 -26.73 -37.27 17.17
CA GLU A 287 -26.52 -38.67 16.81
C GLU A 287 -26.68 -38.95 15.31
N LYS A 288 -27.14 -37.98 14.52
CA LYS A 288 -27.23 -38.13 13.07
C LYS A 288 -26.35 -37.11 12.36
N ASN A 289 -26.63 -35.80 12.52
CA ASN A 289 -25.85 -34.77 11.83
C ASN A 289 -26.09 -33.44 12.55
N SER A 290 -25.11 -33.00 13.33
CA SER A 290 -25.21 -31.75 14.06
C SER A 290 -24.78 -30.57 13.18
N VAL A 291 -25.10 -29.35 13.64
CA VAL A 291 -24.77 -28.16 12.89
C VAL A 291 -23.27 -27.90 12.91
N LEU A 292 -22.64 -28.05 14.07
CA LEU A 292 -21.20 -27.83 14.16
C LEU A 292 -20.44 -28.84 13.29
N GLU A 293 -20.91 -30.08 13.27
CA GLU A 293 -20.23 -31.10 12.46
C GLU A 293 -20.48 -30.87 10.98
N VAL A 294 -21.70 -30.53 10.60
CA VAL A 294 -22.00 -30.36 9.18
C VAL A 294 -21.32 -29.10 8.63
N ILE A 295 -21.07 -28.10 9.47
CA ILE A 295 -20.30 -26.94 9.03
C ILE A 295 -18.81 -27.27 8.99
N ALA A 296 -18.29 -27.87 10.07
CA ALA A 296 -16.85 -28.09 10.19
C ALA A 296 -16.33 -29.04 9.13
N TYR A 297 -17.03 -30.16 8.91
CA TYR A 297 -16.58 -31.21 8.00
C TYR A 297 -17.21 -31.11 6.62
N SER A 298 -17.45 -29.89 6.15
CA SER A 298 -18.02 -29.71 4.82
C SER A 298 -16.98 -30.03 3.75
N SER A 299 -17.40 -29.96 2.49
CA SER A 299 -16.60 -30.37 1.35
C SER A 299 -15.76 -29.25 0.75
N SER A 300 -15.70 -28.08 1.40
CA SER A 300 -14.96 -26.90 0.96
C SER A 300 -15.61 -26.20 -0.24
N GLU A 301 -16.75 -26.68 -0.73
CA GLU A 301 -17.47 -26.05 -1.83
C GLU A 301 -18.54 -25.08 -1.34
N THR A 302 -18.91 -25.11 -0.07
CA THR A 302 -19.92 -24.24 0.47
C THR A 302 -19.48 -22.79 0.34
N PRO A 303 -20.25 -21.89 -0.30
CA PRO A 303 -19.75 -20.52 -0.50
C PRO A 303 -19.44 -19.77 0.79
N ASN A 304 -20.20 -20.00 1.86
CA ASN A 304 -20.07 -19.25 3.11
C ASN A 304 -19.60 -20.15 4.24
N ARG A 305 -18.66 -21.07 3.95
CA ARG A 305 -18.18 -21.98 4.97
C ARG A 305 -17.52 -21.23 6.13
N HIS A 306 -16.71 -20.23 5.83
CA HIS A 306 -15.99 -19.51 6.88
C HIS A 306 -16.88 -18.52 7.62
N ASP A 307 -17.86 -17.92 6.94
CA ASP A 307 -18.66 -16.85 7.52
C ASP A 307 -19.82 -17.34 8.36
N MET A 308 -20.44 -18.47 7.98
CA MET A 308 -21.61 -18.95 8.70
C MET A 308 -21.27 -19.49 10.09
N LEU A 309 -19.99 -19.63 10.43
CA LEU A 309 -19.59 -20.04 11.77
C LEU A 309 -19.57 -18.87 12.76
N LEU A 310 -19.79 -17.64 12.30
CA LEU A 310 -19.69 -16.45 13.13
C LEU A 310 -21.02 -16.00 13.72
N VAL A 311 -22.07 -16.82 13.61
CA VAL A 311 -23.35 -16.41 14.19
C VAL A 311 -23.25 -16.39 15.71
N GLU A 312 -24.26 -15.78 16.34
CA GLU A 312 -24.15 -15.42 17.75
C GLU A 312 -23.96 -16.62 18.68
N PRO A 313 -24.77 -17.69 18.62
CA PRO A 313 -24.58 -18.76 19.59
C PRO A 313 -23.34 -19.62 19.35
N LEU A 314 -22.97 -19.88 18.09
CA LEU A 314 -21.90 -20.84 17.83
C LEU A 314 -20.53 -20.28 18.21
N ASN A 315 -20.29 -18.98 17.99
CA ASN A 315 -19.00 -18.41 18.34
C ASN A 315 -18.76 -18.48 19.86
N ARG A 316 -19.76 -18.11 20.65
CA ARG A 316 -19.61 -18.19 22.10
C ARG A 316 -19.55 -19.64 22.57
N LEU A 317 -20.29 -20.53 21.93
CA LEU A 317 -20.23 -21.94 22.32
C LEU A 317 -18.83 -22.51 22.08
N LEU A 318 -18.23 -22.21 20.93
CA LEU A 318 -16.88 -22.70 20.65
C LEU A 318 -15.86 -22.06 21.59
N GLN A 319 -15.99 -20.77 21.86
CA GLN A 319 -15.05 -20.12 22.78
C GLN A 319 -15.16 -20.72 24.18
N ASP A 320 -16.38 -21.01 24.63
CA ASP A 320 -16.56 -21.62 25.94
C ASP A 320 -16.01 -23.04 25.97
N LYS A 321 -16.21 -23.79 24.89
CA LYS A 321 -15.61 -25.12 24.81
C LYS A 321 -14.10 -25.04 24.91
N TRP A 322 -13.50 -24.06 24.24
CA TRP A 322 -12.04 -23.90 24.32
C TRP A 322 -11.61 -23.54 25.74
N ASP A 323 -12.28 -22.56 26.35
CA ASP A 323 -11.86 -22.10 27.68
C ASP A 323 -12.10 -23.15 28.74
N ARG A 324 -13.08 -24.05 28.55
CA ARG A 324 -13.48 -24.93 29.64
C ARG A 324 -12.43 -26.01 29.88
N PHE A 325 -12.22 -26.91 28.90
CA PHE A 325 -11.32 -28.04 29.09
C PHE A 325 -10.37 -28.31 27.93
N VAL A 326 -10.71 -27.85 26.72
CA VAL A 326 -9.94 -28.24 25.53
C VAL A 326 -8.55 -27.61 25.56
N LYS A 327 -8.45 -26.38 26.07
CA LYS A 327 -7.17 -25.67 26.11
C LYS A 327 -6.09 -26.47 26.80
N ARG A 328 -6.41 -27.03 27.97
CA ARG A 328 -5.42 -27.78 28.74
C ARG A 328 -5.00 -29.05 28.00
N ILE A 329 -5.94 -29.72 27.35
CA ILE A 329 -5.61 -30.94 26.61
C ILE A 329 -4.68 -30.60 25.44
N PHE A 330 -4.97 -29.51 24.73
CA PHE A 330 -4.12 -29.11 23.61
C PHE A 330 -2.71 -28.80 24.09
N TYR A 331 -2.59 -28.04 25.20
CA TYR A 331 -1.26 -27.72 25.72
C TYR A 331 -0.53 -28.97 26.18
N PHE A 332 -1.25 -29.91 26.77
CA PHE A 332 -0.64 -31.17 27.20
C PHE A 332 -0.07 -31.94 26.01
N ASN A 333 -0.85 -32.04 24.92
CA ASN A 333 -0.37 -32.74 23.74
C ASN A 333 0.83 -32.03 23.13
N PHE A 334 0.82 -30.70 23.13
CA PHE A 334 1.96 -29.93 22.63
C PHE A 334 3.22 -30.23 23.45
N PHE A 335 3.08 -30.28 24.77
CA PHE A 335 4.22 -30.60 25.64
C PHE A 335 4.76 -31.99 25.34
N VAL A 336 3.86 -32.97 25.17
CA VAL A 336 4.30 -34.33 24.90
C VAL A 336 5.05 -34.41 23.58
N TYR A 337 4.53 -33.73 22.55
CA TYR A 337 5.23 -33.73 21.25
C TYR A 337 6.60 -33.07 21.37
N CYS A 338 6.70 -31.99 22.15
CA CYS A 338 8.00 -31.36 22.36
C CYS A 338 8.99 -32.34 22.99
N LEU A 339 8.54 -33.10 23.99
CA LEU A 339 9.40 -34.10 24.61
C LEU A 339 9.83 -35.15 23.59
N TYR A 340 8.90 -35.58 22.74
CA TYR A 340 9.22 -36.57 21.72
C TYR A 340 10.30 -36.06 20.78
N MET A 341 10.17 -34.81 20.33
CA MET A 341 11.16 -34.27 19.41
C MET A 341 12.51 -34.08 20.09
N ILE A 342 12.53 -33.73 21.37
CA ILE A 342 13.81 -33.61 22.07
C ILE A 342 14.49 -34.97 22.15
N ILE A 343 13.74 -36.01 22.50
CA ILE A 343 14.34 -37.34 22.58
C ILE A 343 14.82 -37.80 21.20
N PHE A 344 14.02 -37.57 20.16
CA PHE A 344 14.41 -37.99 18.81
C PHE A 344 15.68 -37.28 18.38
N THR A 345 15.75 -35.97 18.62
CA THR A 345 16.93 -35.21 18.23
C THR A 345 18.17 -35.70 18.98
N ALA A 346 18.04 -35.93 20.29
CA ALA A 346 19.18 -36.39 21.06
C ALA A 346 19.65 -37.77 20.60
N ALA A 347 18.71 -38.68 20.31
CA ALA A 347 19.09 -40.00 19.84
C ALA A 347 19.76 -39.96 18.49
N ALA A 348 19.24 -39.14 17.57
CA ALA A 348 19.83 -39.06 16.23
C ALA A 348 21.20 -38.41 16.26
N TYR A 349 21.38 -37.40 17.12
CA TYR A 349 22.65 -36.67 17.18
C TYR A 349 23.81 -37.60 17.53
N TYR A 350 23.61 -38.49 18.49
CA TYR A 350 24.66 -39.35 19.02
C TYR A 350 24.65 -40.74 18.37
N ARG A 351 24.33 -40.83 17.08
CA ARG A 351 24.33 -42.13 16.43
C ARG A 351 25.77 -42.66 16.36
N PRO A 352 25.95 -43.97 16.31
CA PRO A 352 27.31 -44.52 16.13
C PRO A 352 27.83 -44.24 14.73
N VAL A 353 29.16 -44.19 14.64
CA VAL A 353 29.86 -43.85 13.40
C VAL A 353 30.58 -45.05 12.78
N GLU A 354 30.37 -46.26 13.32
CA GLU A 354 30.92 -47.45 12.71
C GLU A 354 30.08 -47.83 11.49
N GLY A 355 30.51 -48.88 10.78
CA GLY A 355 29.83 -49.33 9.59
C GLY A 355 28.95 -50.55 9.84
N LEU A 356 28.13 -50.86 8.82
CA LEU A 356 27.39 -52.12 8.75
C LEU A 356 26.43 -52.29 9.94
N PRO A 357 25.32 -51.55 9.99
CA PRO A 357 24.32 -51.79 11.02
C PRO A 357 23.68 -53.15 10.84
N PRO A 358 22.98 -53.68 11.86
CA PRO A 358 22.75 -53.16 13.21
C PRO A 358 24.00 -53.25 14.08
N TYR A 359 24.05 -52.43 15.13
CA TYR A 359 25.24 -52.31 15.97
C TYR A 359 25.05 -53.09 17.27
N LYS A 360 26.17 -53.60 17.79
CA LYS A 360 26.14 -54.31 19.07
C LYS A 360 25.79 -53.35 20.19
N LEU A 361 24.99 -53.83 21.14
CA LEU A 361 24.60 -53.03 22.30
C LEU A 361 25.64 -53.25 23.40
N LYS A 362 26.36 -52.18 23.74
CA LYS A 362 27.35 -52.25 24.80
C LYS A 362 26.66 -52.11 26.16
N ASN A 363 27.41 -52.45 27.20
CA ASN A 363 26.87 -52.51 28.56
C ASN A 363 27.12 -51.23 29.37
N THR A 364 27.54 -50.15 28.72
CA THR A 364 27.76 -48.88 29.41
C THR A 364 26.49 -48.03 29.41
N VAL A 365 26.52 -46.98 30.24
CA VAL A 365 25.32 -46.21 30.53
C VAL A 365 24.81 -45.49 29.28
N GLY A 366 25.73 -44.84 28.56
CA GLY A 366 25.34 -44.04 27.41
C GLY A 366 24.64 -44.85 26.34
N ASP A 367 25.04 -46.10 26.13
CA ASP A 367 24.40 -46.92 25.12
C ASP A 367 23.03 -47.40 25.56
N TYR A 368 22.82 -47.62 26.86
CA TYR A 368 21.47 -47.89 27.35
C TYR A 368 20.54 -46.70 27.09
N PHE A 369 21.01 -45.49 27.40
CA PHE A 369 20.18 -44.32 27.10
C PHE A 369 19.93 -44.18 25.61
N ARG A 370 20.96 -44.45 24.80
CA ARG A 370 20.83 -44.33 23.35
C ARG A 370 19.77 -45.27 22.81
N VAL A 371 19.83 -46.55 23.20
CA VAL A 371 18.88 -47.51 22.66
C VAL A 371 17.47 -47.23 23.17
N THR A 372 17.35 -46.73 24.41
CA THR A 372 16.05 -46.31 24.92
C THR A 372 15.46 -45.20 24.04
N GLY A 373 16.28 -44.21 23.70
CA GLY A 373 15.79 -43.14 22.85
C GLY A 373 15.36 -43.63 21.47
N GLU A 374 16.14 -44.55 20.89
CA GLU A 374 15.77 -45.09 19.59
C GLU A 374 14.43 -45.83 19.65
N ILE A 375 14.22 -46.60 20.71
CA ILE A 375 12.96 -47.34 20.86
C ILE A 375 11.79 -46.36 20.95
N LEU A 376 11.95 -45.30 21.75
CA LEU A 376 10.88 -44.32 21.88
C LEU A 376 10.57 -43.63 20.56
N SER A 377 11.61 -43.30 19.78
CA SER A 377 11.39 -42.65 18.49
C SER A 377 10.59 -43.54 17.55
N VAL A 378 10.94 -44.83 17.47
CA VAL A 378 10.22 -45.73 16.59
C VAL A 378 8.77 -45.88 17.05
N SER A 379 8.56 -45.97 18.37
CA SER A 379 7.19 -46.07 18.89
C SER A 379 6.34 -44.86 18.48
N GLY A 380 6.92 -43.66 18.58
CA GLY A 380 6.19 -42.47 18.16
C GLY A 380 5.84 -42.50 16.69
N GLY A 381 6.78 -42.96 15.85
CA GLY A 381 6.50 -43.08 14.43
C GLY A 381 5.32 -44.01 14.15
N VAL A 382 5.28 -45.15 14.85
CA VAL A 382 4.18 -46.09 14.67
C VAL A 382 2.85 -45.45 15.07
N TYR A 383 2.86 -44.72 16.20
CA TYR A 383 1.65 -44.04 16.65
C TYR A 383 1.12 -43.10 15.57
N PHE A 384 1.99 -42.26 15.01
CA PHE A 384 1.53 -41.33 13.99
C PHE A 384 1.02 -42.04 12.74
N PHE A 385 1.67 -43.15 12.37
CA PHE A 385 1.22 -43.93 11.22
C PHE A 385 -0.22 -44.42 11.41
N PHE A 386 -0.50 -45.03 12.56
CA PHE A 386 -1.84 -45.55 12.77
C PHE A 386 -2.88 -44.43 12.91
N ARG A 387 -2.50 -43.30 13.52
CA ARG A 387 -3.43 -42.18 13.57
C ARG A 387 -3.78 -41.69 12.17
N GLY A 388 -2.79 -41.65 11.27
CA GLY A 388 -3.09 -41.27 9.90
C GLY A 388 -4.07 -42.21 9.24
N ILE A 389 -3.89 -43.53 9.44
CA ILE A 389 -4.83 -44.49 8.86
C ILE A 389 -6.23 -44.26 9.42
N GLN A 390 -6.33 -44.04 10.73
CA GLN A 390 -7.65 -43.84 11.34
C GLN A 390 -8.32 -42.60 10.78
N TYR A 391 -7.57 -41.51 10.61
CA TYR A 391 -8.16 -40.30 10.03
C TYR A 391 -8.69 -40.57 8.63
N PHE A 392 -7.88 -41.22 7.79
CA PHE A 392 -8.31 -41.44 6.41
C PHE A 392 -9.53 -42.33 6.35
N LEU A 393 -9.60 -43.35 7.22
CA LEU A 393 -10.76 -44.24 7.17
C LEU A 393 -12.02 -43.55 7.69
N GLN A 394 -11.91 -42.77 8.77
CA GLN A 394 -13.12 -42.18 9.33
C GLN A 394 -13.62 -40.97 8.56
N ARG A 395 -12.72 -40.18 7.98
CA ARG A 395 -13.16 -38.96 7.30
C ARG A 395 -13.64 -39.23 5.88
N ARG A 396 -13.00 -40.15 5.16
CA ARG A 396 -13.32 -40.44 3.77
C ARG A 396 -13.21 -39.18 2.91
N PRO A 397 -12.01 -38.64 2.71
CA PRO A 397 -11.86 -37.46 1.85
C PRO A 397 -12.14 -37.79 0.39
N SER A 398 -12.32 -36.73 -0.40
CA SER A 398 -12.73 -36.84 -1.79
C SER A 398 -11.55 -36.94 -2.77
N LEU A 399 -10.32 -37.12 -2.28
CA LEU A 399 -9.10 -37.22 -3.06
C LEU A 399 -8.65 -35.90 -3.69
N LYS A 400 -9.39 -34.81 -3.48
CA LYS A 400 -8.99 -33.47 -3.92
C LYS A 400 -8.97 -32.48 -2.77
N SER A 401 -9.94 -32.55 -1.85
CA SER A 401 -9.99 -31.60 -0.75
C SER A 401 -8.86 -31.83 0.25
N LEU A 402 -8.34 -33.04 0.35
CA LEU A 402 -7.31 -33.33 1.35
C LEU A 402 -6.02 -32.54 1.10
N PHE A 403 -5.80 -32.07 -0.13
CA PHE A 403 -4.64 -31.25 -0.46
C PHE A 403 -4.90 -29.75 -0.29
N VAL A 404 -6.12 -29.36 0.11
CA VAL A 404 -6.42 -27.99 0.51
C VAL A 404 -6.82 -27.93 1.97
N ASP A 405 -7.81 -28.73 2.37
CA ASP A 405 -8.19 -28.89 3.76
C ASP A 405 -7.51 -30.14 4.34
N SER A 406 -7.24 -30.08 5.66
CA SER A 406 -6.61 -31.19 6.37
C SER A 406 -5.29 -31.59 5.72
N TYR A 407 -4.48 -30.60 5.38
CA TYR A 407 -3.17 -30.87 4.78
C TYR A 407 -2.16 -31.37 5.81
N SER A 408 -2.30 -30.97 7.08
CA SER A 408 -1.29 -31.33 8.07
C SER A 408 -1.25 -32.83 8.34
N GLU A 409 -2.37 -33.52 8.15
CA GLU A 409 -2.40 -34.96 8.37
C GLU A 409 -1.47 -35.66 7.38
N ILE A 410 -1.40 -35.16 6.15
CA ILE A 410 -0.52 -35.74 5.14
C ILE A 410 0.93 -35.56 5.55
N LEU A 411 1.29 -34.39 6.08
CA LEU A 411 2.66 -34.14 6.50
C LEU A 411 3.07 -35.04 7.66
N PHE A 412 2.19 -35.19 8.67
CA PHE A 412 2.51 -36.10 9.76
C PHE A 412 2.64 -37.54 9.27
N PHE A 413 1.75 -37.94 8.34
CA PHE A 413 1.80 -39.28 7.79
C PHE A 413 3.11 -39.52 7.05
N VAL A 414 3.56 -38.54 6.25
CA VAL A 414 4.79 -38.70 5.50
C VAL A 414 5.98 -38.78 6.44
N GLN A 415 5.98 -37.98 7.51
CA GLN A 415 7.02 -38.10 8.53
C GLN A 415 7.08 -39.52 9.08
N SER A 416 5.93 -40.09 9.42
CA SER A 416 5.92 -41.46 9.94
C SER A 416 6.39 -42.47 8.90
N LEU A 417 6.04 -42.26 7.62
CA LEU A 417 6.52 -43.15 6.57
C LEU A 417 8.04 -43.13 6.48
N PHE A 418 8.63 -41.93 6.56
CA PHE A 418 10.09 -41.83 6.54
C PHE A 418 10.70 -42.57 7.73
N MET A 419 10.07 -42.45 8.90
CA MET A 419 10.59 -43.18 10.07
C MET A 419 10.55 -44.69 9.84
N LEU A 420 9.45 -45.21 9.30
CA LEU A 420 9.35 -46.65 9.11
C LEU A 420 10.33 -47.14 8.06
N VAL A 421 10.53 -46.38 6.98
CA VAL A 421 11.52 -46.75 5.98
C VAL A 421 12.92 -46.75 6.60
N SER A 422 13.18 -45.79 7.50
CA SER A 422 14.45 -45.80 8.22
C SER A 422 14.63 -47.08 9.02
N VAL A 423 13.57 -47.53 9.71
CA VAL A 423 13.68 -48.77 10.49
C VAL A 423 13.98 -49.96 9.56
N VAL A 424 13.27 -50.04 8.44
CA VAL A 424 13.45 -51.17 7.52
C VAL A 424 14.88 -51.18 6.99
N LEU A 425 15.39 -50.01 6.60
CA LEU A 425 16.76 -49.94 6.11
C LEU A 425 17.77 -50.26 7.21
N TYR A 426 17.46 -49.87 8.46
CA TYR A 426 18.37 -50.18 9.56
C TYR A 426 18.54 -51.67 9.73
N PHE A 427 17.43 -52.41 9.74
CA PHE A 427 17.54 -53.85 9.94
C PHE A 427 17.85 -54.63 8.67
N SER A 428 17.97 -53.96 7.52
CA SER A 428 18.42 -54.60 6.29
C SER A 428 19.93 -54.48 6.07
N GLN A 429 20.68 -53.95 7.04
CA GLN A 429 22.13 -53.79 6.93
C GLN A 429 22.49 -52.83 5.80
N ARG A 430 21.92 -51.63 5.85
CA ARG A 430 22.23 -50.57 4.90
C ARG A 430 22.48 -49.27 5.66
N LYS A 431 23.36 -48.44 5.09
CA LYS A 431 23.67 -47.14 5.66
C LYS A 431 22.69 -46.06 5.24
N GLU A 432 21.87 -46.31 4.22
CA GLU A 432 20.97 -45.27 3.71
C GLU A 432 19.87 -44.91 4.70
N TYR A 433 19.68 -45.66 5.78
CA TYR A 433 18.65 -45.32 6.75
C TYR A 433 18.86 -43.93 7.31
N VAL A 434 20.11 -43.50 7.45
CA VAL A 434 20.40 -42.14 7.93
C VAL A 434 19.77 -41.13 6.99
N ALA A 435 19.88 -41.36 5.68
CA ALA A 435 19.28 -40.44 4.72
C ALA A 435 17.78 -40.30 4.95
N SER A 436 17.10 -41.40 5.30
CA SER A 436 15.69 -41.29 5.63
C SER A 436 15.51 -40.56 6.96
N MET A 437 16.31 -40.94 7.96
CA MET A 437 16.07 -40.51 9.34
C MET A 437 16.09 -39.00 9.45
N VAL A 438 17.12 -38.38 8.86
CA VAL A 438 17.27 -36.93 8.96
C VAL A 438 16.09 -36.23 8.31
N PHE A 439 15.56 -36.77 7.21
CA PHE A 439 14.39 -36.13 6.60
C PHE A 439 13.23 -36.12 7.56
N SER A 440 12.99 -37.24 8.24
CA SER A 440 11.95 -37.26 9.25
C SER A 440 12.24 -36.22 10.32
N LEU A 441 13.49 -36.17 10.78
CA LEU A 441 13.88 -35.16 11.75
C LEU A 441 13.66 -33.76 11.18
N ALA A 442 14.06 -33.57 9.91
CA ALA A 442 13.90 -32.26 9.28
C ALA A 442 12.43 -31.89 9.18
N MET A 443 11.56 -32.89 9.03
CA MET A 443 10.13 -32.61 9.02
C MET A 443 9.59 -32.44 10.42
N GLY A 444 10.12 -33.18 11.39
CA GLY A 444 9.52 -33.21 12.72
C GLY A 444 9.51 -31.86 13.39
N TRP A 445 10.55 -31.06 13.13
CA TRP A 445 10.57 -29.71 13.66
C TRP A 445 9.66 -28.78 12.88
N THR A 446 9.60 -28.92 11.55
CA THR A 446 8.76 -28.04 10.75
C THR A 446 7.28 -28.21 11.11
N ASN A 447 6.84 -29.44 11.33
CA ASN A 447 5.46 -29.68 11.73
C ASN A 447 5.14 -29.10 13.11
N MET A 448 6.14 -28.61 13.85
CA MET A 448 5.86 -27.85 15.06
C MET A 448 4.95 -26.65 14.78
N LEU A 449 4.97 -26.11 13.56
CA LEU A 449 4.07 -25.01 13.23
C LEU A 449 2.61 -25.39 13.39
N TYR A 450 2.28 -26.69 13.32
CA TYR A 450 0.91 -27.12 13.56
C TYR A 450 0.39 -26.61 14.90
N TYR A 451 1.25 -26.57 15.91
CA TYR A 451 0.81 -26.17 17.24
C TYR A 451 0.74 -24.66 17.42
N THR A 452 0.83 -23.87 16.35
CA THR A 452 0.62 -22.44 16.51
C THR A 452 -0.85 -22.08 16.71
N ARG A 453 -1.77 -22.97 16.32
CA ARG A 453 -3.18 -22.74 16.59
C ARG A 453 -3.45 -22.81 18.09
N GLY A 454 -4.45 -22.06 18.54
CA GLY A 454 -4.74 -21.88 19.93
C GLY A 454 -4.13 -20.61 20.50
N PHE A 455 -3.04 -20.13 19.89
CA PHE A 455 -2.45 -18.85 20.22
C PHE A 455 -2.91 -17.84 19.18
N GLN A 456 -3.58 -16.78 19.63
CA GLN A 456 -4.21 -15.84 18.71
C GLN A 456 -3.17 -15.16 17.80
N GLN A 457 -2.02 -14.80 18.36
CA GLN A 457 -1.05 -14.01 17.61
C GLN A 457 -0.36 -14.84 16.53
N MET A 458 0.09 -16.04 16.86
CA MET A 458 0.87 -16.85 15.93
C MET A 458 0.00 -17.56 14.89
N GLY A 459 -1.24 -17.90 15.24
CA GLY A 459 -2.08 -18.64 14.31
C GLY A 459 -2.39 -17.88 13.04
N ILE A 460 -2.67 -16.59 13.16
CA ILE A 460 -2.93 -15.77 11.97
C ILE A 460 -1.68 -15.72 11.10
N TYR A 461 -0.51 -15.60 11.72
CA TYR A 461 0.75 -15.58 10.98
C TYR A 461 0.96 -16.88 10.21
N ALA A 462 0.70 -18.02 10.87
CA ALA A 462 0.85 -19.31 10.20
C ALA A 462 -0.16 -19.45 9.06
N VAL A 463 -1.39 -19.00 9.28
CA VAL A 463 -2.40 -19.07 8.22
C VAL A 463 -1.98 -18.21 7.03
N MET A 464 -1.43 -17.03 7.28
CA MET A 464 -0.94 -16.19 6.20
C MET A 464 0.18 -16.88 5.43
N ILE A 465 1.08 -17.56 6.13
CA ILE A 465 2.15 -18.29 5.44
C ILE A 465 1.56 -19.36 4.53
N GLU A 466 0.62 -20.15 5.07
CA GLU A 466 0.05 -21.26 4.31
C GLU A 466 -0.70 -20.76 3.07
N LYS A 467 -1.51 -19.71 3.24
CA LYS A 467 -2.26 -19.17 2.11
C LYS A 467 -1.33 -18.54 1.08
N MET A 468 -0.26 -17.87 1.54
CA MET A 468 0.71 -17.31 0.59
C MET A 468 1.38 -18.40 -0.21
N ILE A 469 1.76 -19.50 0.43
CA ILE A 469 2.39 -20.60 -0.29
C ILE A 469 1.42 -21.20 -1.31
N LEU A 470 0.21 -21.51 -0.87
CA LEU A 470 -0.70 -22.24 -1.75
C LEU A 470 -1.35 -21.37 -2.82
N ARG A 471 -1.35 -20.05 -2.65
CA ARG A 471 -2.05 -19.16 -3.57
C ARG A 471 -1.13 -18.61 -4.66
N ASP A 472 -0.09 -17.88 -4.26
CA ASP A 472 0.67 -17.04 -5.18
C ASP A 472 1.97 -17.66 -5.67
N LEU A 473 2.70 -18.36 -4.80
CA LEU A 473 4.00 -18.89 -5.19
C LEU A 473 3.91 -20.09 -6.13
N CYS A 474 2.75 -20.77 -6.18
CA CYS A 474 2.65 -21.94 -7.04
C CYS A 474 2.65 -21.57 -8.52
N ARG A 475 2.18 -20.37 -8.86
CA ARG A 475 2.28 -19.89 -10.23
C ARG A 475 3.70 -19.45 -10.55
N PHE A 476 4.32 -18.72 -9.61
CA PHE A 476 5.67 -18.21 -9.82
C PHE A 476 6.66 -19.34 -10.00
N MET A 477 6.57 -20.39 -9.19
CA MET A 477 7.51 -21.48 -9.33
C MET A 477 7.38 -22.16 -10.69
N PHE A 478 6.16 -22.35 -11.18
CA PHE A 478 5.98 -22.93 -12.50
C PHE A 478 6.64 -22.08 -13.59
N VAL A 479 6.35 -20.77 -13.58
CA VAL A 479 6.90 -19.89 -14.60
C VAL A 479 8.43 -19.85 -14.51
N TYR A 480 8.95 -19.71 -13.29
CA TYR A 480 10.39 -19.61 -13.08
C TYR A 480 11.09 -20.90 -13.51
N LEU A 481 10.52 -22.06 -13.16
CA LEU A 481 11.16 -23.31 -13.50
C LEU A 481 11.20 -23.53 -15.01
N VAL A 482 10.13 -23.18 -15.71
CA VAL A 482 10.16 -23.34 -17.16
C VAL A 482 11.20 -22.41 -17.78
N PHE A 483 11.25 -21.16 -17.31
CA PHE A 483 12.24 -20.22 -17.81
C PHE A 483 13.67 -20.71 -17.53
N LEU A 484 13.90 -21.20 -16.32
CA LEU A 484 15.21 -21.72 -15.94
C LEU A 484 15.61 -22.90 -16.81
N PHE A 485 14.67 -23.83 -17.05
CA PHE A 485 14.98 -24.98 -17.89
C PHE A 485 15.36 -24.55 -19.30
N GLY A 486 14.63 -23.60 -19.86
CA GLY A 486 14.95 -23.14 -21.20
C GLY A 486 16.34 -22.54 -21.29
N PHE A 487 16.67 -21.63 -20.37
CA PHE A 487 17.99 -20.99 -20.44
C PHE A 487 19.11 -21.97 -20.09
N SER A 488 18.84 -22.92 -19.20
CA SER A 488 19.84 -23.93 -18.85
C SER A 488 20.15 -24.81 -20.06
N THR A 489 19.12 -25.25 -20.79
CA THR A 489 19.38 -26.03 -21.99
C THR A 489 20.15 -25.23 -23.04
N ALA A 490 19.82 -23.94 -23.19
CA ALA A 490 20.58 -23.10 -24.12
C ALA A 490 22.06 -23.03 -23.72
N VAL A 491 22.33 -22.83 -22.43
CA VAL A 491 23.71 -22.71 -21.97
C VAL A 491 24.46 -24.03 -22.14
N VAL A 492 23.82 -25.15 -21.81
CA VAL A 492 24.47 -26.45 -21.99
C VAL A 492 24.77 -26.71 -23.46
N THR A 493 23.85 -26.32 -24.34
CA THR A 493 24.10 -26.48 -25.78
C THR A 493 25.28 -25.63 -26.22
N LEU A 494 25.39 -24.41 -25.72
CA LEU A 494 26.44 -23.51 -26.21
C LEU A 494 27.82 -23.95 -25.74
N ILE A 495 27.93 -24.33 -24.47
CA ILE A 495 29.23 -24.62 -23.83
C ILE A 495 29.15 -26.03 -23.25
N GLU A 496 29.76 -26.98 -23.92
CA GLU A 496 29.78 -28.38 -23.47
C GLU A 496 31.06 -28.72 -22.70
N ASP A 497 31.40 -27.92 -21.68
CA ASP A 497 32.53 -28.21 -20.81
C ASP A 497 32.50 -27.24 -19.63
N GLY A 498 33.32 -27.53 -18.63
CA GLY A 498 33.62 -26.56 -17.58
C GLY A 498 32.47 -26.20 -16.68
N LYS A 499 31.86 -27.20 -16.04
CA LYS A 499 30.69 -27.11 -15.15
C LYS A 499 29.40 -26.90 -15.91
N TYR A 500 29.42 -26.77 -17.23
CA TYR A 500 28.22 -26.62 -18.06
C TYR A 500 28.07 -27.78 -19.03
N ASN A 501 28.59 -28.95 -18.68
CA ASN A 501 28.47 -30.16 -19.49
C ASN A 501 27.31 -31.05 -19.06
N SER A 502 26.47 -30.58 -18.15
CA SER A 502 25.31 -31.34 -17.70
C SER A 502 24.20 -30.39 -17.32
N LEU A 503 22.98 -30.90 -17.32
CA LEU A 503 21.81 -30.07 -17.03
C LEU A 503 21.69 -29.77 -15.54
N TYR A 504 22.03 -30.74 -14.69
CA TYR A 504 21.90 -30.56 -13.25
C TYR A 504 22.86 -29.47 -12.76
N SER A 505 24.13 -29.56 -13.16
CA SER A 505 25.12 -28.58 -12.73
C SER A 505 24.78 -27.19 -13.27
N THR A 506 24.37 -27.11 -14.54
CA THR A 506 24.00 -25.81 -15.11
C THR A 506 22.80 -25.20 -14.39
N CYS A 507 21.82 -26.03 -14.06
CA CYS A 507 20.66 -25.55 -13.31
C CYS A 507 21.06 -25.00 -11.96
N LEU A 508 21.95 -25.70 -11.24
CA LEU A 508 22.40 -25.19 -9.94
C LEU A 508 23.17 -23.88 -10.09
N GLU A 509 24.04 -23.81 -11.09
CA GLU A 509 24.85 -22.61 -11.30
C GLU A 509 23.98 -21.41 -11.65
N LEU A 510 22.93 -21.64 -12.44
CA LEU A 510 22.01 -20.55 -12.76
C LEU A 510 21.11 -20.20 -11.58
N PHE A 511 20.73 -21.18 -10.77
CA PHE A 511 19.93 -20.89 -9.58
C PHE A 511 20.68 -20.00 -8.61
N LYS A 512 21.98 -20.24 -8.43
CA LYS A 512 22.77 -19.45 -7.49
C LYS A 512 22.68 -17.96 -7.76
N PHE A 513 22.50 -17.56 -9.02
CA PHE A 513 22.32 -16.14 -9.34
C PHE A 513 21.08 -15.58 -8.66
N THR A 514 20.01 -16.38 -8.57
CA THR A 514 18.76 -15.89 -8.00
C THR A 514 18.91 -15.48 -6.54
N ILE A 515 19.89 -16.02 -5.82
CA ILE A 515 20.13 -15.71 -4.42
C ILE A 515 21.42 -14.90 -4.23
N GLY A 516 21.95 -14.31 -5.29
CA GLY A 516 23.06 -13.38 -5.14
C GLY A 516 24.43 -14.01 -5.00
N MET A 517 24.61 -15.25 -5.44
CA MET A 517 25.85 -15.99 -5.29
C MET A 517 26.43 -16.35 -6.66
N GLY A 518 26.39 -15.42 -7.60
CA GLY A 518 26.81 -15.69 -8.95
C GLY A 518 28.33 -15.78 -9.07
N ASP A 519 28.76 -16.13 -10.28
CA ASP A 519 30.18 -16.33 -10.59
C ASP A 519 30.51 -15.66 -11.92
N LEU A 520 30.08 -14.40 -12.08
CA LEU A 520 30.38 -13.64 -13.30
C LEU A 520 31.84 -13.21 -13.27
N GLU A 521 32.71 -14.19 -13.50
CA GLU A 521 34.15 -13.98 -13.54
C GLU A 521 34.72 -14.14 -14.94
N PHE A 522 34.26 -15.13 -15.70
CA PHE A 522 34.69 -15.36 -17.08
C PHE A 522 36.21 -15.56 -17.16
N THR A 523 36.74 -16.41 -16.28
CA THR A 523 38.16 -16.73 -16.32
C THR A 523 38.49 -17.84 -17.32
N GLU A 524 37.51 -18.67 -17.69
CA GLU A 524 37.76 -19.80 -18.57
C GLU A 524 37.72 -19.34 -20.03
N ASN A 525 38.46 -20.07 -20.87
CA ASN A 525 38.56 -19.77 -22.30
C ASN A 525 37.56 -20.63 -23.05
N TYR A 526 36.33 -20.13 -23.14
CA TYR A 526 35.28 -20.80 -23.89
C TYR A 526 35.36 -20.43 -25.36
N ASP A 527 34.83 -21.30 -26.22
CA ASP A 527 34.80 -21.00 -27.65
C ASP A 527 33.85 -19.86 -27.95
N PHE A 528 32.71 -19.80 -27.27
CA PHE A 528 31.63 -18.86 -27.56
C PHE A 528 31.45 -17.87 -26.41
N LYS A 529 32.55 -17.37 -25.87
CA LYS A 529 32.47 -16.22 -24.97
C LYS A 529 32.03 -14.99 -25.75
N ALA A 530 31.37 -14.07 -25.04
CA ALA A 530 30.73 -12.87 -25.59
C ALA A 530 29.39 -13.16 -26.25
N VAL A 531 29.04 -14.44 -26.40
CA VAL A 531 27.64 -14.85 -26.52
C VAL A 531 27.13 -15.33 -25.17
N PHE A 532 27.96 -16.12 -24.47
CA PHE A 532 27.67 -16.57 -23.12
C PHE A 532 27.37 -15.40 -22.20
N ILE A 533 28.14 -14.31 -22.34
CA ILE A 533 27.91 -13.12 -21.52
C ILE A 533 26.53 -12.55 -21.78
N ILE A 534 26.14 -12.45 -23.05
CA ILE A 534 24.83 -11.90 -23.39
C ILE A 534 23.72 -12.78 -22.82
N LEU A 535 23.87 -14.10 -22.93
CA LEU A 535 22.86 -15.00 -22.37
C LEU A 535 22.73 -14.84 -20.86
N LEU A 536 23.87 -14.75 -20.15
CA LEU A 536 23.80 -14.60 -18.70
C LEU A 536 23.16 -13.28 -18.30
N LEU A 537 23.52 -12.19 -18.98
CA LEU A 537 22.94 -10.89 -18.65
C LEU A 537 21.44 -10.90 -18.88
N ALA A 538 20.98 -11.47 -20.00
CA ALA A 538 19.56 -11.53 -20.27
C ALA A 538 18.83 -12.37 -19.23
N TYR A 539 19.42 -13.51 -18.84
CA TYR A 539 18.81 -14.34 -17.81
C TYR A 539 18.65 -13.57 -16.51
N VAL A 540 19.71 -12.90 -16.06
CA VAL A 540 19.67 -12.19 -14.78
C VAL A 540 18.60 -11.10 -14.82
N ILE A 541 18.58 -10.32 -15.91
CA ILE A 541 17.62 -9.22 -15.98
C ILE A 541 16.19 -9.76 -15.98
N LEU A 542 15.93 -10.82 -16.74
CA LEU A 542 14.57 -11.37 -16.79
C LEU A 542 14.15 -11.95 -15.45
N THR A 543 15.07 -12.62 -14.74
CA THR A 543 14.67 -13.15 -13.43
C THR A 543 14.44 -12.05 -12.40
N TYR A 544 15.15 -10.94 -12.47
CA TYR A 544 14.88 -9.87 -11.53
C TYR A 544 13.58 -9.13 -11.87
N ILE A 545 13.25 -9.03 -13.16
CA ILE A 545 11.93 -8.53 -13.53
C ILE A 545 10.83 -9.44 -12.98
N LEU A 546 11.01 -10.75 -13.10
CA LEU A 546 9.99 -11.68 -12.60
C LEU A 546 9.82 -11.55 -11.09
N LEU A 547 10.93 -11.46 -10.35
CA LEU A 547 10.83 -11.34 -8.90
C LEU A 547 10.16 -10.04 -8.50
N LEU A 548 10.51 -8.93 -9.16
CA LEU A 548 9.86 -7.66 -8.86
C LEU A 548 8.38 -7.72 -9.15
N ASN A 549 8.00 -8.36 -10.25
CA ASN A 549 6.58 -8.50 -10.59
C ASN A 549 5.86 -9.33 -9.54
N MET A 550 6.47 -10.41 -9.05
CA MET A 550 5.85 -11.20 -7.99
C MET A 550 5.62 -10.35 -6.75
N LEU A 551 6.63 -9.58 -6.36
CA LEU A 551 6.50 -8.75 -5.17
C LEU A 551 5.35 -7.80 -5.35
N ILE A 552 5.31 -7.09 -6.46
CA ILE A 552 4.25 -6.09 -6.67
C ILE A 552 2.89 -6.77 -6.68
N ALA A 553 2.76 -7.92 -7.34
CA ALA A 553 1.48 -8.61 -7.39
C ALA A 553 1.02 -9.04 -6.01
N LEU A 554 1.95 -9.36 -5.11
CA LEU A 554 1.55 -9.72 -3.75
C LEU A 554 0.94 -8.55 -2.99
N MET A 555 1.21 -7.31 -3.40
CA MET A 555 0.62 -6.16 -2.73
C MET A 555 -0.87 -6.00 -3.02
N GLY A 556 -1.42 -6.74 -3.99
CA GLY A 556 -2.86 -6.71 -4.19
C GLY A 556 -3.66 -7.45 -3.15
N GLU A 557 -3.00 -8.24 -2.32
CA GLU A 557 -3.66 -8.96 -1.24
C GLU A 557 -3.83 -8.13 0.02
N THR A 558 -2.92 -7.19 0.29
CA THR A 558 -3.01 -6.33 1.47
C THR A 558 -3.89 -5.12 1.18
N VAL A 559 -5.13 -5.40 0.77
CA VAL A 559 -6.15 -4.39 0.50
C VAL A 559 -7.38 -4.68 1.36
N ASN A 560 -7.14 -5.23 2.56
CA ASN A 560 -8.15 -5.70 3.52
C ASN A 560 -8.70 -7.07 3.15
N LYS A 561 -8.06 -7.79 2.22
CA LYS A 561 -8.49 -9.15 1.90
C LYS A 561 -7.93 -10.14 2.93
N ILE A 562 -6.62 -10.04 3.21
CA ILE A 562 -5.99 -10.94 4.17
C ILE A 562 -6.62 -10.77 5.55
N ALA A 563 -7.03 -9.54 5.90
CA ALA A 563 -7.44 -9.19 7.25
C ALA A 563 -8.48 -10.13 7.85
N GLN A 564 -9.56 -10.41 7.11
CA GLN A 564 -10.63 -11.26 7.62
C GLN A 564 -10.54 -12.71 7.17
N GLU A 565 -9.91 -12.98 6.01
CA GLU A 565 -9.69 -14.36 5.62
C GLU A 565 -8.80 -15.07 6.62
N SER A 566 -7.63 -14.47 6.91
CA SER A 566 -6.70 -15.01 7.89
C SER A 566 -7.15 -14.53 9.26
N LYS A 567 -8.21 -15.17 9.75
CA LYS A 567 -8.91 -14.84 11.00
C LYS A 567 -10.13 -15.74 11.04
N ASN A 568 -11.00 -15.65 10.02
CA ASN A 568 -12.07 -16.62 9.91
C ASN A 568 -11.52 -18.02 9.70
N ILE A 569 -10.45 -18.15 8.89
CA ILE A 569 -9.83 -19.47 8.69
C ILE A 569 -9.26 -19.99 10.00
N TRP A 570 -8.63 -19.11 10.79
CA TRP A 570 -8.09 -19.53 12.08
C TRP A 570 -9.19 -20.02 13.01
N LYS A 571 -10.31 -19.29 13.06
CA LYS A 571 -11.44 -19.73 13.88
C LYS A 571 -11.95 -21.08 13.43
N LEU A 572 -12.01 -21.30 12.11
CA LEU A 572 -12.47 -22.59 11.60
C LEU A 572 -11.52 -23.71 12.01
N GLN A 573 -10.21 -23.47 11.94
CA GLN A 573 -9.24 -24.47 12.36
C GLN A 573 -9.37 -24.82 13.83
N ARG A 574 -9.56 -23.80 14.68
CA ARG A 574 -9.73 -24.07 16.10
C ARG A 574 -11.02 -24.84 16.36
N ALA A 575 -12.08 -24.53 15.60
CA ALA A 575 -13.33 -25.28 15.74
C ALA A 575 -13.13 -26.76 15.41
N ILE A 576 -12.39 -27.03 14.33
CA ILE A 576 -12.13 -28.44 13.96
C ILE A 576 -11.33 -29.13 15.06
N THR A 577 -10.33 -28.43 15.61
CA THR A 577 -9.55 -28.99 16.70
C THR A 577 -10.44 -29.34 17.90
N ILE A 578 -11.34 -28.43 18.25
CA ILE A 578 -12.23 -28.66 19.39
C ILE A 578 -13.11 -29.88 19.14
N LEU A 579 -13.66 -29.97 17.93
CA LEU A 579 -14.55 -31.09 17.62
C LEU A 579 -13.82 -32.41 17.70
N ASP A 580 -12.60 -32.49 17.15
CA ASP A 580 -11.84 -33.75 17.22
C ASP A 580 -11.49 -34.10 18.67
N THR A 581 -11.10 -33.09 19.46
CA THR A 581 -10.69 -33.34 20.84
C THR A 581 -11.85 -33.89 21.66
N GLU A 582 -13.04 -33.30 21.52
CA GLU A 582 -14.19 -33.86 22.22
C GLU A 582 -14.70 -35.14 21.57
N LYS A 583 -14.31 -35.42 20.32
CA LYS A 583 -14.75 -36.65 19.66
C LYS A 583 -14.01 -37.86 20.18
N SER A 584 -12.71 -37.75 20.43
CA SER A 584 -11.98 -38.92 20.90
C SER A 584 -12.31 -39.23 22.36
N PHE A 585 -11.81 -38.39 23.26
CA PHE A 585 -12.24 -38.13 24.65
C PHE A 585 -12.08 -39.27 25.65
N LEU A 586 -12.07 -40.52 25.20
CA LEU A 586 -11.59 -41.69 25.96
C LEU A 586 -12.04 -41.84 27.42
N LYS A 587 -12.91 -40.98 27.96
CA LYS A 587 -13.20 -40.95 29.39
C LYS A 587 -14.64 -40.54 29.67
N CYS A 588 -15.57 -40.89 28.77
CA CYS A 588 -17.00 -40.58 28.91
C CYS A 588 -17.20 -39.10 29.21
N MET A 589 -16.82 -38.28 28.24
CA MET A 589 -16.73 -36.83 28.41
C MET A 589 -18.13 -36.22 28.37
N ARG A 590 -18.79 -36.26 29.52
CA ARG A 590 -20.08 -35.61 29.69
C ARG A 590 -19.97 -34.09 29.75
N LYS A 591 -18.76 -33.54 29.81
CA LYS A 591 -18.57 -32.09 29.82
C LYS A 591 -19.05 -31.41 28.54
N ALA A 592 -19.30 -32.18 27.47
CA ALA A 592 -19.80 -31.59 26.22
C ALA A 592 -21.10 -30.82 26.44
N PHE A 593 -21.93 -31.26 27.38
CA PHE A 593 -23.12 -30.50 27.71
C PHE A 593 -22.73 -29.17 28.34
N ARG A 594 -23.36 -28.08 27.88
CA ARG A 594 -22.87 -26.75 28.21
C ARG A 594 -23.34 -26.28 29.58
N SER A 595 -24.65 -26.12 29.77
CA SER A 595 -25.21 -25.46 30.95
C SER A 595 -26.43 -26.17 31.49
N GLY A 596 -26.38 -27.50 31.56
CA GLY A 596 -27.34 -28.25 32.35
C GLY A 596 -28.71 -28.34 31.70
N LYS A 597 -29.53 -29.22 32.28
CA LYS A 597 -30.87 -29.51 31.77
C LYS A 597 -31.86 -28.50 32.35
N LEU A 598 -31.78 -27.28 31.82
CA LEU A 598 -32.61 -26.19 32.31
C LEU A 598 -34.04 -26.31 31.80
N LEU A 599 -34.98 -25.82 32.59
CA LEU A 599 -36.39 -25.75 32.21
C LEU A 599 -36.63 -24.43 31.50
N GLN A 600 -37.07 -24.50 30.24
CA GLN A 600 -37.19 -23.30 29.41
C GLN A 600 -38.54 -22.63 29.59
N VAL A 601 -39.62 -23.35 29.27
CA VAL A 601 -40.98 -22.85 29.35
C VAL A 601 -41.79 -23.57 30.42
N GLY A 602 -41.75 -24.89 30.41
CA GLY A 602 -42.55 -25.70 31.31
C GLY A 602 -43.99 -25.88 30.87
N PHE A 603 -44.37 -25.35 29.70
CA PHE A 603 -45.75 -25.43 29.19
C PHE A 603 -45.67 -25.84 27.72
N THR A 604 -45.67 -27.15 27.48
CA THR A 604 -45.77 -27.70 26.15
C THR A 604 -47.20 -27.56 25.66
N PRO A 605 -47.49 -27.90 24.39
CA PRO A 605 -48.89 -27.91 23.94
C PRO A 605 -49.79 -28.77 24.81
N ASP A 606 -49.26 -29.87 25.34
CA ASP A 606 -49.95 -30.69 26.33
C ASP A 606 -49.53 -30.21 27.73
N GLY A 607 -49.98 -30.92 28.75
CA GLY A 607 -49.72 -30.50 30.11
C GLY A 607 -48.32 -30.72 30.64
N LYS A 608 -47.45 -31.34 29.85
CA LYS A 608 -46.10 -31.67 30.31
C LYS A 608 -45.20 -30.43 30.23
N ASP A 609 -44.06 -30.55 30.90
CA ASP A 609 -43.03 -29.51 30.90
C ASP A 609 -42.03 -29.81 29.79
N ASP A 610 -40.96 -29.01 29.72
CA ASP A 610 -39.93 -29.20 28.70
C ASP A 610 -38.58 -28.78 29.26
N TYR A 611 -37.53 -29.44 28.75
CA TYR A 611 -36.15 -29.14 29.11
C TYR A 611 -35.33 -29.20 27.83
N ARG A 612 -34.46 -28.19 27.64
CA ARG A 612 -33.90 -27.90 26.33
C ARG A 612 -32.37 -27.91 26.26
N TRP A 613 -31.66 -27.99 27.39
CA TRP A 613 -30.20 -27.92 27.41
C TRP A 613 -29.71 -26.60 26.77
N CYS A 614 -30.04 -25.50 27.43
CA CYS A 614 -29.82 -24.17 26.89
C CYS A 614 -28.45 -23.63 27.29
N PHE A 615 -28.13 -22.44 26.76
CA PHE A 615 -26.85 -21.76 26.99
C PHE A 615 -27.13 -20.28 27.25
N ARG A 616 -26.54 -19.74 28.31
CA ARG A 616 -26.84 -18.39 28.77
C ARG A 616 -25.89 -17.37 28.15
N VAL A 617 -26.44 -16.21 27.79
CA VAL A 617 -25.64 -15.09 27.26
C VAL A 617 -26.13 -13.81 27.93
N ASP A 618 -25.18 -13.04 28.47
CA ASP A 618 -25.49 -11.76 29.10
C ASP A 618 -25.31 -10.63 28.10
N GLU A 619 -26.22 -9.66 28.13
CA GLU A 619 -26.19 -8.53 27.22
C GLU A 619 -26.49 -7.25 27.99
N VAL A 620 -26.01 -6.13 27.44
CA VAL A 620 -26.20 -4.80 28.01
C VAL A 620 -26.71 -3.87 26.92
N ASN A 621 -27.77 -3.12 27.25
CA ASN A 621 -28.34 -2.14 26.32
C ASN A 621 -28.89 -0.99 27.14
N TRP A 622 -28.57 0.24 26.72
CA TRP A 622 -28.93 1.43 27.47
C TRP A 622 -30.34 1.94 27.16
N THR A 623 -31.02 1.39 26.15
CA THR A 623 -32.39 1.80 25.83
C THR A 623 -33.36 1.05 26.74
N THR A 624 -33.28 1.36 28.03
CA THR A 624 -34.14 0.73 29.04
C THR A 624 -35.46 1.46 29.16
N ASP B 2 41.41 -26.62 -34.80
CA ASP B 2 41.95 -25.30 -35.26
C ASP B 2 41.68 -24.24 -34.21
N CYS B 3 42.47 -23.16 -34.23
CA CYS B 3 42.38 -22.12 -33.23
C CYS B 3 42.82 -20.80 -33.85
N ALA B 4 42.48 -19.71 -33.19
CA ALA B 4 42.80 -18.39 -33.70
C ALA B 4 44.27 -18.05 -33.46
N LYS B 5 44.80 -17.20 -34.33
CA LYS B 5 46.18 -16.72 -34.27
C LYS B 5 46.18 -15.26 -33.81
N GLU B 6 47.37 -14.69 -33.73
CA GLU B 6 47.52 -13.29 -33.34
C GLU B 6 46.76 -12.39 -34.30
N GLY B 7 45.99 -11.46 -33.74
CA GLY B 7 45.25 -10.49 -34.52
C GLY B 7 43.91 -10.96 -35.04
N GLU B 8 43.58 -12.24 -34.91
CA GLU B 8 42.31 -12.78 -35.38
C GLU B 8 41.26 -12.66 -34.29
N VAL B 9 40.00 -12.66 -34.71
CA VAL B 9 38.88 -12.48 -33.79
C VAL B 9 38.66 -13.79 -33.03
N CYS B 10 38.90 -13.74 -31.72
CA CYS B 10 38.71 -14.88 -30.84
C CYS B 10 37.39 -14.74 -30.09
N SER B 11 36.94 -15.86 -29.54
CA SER B 11 35.75 -16.04 -28.70
C SER B 11 34.45 -16.03 -29.48
N TRP B 12 34.44 -15.72 -30.77
CA TRP B 12 33.26 -15.90 -31.62
C TRP B 12 33.38 -17.20 -32.41
N GLY B 13 33.49 -18.30 -31.68
CA GLY B 13 33.54 -19.63 -32.25
C GLY B 13 34.88 -20.31 -32.18
N LYS B 14 35.93 -19.63 -31.72
CA LYS B 14 37.24 -20.26 -31.64
C LYS B 14 38.12 -19.49 -30.67
N LYS B 15 38.87 -20.23 -29.85
CA LYS B 15 39.81 -19.65 -28.91
C LYS B 15 41.20 -19.57 -29.52
N CYS B 16 42.12 -18.96 -28.79
CA CYS B 16 43.53 -18.89 -29.17
C CYS B 16 44.31 -20.02 -28.49
N CYS B 17 45.32 -20.53 -29.21
CA CYS B 17 46.04 -21.71 -28.74
C CYS B 17 47.14 -21.36 -27.74
N ASP B 18 48.05 -20.47 -28.13
CA ASP B 18 49.23 -20.18 -27.33
C ASP B 18 48.84 -19.28 -26.17
N LEU B 19 48.30 -19.89 -25.13
CA LEU B 19 47.86 -19.13 -23.96
C LEU B 19 49.04 -18.64 -23.12
N ASP B 20 50.20 -19.27 -23.23
CA ASP B 20 51.38 -18.84 -22.50
C ASP B 20 51.99 -17.56 -23.06
N ASN B 21 51.54 -17.11 -24.23
CA ASN B 21 52.06 -15.90 -24.87
C ASN B 21 50.98 -14.95 -25.36
N PHE B 22 49.75 -15.40 -25.59
CA PHE B 22 48.65 -14.57 -26.07
C PHE B 22 47.42 -14.79 -25.20
N TYR B 23 46.59 -13.74 -25.11
CA TYR B 23 45.35 -13.81 -24.37
C TYR B 23 44.24 -13.12 -25.17
N CYS B 24 43.00 -13.58 -24.96
CA CYS B 24 41.84 -13.06 -25.66
C CYS B 24 41.14 -12.03 -24.76
N PRO B 25 41.19 -10.73 -25.07
CA PRO B 25 40.66 -9.74 -24.13
C PRO B 25 39.14 -9.70 -24.12
N MET B 26 38.62 -8.79 -23.29
CA MET B 26 37.16 -8.56 -23.16
C MET B 26 36.85 -7.18 -23.75
N GLU B 27 36.55 -7.17 -25.06
CA GLU B 27 36.24 -5.92 -25.77
C GLU B 27 35.07 -6.07 -26.75
N PHE B 28 34.30 -7.16 -26.68
CA PHE B 28 33.12 -7.44 -27.51
C PHE B 28 33.45 -7.78 -28.96
N ILE B 29 34.66 -7.48 -29.44
CA ILE B 29 35.22 -8.07 -30.65
C ILE B 29 36.70 -8.30 -30.32
N PRO B 30 37.05 -9.27 -29.47
CA PRO B 30 38.43 -9.36 -29.02
C PRO B 30 39.38 -9.81 -30.11
N HIS B 31 40.63 -9.35 -29.99
CA HIS B 31 41.74 -9.79 -30.84
C HIS B 31 42.88 -10.24 -29.93
N CYS B 32 43.41 -11.43 -30.17
CA CYS B 32 44.45 -11.97 -29.30
C CYS B 32 45.73 -11.17 -29.45
N LYS B 33 46.32 -10.78 -28.32
CA LYS B 33 47.51 -9.95 -28.28
C LYS B 33 48.45 -10.50 -27.22
N LYS B 34 49.69 -10.00 -27.23
CA LYS B 34 50.72 -10.55 -26.37
C LYS B 34 50.65 -9.95 -24.98
N TYR B 35 51.24 -10.68 -24.02
CA TYR B 35 51.41 -10.16 -22.67
C TYR B 35 52.54 -9.14 -22.65
N LYS B 36 52.35 -8.07 -21.90
CA LYS B 36 53.39 -7.06 -21.77
C LYS B 36 54.47 -7.54 -20.79
N PRO B 37 55.71 -7.07 -20.92
CA PRO B 37 56.75 -7.50 -19.99
C PRO B 37 56.53 -6.95 -18.59
N TYR B 38 57.02 -7.70 -17.60
CA TYR B 38 56.90 -7.32 -16.19
C TYR B 38 58.04 -6.38 -15.84
N VAL B 39 57.88 -5.12 -16.23
CA VAL B 39 58.89 -4.09 -16.00
C VAL B 39 58.65 -3.46 -14.63
N PRO B 40 59.63 -3.41 -13.73
CA PRO B 40 59.38 -2.77 -12.43
C PRO B 40 59.31 -1.26 -12.55
N VAL B 41 58.66 -0.65 -11.57
CA VAL B 41 58.52 0.81 -11.51
C VAL B 41 59.65 1.37 -10.66
N THR B 42 60.45 2.25 -11.25
CA THR B 42 61.58 2.88 -10.58
C THR B 42 61.58 4.40 -10.64
N THR B 43 60.85 5.00 -11.58
CA THR B 43 60.82 6.45 -11.75
C THR B 43 59.37 6.93 -11.80
N ASN B 44 59.19 8.22 -11.49
CA ASN B 44 57.86 8.82 -11.40
C ASN B 44 56.99 8.07 -10.40
N CYS B 45 57.58 7.72 -9.26
CA CYS B 45 56.88 7.02 -8.19
C CYS B 45 57.32 7.59 -6.85
N ALA B 46 56.47 7.41 -5.84
CA ALA B 46 56.70 7.96 -4.52
C ALA B 46 57.63 7.07 -3.71
N LYS B 47 58.47 7.70 -2.89
CA LYS B 47 59.37 7.00 -1.99
C LYS B 47 58.73 6.84 -0.62
N GLU B 48 59.34 6.01 0.21
CA GLU B 48 58.83 5.76 1.55
C GLU B 48 58.76 7.06 2.34
N GLY B 49 57.61 7.30 2.98
CA GLY B 49 57.36 8.52 3.72
C GLY B 49 56.65 9.61 2.94
N GLU B 50 56.54 9.47 1.61
CA GLU B 50 55.86 10.45 0.78
C GLU B 50 54.39 10.06 0.61
N VAL B 51 53.60 11.04 0.16
CA VAL B 51 52.16 10.84 0.04
C VAL B 51 51.88 9.86 -1.10
N CYS B 52 51.03 8.87 -0.83
CA CYS B 52 50.58 7.89 -1.81
C CYS B 52 49.17 8.20 -2.26
N GLY B 53 48.79 7.61 -3.39
CA GLY B 53 47.42 7.58 -3.85
C GLY B 53 46.98 8.77 -4.67
N TRP B 54 47.29 9.97 -4.20
CA TRP B 54 46.84 11.20 -4.86
C TRP B 54 47.80 11.59 -5.98
N GLY B 55 47.76 10.80 -7.04
CA GLY B 55 48.46 11.12 -8.27
C GLY B 55 49.79 10.44 -8.48
N SER B 56 50.20 9.54 -7.58
CA SER B 56 51.50 8.88 -7.71
C SER B 56 51.48 7.58 -6.93
N LYS B 57 51.87 6.50 -7.58
CA LYS B 57 51.93 5.19 -6.94
C LYS B 57 53.25 5.03 -6.20
N CYS B 58 53.24 4.17 -5.19
CA CYS B 58 54.48 3.82 -4.51
C CYS B 58 55.33 2.96 -5.43
N CYS B 59 56.65 3.13 -5.34
CA CYS B 59 57.57 2.39 -6.18
C CYS B 59 57.45 0.89 -5.92
N HIS B 60 58.13 0.11 -6.78
CA HIS B 60 57.94 -1.34 -6.79
C HIS B 60 58.31 -1.99 -5.46
N GLY B 61 59.22 -1.38 -4.70
CA GLY B 61 59.65 -1.93 -3.44
C GLY B 61 58.80 -1.61 -2.23
N LEU B 62 57.70 -0.88 -2.41
CA LEU B 62 56.88 -0.40 -1.31
C LEU B 62 55.42 -0.74 -1.56
N ASP B 63 54.59 -0.50 -0.54
CA ASP B 63 53.16 -0.74 -0.60
C ASP B 63 52.43 0.46 -0.01
N CYS B 64 51.20 0.66 -0.48
CA CYS B 64 50.39 1.84 -0.16
C CYS B 64 49.28 1.45 0.80
N PRO B 65 49.17 2.02 2.01
CA PRO B 65 48.09 1.62 2.90
C PRO B 65 46.76 2.21 2.48
N LEU B 66 45.70 1.73 3.13
CA LEU B 66 44.34 2.21 2.91
C LEU B 66 44.07 3.35 3.89
N ALA B 67 43.91 4.56 3.37
CA ALA B 67 43.63 5.73 4.19
C ALA B 67 43.20 6.85 3.27
N PHE B 68 42.63 7.91 3.86
CA PHE B 68 42.23 9.07 3.07
C PHE B 68 43.45 9.77 2.48
N ILE B 69 44.52 9.90 3.27
CA ILE B 69 45.78 10.49 2.82
C ILE B 69 46.89 9.49 3.12
N PRO B 70 47.05 8.44 2.32
CA PRO B 70 48.04 7.40 2.66
C PRO B 70 49.47 7.84 2.36
N TYR B 71 50.41 7.17 3.03
CA TYR B 71 51.83 7.36 2.82
C TYR B 71 52.48 6.02 2.55
N CYS B 72 53.46 6.01 1.64
CA CYS B 72 54.12 4.76 1.27
C CYS B 72 54.88 4.18 2.45
N GLU B 73 54.78 2.87 2.60
CA GLU B 73 55.47 2.14 3.66
C GLU B 73 56.09 0.87 3.08
N LYS B 74 57.09 0.35 3.78
CA LYS B 74 57.73 -0.90 3.38
C LYS B 74 56.88 -2.06 3.87
N TYR B 75 56.42 -2.89 2.95
CA TYR B 75 55.55 -4.02 3.30
C TYR B 75 56.34 -5.08 4.06
N ARG B 76 55.66 -5.74 4.98
CA ARG B 76 56.24 -6.83 5.77
C ARG B 76 55.84 -8.18 5.18
N ASP C 2 51.33 -15.56 27.67
CA ASP C 2 51.46 -15.00 26.29
C ASP C 2 50.45 -15.65 25.34
N CYS C 3 50.34 -16.98 25.41
CA CYS C 3 49.47 -17.73 24.54
C CYS C 3 48.90 -18.91 25.31
N ALA C 4 47.81 -19.46 24.80
CA ALA C 4 47.15 -20.60 25.41
C ALA C 4 47.72 -21.90 24.86
N LYS C 5 47.99 -22.84 25.75
CA LYS C 5 48.48 -24.15 25.39
C LYS C 5 47.31 -25.11 25.23
N GLU C 6 47.62 -26.37 24.93
CA GLU C 6 46.59 -27.39 24.74
C GLU C 6 45.71 -27.51 25.97
N GLY C 7 44.40 -27.51 25.73
CA GLY C 7 43.41 -27.66 26.79
C GLY C 7 42.95 -26.38 27.43
N GLU C 8 43.70 -25.28 27.25
CA GLU C 8 43.29 -24.00 27.81
C GLU C 8 42.26 -23.32 26.89
N VAL C 9 41.53 -22.37 27.47
CA VAL C 9 40.49 -21.67 26.73
C VAL C 9 41.12 -20.51 25.96
N CYS C 10 40.93 -20.51 24.64
CA CYS C 10 41.44 -19.47 23.77
C CYS C 10 40.33 -18.55 23.30
N SER C 11 40.74 -17.42 22.72
CA SER C 11 39.86 -16.43 22.09
C SER C 11 39.12 -15.53 23.07
N TRP C 12 39.18 -15.82 24.37
CA TRP C 12 38.67 -14.91 25.40
C TRP C 12 39.82 -14.18 26.08
N GLY C 13 40.52 -13.37 25.28
CA GLY C 13 41.63 -12.57 25.74
C GLY C 13 43.00 -13.07 25.32
N LYS C 14 43.11 -14.29 24.81
CA LYS C 14 44.40 -14.84 24.42
C LYS C 14 44.21 -15.90 23.35
N LYS C 15 45.12 -15.94 22.39
CA LYS C 15 45.09 -16.91 21.30
C LYS C 15 45.95 -18.12 21.66
N CYS C 16 45.81 -19.17 20.86
CA CYS C 16 46.64 -20.35 21.05
C CYS C 16 48.08 -20.04 20.65
N CYS C 17 48.97 -20.96 21.04
CA CYS C 17 50.39 -20.86 20.74
C CYS C 17 50.61 -21.31 19.30
N ASP C 18 51.86 -21.65 18.94
CA ASP C 18 52.26 -21.81 17.55
C ASP C 18 51.40 -22.84 16.81
N LEU C 19 51.28 -22.65 15.51
CA LEU C 19 50.32 -23.36 14.66
C LEU C 19 50.83 -24.72 14.18
N ASP C 20 51.99 -25.17 14.65
CA ASP C 20 52.51 -26.45 14.19
C ASP C 20 51.54 -27.59 14.49
N ASN C 21 50.78 -27.49 15.59
CA ASN C 21 49.75 -28.47 15.92
C ASN C 21 48.45 -27.82 16.37
N PHE C 22 48.52 -26.63 16.97
CA PHE C 22 47.37 -26.09 17.69
C PHE C 22 46.45 -25.28 16.78
N TYR C 23 45.15 -25.34 17.09
CA TYR C 23 44.15 -24.47 16.47
C TYR C 23 43.03 -24.23 17.48
N CYS C 24 42.32 -23.12 17.29
CA CYS C 24 41.28 -22.66 18.21
C CYS C 24 39.91 -22.82 17.53
N PRO C 25 39.16 -23.89 17.79
CA PRO C 25 37.93 -24.12 17.01
C PRO C 25 36.82 -23.16 17.38
N MET C 26 35.85 -23.04 16.48
CA MET C 26 34.68 -22.17 16.66
C MET C 26 33.60 -22.96 17.40
N GLU C 27 33.54 -22.80 18.74
CA GLU C 27 32.56 -23.50 19.56
C GLU C 27 32.01 -22.65 20.71
N PHE C 28 32.30 -21.34 20.73
CA PHE C 28 31.82 -20.37 21.72
C PHE C 28 32.47 -20.51 23.10
N ILE C 29 33.11 -21.63 23.39
CA ILE C 29 34.08 -21.73 24.48
C ILE C 29 35.25 -22.54 23.92
N PRO C 30 36.06 -21.97 23.03
CA PRO C 30 37.09 -22.77 22.35
C PRO C 30 38.15 -23.31 23.31
N HIS C 31 38.70 -24.45 22.95
CA HIS C 31 39.91 -25.00 23.58
C HIS C 31 40.93 -25.31 22.49
N CYS C 32 42.20 -24.99 22.76
CA CYS C 32 43.24 -25.26 21.77
C CYS C 32 43.39 -26.76 21.56
N LYS C 33 43.22 -27.19 20.31
CA LYS C 33 43.23 -28.61 19.96
C LYS C 33 44.33 -28.89 18.94
N LYS C 34 44.79 -30.13 18.94
CA LYS C 34 45.88 -30.54 18.05
C LYS C 34 45.32 -31.04 16.72
N TYR C 35 46.08 -30.83 15.65
CA TYR C 35 45.71 -31.37 14.36
C TYR C 35 45.87 -32.88 14.36
N LYS C 36 45.22 -33.53 13.39
CA LYS C 36 45.26 -34.97 13.20
C LYS C 36 46.08 -35.32 11.96
N PRO C 37 46.63 -36.53 11.86
CA PRO C 37 47.39 -36.89 10.66
C PRO C 37 46.51 -36.96 9.43
N TYR C 38 47.12 -36.70 8.27
CA TYR C 38 46.44 -36.78 6.99
C TYR C 38 46.41 -38.25 6.52
N VAL C 39 45.56 -39.01 7.17
CA VAL C 39 45.47 -40.45 6.89
C VAL C 39 44.66 -40.64 5.60
N PRO C 40 45.17 -41.35 4.59
CA PRO C 40 44.34 -41.62 3.41
C PRO C 40 43.23 -42.61 3.72
N VAL C 41 42.16 -42.51 2.95
CA VAL C 41 41.00 -43.39 3.10
C VAL C 41 41.20 -44.61 2.23
N THR C 42 41.14 -45.79 2.84
CA THR C 42 41.22 -47.07 2.13
C THR C 42 40.08 -48.02 2.45
N THR C 43 39.40 -47.86 3.58
CA THR C 43 38.33 -48.76 4.00
C THR C 43 36.98 -48.25 3.50
N ASN C 44 36.17 -49.17 2.98
CA ASN C 44 34.84 -48.84 2.47
C ASN C 44 34.89 -47.77 1.38
N CYS C 45 35.82 -47.94 0.45
CA CYS C 45 35.94 -47.03 -0.68
C CYS C 45 34.81 -47.28 -1.67
N ALA C 46 34.35 -46.19 -2.29
CA ALA C 46 33.49 -46.26 -3.46
C ALA C 46 34.38 -46.28 -4.70
N LYS C 47 34.45 -47.42 -5.36
CA LYS C 47 35.38 -47.61 -6.47
C LYS C 47 34.78 -47.05 -7.76
N GLU C 48 35.63 -46.96 -8.77
CA GLU C 48 35.22 -46.39 -10.06
C GLU C 48 34.05 -47.17 -10.64
N GLY C 49 33.02 -46.43 -11.08
CA GLY C 49 31.80 -47.03 -11.58
C GLY C 49 30.74 -47.27 -10.53
N GLU C 50 31.06 -47.14 -9.25
CA GLU C 50 30.10 -47.32 -8.18
C GLU C 50 29.47 -45.99 -7.81
N VAL C 51 28.32 -46.06 -7.14
CA VAL C 51 27.56 -44.85 -6.82
C VAL C 51 28.28 -44.06 -5.74
N CYS C 52 28.50 -42.78 -6.00
CA CYS C 52 29.04 -41.85 -5.04
C CYS C 52 27.92 -41.09 -4.35
N GLY C 53 28.23 -40.52 -3.20
CA GLY C 53 27.35 -39.58 -2.53
C GLY C 53 26.30 -40.20 -1.64
N TRP C 54 25.67 -41.28 -2.08
CA TRP C 54 24.59 -41.90 -1.33
C TRP C 54 25.16 -42.96 -0.38
N GLY C 55 25.88 -42.48 0.63
CA GLY C 55 26.34 -43.30 1.73
C GLY C 55 27.81 -43.66 1.71
N SER C 56 28.56 -43.31 0.66
CA SER C 56 29.97 -43.65 0.59
C SER C 56 30.68 -42.68 -0.34
N LYS C 57 31.90 -42.30 0.04
CA LYS C 57 32.70 -41.36 -0.73
C LYS C 57 33.68 -42.10 -1.63
N CYS C 58 34.03 -41.46 -2.74
CA CYS C 58 35.13 -41.95 -3.56
C CYS C 58 36.44 -41.70 -2.83
N CYS C 59 37.33 -42.68 -2.88
CA CYS C 59 38.62 -42.55 -2.20
C CYS C 59 39.56 -41.69 -3.04
N HIS C 60 40.72 -41.40 -2.46
CA HIS C 60 41.60 -40.35 -2.98
C HIS C 60 42.05 -40.60 -4.42
N GLY C 61 42.02 -41.85 -4.89
CA GLY C 61 42.39 -42.14 -6.26
C GLY C 61 41.39 -41.65 -7.29
N LEU C 62 40.16 -41.36 -6.88
CA LEU C 62 39.07 -41.01 -7.78
C LEU C 62 38.47 -39.67 -7.38
N ASP C 63 37.42 -39.27 -8.11
CA ASP C 63 36.70 -38.03 -7.85
C ASP C 63 35.21 -38.28 -7.98
N CYS C 64 34.43 -37.46 -7.28
CA CYS C 64 32.98 -37.60 -7.21
C CYS C 64 32.32 -36.45 -7.96
N PRO C 65 31.67 -36.66 -9.11
CA PRO C 65 31.10 -35.53 -9.85
C PRO C 65 29.85 -34.99 -9.19
N LEU C 66 29.36 -33.88 -9.74
CA LEU C 66 28.14 -33.23 -9.26
C LEU C 66 26.96 -33.71 -10.11
N ALA C 67 26.12 -34.54 -9.52
CA ALA C 67 24.95 -35.08 -10.21
C ALA C 67 23.97 -35.60 -9.17
N PHE C 68 22.76 -35.91 -9.63
CA PHE C 68 21.74 -36.46 -8.74
C PHE C 68 22.14 -37.85 -8.26
N ILE C 69 22.66 -38.67 -9.17
CA ILE C 69 23.15 -40.02 -8.87
C ILE C 69 24.60 -40.10 -9.35
N PRO C 70 25.56 -39.50 -8.65
CA PRO C 70 26.92 -39.46 -9.17
C PRO C 70 27.61 -40.82 -9.05
N TYR C 71 28.58 -41.04 -9.95
CA TYR C 71 29.42 -42.23 -9.94
C TYR C 71 30.88 -41.81 -9.84
N CYS C 72 31.65 -42.58 -9.09
CA CYS C 72 33.08 -42.30 -8.97
C CYS C 72 33.76 -42.49 -10.32
N GLU C 73 34.62 -41.54 -10.68
CA GLU C 73 35.37 -41.59 -11.92
C GLU C 73 36.82 -41.26 -11.64
N LYS C 74 37.72 -41.87 -12.42
CA LYS C 74 39.13 -41.53 -12.31
C LYS C 74 39.34 -40.10 -12.80
N TYR C 75 40.11 -39.34 -12.03
CA TYR C 75 40.40 -37.95 -12.36
C TYR C 75 41.42 -37.93 -13.50
N ARG C 76 40.91 -38.10 -14.71
CA ARG C 76 41.73 -38.26 -15.90
C ARG C 76 42.68 -39.44 -15.76
N SER D 89 -28.25 34.03 -48.40
CA SER D 89 -27.31 33.00 -47.98
C SER D 89 -25.88 33.54 -48.02
N TYR D 90 -25.10 33.22 -46.99
CA TYR D 90 -23.72 33.67 -46.93
C TYR D 90 -22.89 33.00 -48.02
N THR D 91 -22.02 33.79 -48.66
CA THR D 91 -21.08 33.29 -49.66
C THR D 91 -19.64 33.22 -49.19
N ASP D 92 -19.31 33.88 -48.08
CA ASP D 92 -17.96 33.81 -47.55
C ASP D 92 -17.63 32.38 -47.13
N SER D 93 -16.37 31.99 -47.36
CA SER D 93 -15.95 30.61 -47.10
C SER D 93 -16.07 30.23 -45.63
N TYR D 94 -16.04 31.20 -44.72
CA TYR D 94 -16.15 30.88 -43.30
C TYR D 94 -17.59 30.52 -42.92
N TYR D 95 -18.56 31.25 -43.47
CA TYR D 95 -19.98 31.01 -43.21
C TYR D 95 -20.73 30.47 -44.43
N LYS D 96 -20.02 29.91 -45.40
CA LYS D 96 -20.63 29.50 -46.67
C LYS D 96 -21.79 28.55 -46.45
N GLY D 97 -22.92 28.87 -47.08
CA GLY D 97 -24.11 28.04 -47.03
C GLY D 97 -25.08 28.35 -45.92
N GLN D 98 -24.69 29.15 -44.92
CA GLN D 98 -25.59 29.47 -43.82
C GLN D 98 -26.77 30.29 -44.33
N THR D 99 -27.97 29.94 -43.88
CA THR D 99 -29.19 30.61 -44.27
C THR D 99 -30.06 30.85 -43.04
N ALA D 100 -31.25 31.39 -43.26
CA ALA D 100 -32.10 31.82 -42.15
C ALA D 100 -32.55 30.66 -41.28
N LEU D 101 -32.73 29.46 -41.85
CA LEU D 101 -33.19 28.33 -41.06
C LEU D 101 -32.17 27.94 -40.00
N HIS D 102 -30.87 27.96 -40.35
CA HIS D 102 -29.85 27.63 -39.37
C HIS D 102 -29.83 28.62 -38.22
N ILE D 103 -29.99 29.90 -38.53
CA ILE D 103 -30.03 30.92 -37.48
C ILE D 103 -31.28 30.75 -36.62
N ALA D 104 -32.42 30.46 -37.26
CA ALA D 104 -33.67 30.27 -36.52
C ALA D 104 -33.56 29.11 -35.54
N ILE D 105 -32.98 27.99 -35.98
CA ILE D 105 -32.79 26.87 -35.07
C ILE D 105 -31.78 27.23 -33.99
N GLU D 106 -30.72 27.96 -34.36
CA GLU D 106 -29.72 28.41 -33.41
C GLU D 106 -30.35 29.24 -32.29
N ARG D 107 -31.24 30.16 -32.66
CA ARG D 107 -31.87 31.04 -31.69
C ARG D 107 -32.95 30.35 -30.86
N ARG D 108 -33.30 29.10 -31.19
CA ARG D 108 -34.36 28.37 -30.49
C ARG D 108 -35.67 29.14 -30.53
N ASN D 109 -36.02 29.61 -31.73
CA ASN D 109 -37.22 30.40 -31.97
C ASN D 109 -38.06 29.70 -33.03
N MET D 110 -39.20 29.14 -32.59
CA MET D 110 -40.06 28.40 -33.51
C MET D 110 -40.77 29.32 -34.49
N THR D 111 -41.02 30.57 -34.11
CA THR D 111 -41.79 31.48 -34.96
C THR D 111 -41.09 31.73 -36.29
N LEU D 112 -39.79 32.02 -36.23
CA LEU D 112 -39.06 32.26 -37.47
C LEU D 112 -38.96 31.00 -38.30
N VAL D 113 -38.83 29.84 -37.67
CA VAL D 113 -38.82 28.58 -38.41
C VAL D 113 -40.12 28.40 -39.18
N THR D 114 -41.25 28.63 -38.49
CA THR D 114 -42.55 28.48 -39.15
C THR D 114 -42.70 29.48 -40.30
N LEU D 115 -42.28 30.73 -40.07
CA LEU D 115 -42.39 31.74 -41.13
C LEU D 115 -41.50 31.39 -42.33
N LEU D 116 -40.28 30.91 -42.07
CA LEU D 116 -39.38 30.57 -43.16
C LEU D 116 -39.92 29.38 -43.96
N VAL D 117 -40.45 28.36 -43.28
CA VAL D 117 -41.00 27.22 -44.00
C VAL D 117 -42.23 27.64 -44.79
N GLU D 118 -43.07 28.50 -44.22
CA GLU D 118 -44.25 28.98 -44.93
C GLU D 118 -43.89 29.76 -46.19
N ASN D 119 -42.78 30.50 -46.16
CA ASN D 119 -42.37 31.32 -47.29
C ASN D 119 -41.59 30.57 -48.36
N GLY D 120 -41.44 29.25 -48.23
CA GLY D 120 -40.75 28.46 -49.23
C GLY D 120 -39.26 28.30 -49.01
N ALA D 121 -38.79 28.41 -47.78
CA ALA D 121 -37.38 28.22 -47.49
C ALA D 121 -36.96 26.79 -47.82
N ASP D 122 -35.71 26.63 -48.28
CA ASP D 122 -35.20 25.32 -48.68
C ASP D 122 -34.71 24.60 -47.42
N VAL D 123 -35.47 23.60 -46.99
CA VAL D 123 -35.11 22.84 -45.79
C VAL D 123 -33.90 21.95 -46.00
N GLN D 124 -33.46 21.74 -47.25
CA GLN D 124 -32.31 20.89 -47.55
C GLN D 124 -31.03 21.69 -47.77
N ALA D 125 -31.04 23.00 -47.49
CA ALA D 125 -29.85 23.81 -47.69
C ALA D 125 -28.73 23.35 -46.76
N ALA D 126 -27.51 23.31 -47.29
CA ALA D 126 -26.34 22.82 -46.57
C ALA D 126 -25.44 23.99 -46.19
N ALA D 127 -25.04 24.06 -44.92
CA ALA D 127 -24.10 25.07 -44.44
C ALA D 127 -22.70 24.50 -44.62
N ASN D 128 -22.01 24.93 -45.67
CA ASN D 128 -20.73 24.35 -46.09
C ASN D 128 -19.54 25.23 -45.71
N GLY D 129 -19.72 26.22 -44.85
CA GLY D 129 -18.61 27.05 -44.44
C GLY D 129 -17.66 26.32 -43.51
N ASP D 130 -16.42 26.82 -43.44
CA ASP D 130 -15.41 26.21 -42.60
C ASP D 130 -15.81 26.20 -41.14
N PHE D 131 -16.61 27.18 -40.71
CA PHE D 131 -17.05 27.23 -39.32
C PHE D 131 -17.91 26.03 -38.93
N PHE D 132 -18.55 25.37 -39.89
CA PHE D 132 -19.45 24.26 -39.63
C PHE D 132 -18.84 22.89 -39.97
N LYS D 133 -17.56 22.83 -40.33
CA LYS D 133 -16.94 21.58 -40.73
C LYS D 133 -16.37 20.85 -39.52
N LYS D 134 -16.12 19.56 -39.70
CA LYS D 134 -15.58 18.71 -38.64
C LYS D 134 -14.10 19.01 -38.42
N ARG D 138 -9.38 23.32 -34.20
CA ARG D 138 -9.89 24.45 -34.96
C ARG D 138 -11.22 24.92 -34.39
N PRO D 139 -11.59 26.19 -34.61
CA PRO D 139 -12.91 26.64 -34.15
C PRO D 139 -14.01 26.16 -35.08
N GLY D 140 -15.17 25.90 -34.50
CA GLY D 140 -16.33 25.49 -35.27
C GLY D 140 -17.20 24.54 -34.48
N PHE D 141 -18.23 24.05 -35.16
CA PHE D 141 -19.18 23.11 -34.56
C PHE D 141 -19.83 22.31 -35.69
N TYR D 142 -19.57 21.00 -35.72
CA TYR D 142 -20.08 20.13 -36.77
C TYR D 142 -21.39 19.50 -36.31
N PHE D 143 -22.43 19.66 -37.14
CA PHE D 143 -23.77 19.15 -36.83
C PHE D 143 -24.40 18.37 -37.97
N GLY D 144 -23.72 18.22 -39.11
CA GLY D 144 -24.30 17.58 -40.29
C GLY D 144 -24.71 18.53 -41.39
N GLU D 145 -24.55 19.84 -41.19
CA GLU D 145 -24.72 20.87 -42.23
C GLU D 145 -26.17 21.14 -42.59
N LEU D 146 -27.13 20.36 -42.06
CA LEU D 146 -28.52 20.48 -42.46
C LEU D 146 -29.39 20.96 -41.30
N PRO D 147 -30.47 21.73 -41.54
CA PRO D 147 -31.31 22.16 -40.41
C PRO D 147 -31.92 21.02 -39.63
N LEU D 148 -32.23 19.89 -40.27
CA LEU D 148 -32.85 18.77 -39.56
C LEU D 148 -31.87 18.20 -38.53
N SER D 149 -30.63 17.94 -38.94
CA SER D 149 -29.63 17.45 -38.00
C SER D 149 -29.22 18.52 -37.00
N LEU D 150 -29.32 19.80 -37.37
CA LEU D 150 -29.07 20.87 -36.41
C LEU D 150 -30.12 20.86 -35.31
N ALA D 151 -31.40 20.74 -35.68
CA ALA D 151 -32.46 20.65 -34.68
C ALA D 151 -32.29 19.40 -33.82
N ALA D 152 -31.92 18.28 -34.44
CA ALA D 152 -31.71 17.05 -33.68
C ALA D 152 -30.57 17.20 -32.69
N CYS D 153 -29.47 17.83 -33.12
CA CYS D 153 -28.28 17.96 -32.28
C CYS D 153 -28.44 18.98 -31.18
N THR D 154 -29.37 19.92 -31.30
CA THR D 154 -29.61 20.95 -30.29
C THR D 154 -30.80 20.63 -29.39
N ASN D 155 -31.32 19.40 -29.43
CA ASN D 155 -32.38 18.97 -28.53
C ASN D 155 -33.67 19.79 -28.74
N GLN D 156 -33.88 20.23 -29.98
CA GLN D 156 -35.10 20.96 -30.35
C GLN D 156 -36.05 19.96 -31.01
N LEU D 157 -36.69 19.16 -30.17
CA LEU D 157 -37.53 18.06 -30.68
C LEU D 157 -38.73 18.58 -31.46
N ALA D 158 -39.33 19.69 -31.00
CA ALA D 158 -40.50 20.23 -31.68
C ALA D 158 -40.17 20.66 -33.11
N ILE D 159 -38.99 21.26 -33.31
CA ILE D 159 -38.59 21.64 -34.65
C ILE D 159 -38.36 20.40 -35.51
N VAL D 160 -37.81 19.34 -34.91
CA VAL D 160 -37.60 18.10 -35.64
C VAL D 160 -38.93 17.53 -36.11
N LYS D 161 -39.93 17.51 -35.21
CA LYS D 161 -41.24 17.00 -35.58
C LYS D 161 -41.89 17.85 -36.66
N PHE D 162 -41.78 19.18 -36.55
CA PHE D 162 -42.38 20.06 -37.54
C PHE D 162 -41.74 19.90 -38.91
N LEU D 163 -40.40 19.85 -38.95
CA LEU D 163 -39.68 19.82 -40.22
C LEU D 163 -40.02 18.58 -41.03
N LEU D 164 -40.18 17.44 -40.36
CA LEU D 164 -40.46 16.19 -41.07
C LEU D 164 -41.91 16.06 -41.52
N GLN D 165 -42.82 16.89 -40.99
CA GLN D 165 -44.25 16.70 -41.18
C GLN D 165 -45.02 17.96 -41.57
N ASN D 166 -44.35 19.08 -41.79
CA ASN D 166 -45.06 20.26 -42.25
C ASN D 166 -45.59 20.05 -43.67
N SER D 167 -46.74 20.65 -43.95
CA SER D 167 -47.41 20.44 -45.23
C SER D 167 -46.69 21.11 -46.39
N TRP D 168 -46.01 22.23 -46.14
CA TRP D 168 -45.44 23.01 -47.23
C TRP D 168 -44.26 22.29 -47.87
N GLN D 169 -43.33 21.81 -47.06
CA GLN D 169 -42.15 21.12 -47.59
C GLN D 169 -41.52 20.25 -46.50
N PRO D 170 -41.95 19.01 -46.31
CA PRO D 170 -41.32 18.17 -45.28
C PRO D 170 -39.89 17.83 -45.65
N ALA D 171 -39.06 17.67 -44.62
CA ALA D 171 -37.65 17.38 -44.81
C ALA D 171 -37.43 15.91 -45.14
N ASP D 172 -36.34 15.63 -45.85
CA ASP D 172 -35.99 14.27 -46.24
C ASP D 172 -35.17 13.64 -45.12
N ILE D 173 -35.77 12.63 -44.46
CA ILE D 173 -35.12 11.99 -43.33
C ILE D 173 -33.86 11.23 -43.74
N SER D 174 -33.74 10.86 -45.02
CA SER D 174 -32.59 10.11 -45.53
C SER D 174 -31.56 11.02 -46.19
N ALA D 175 -31.63 12.33 -45.97
CA ALA D 175 -30.71 13.26 -46.61
C ALA D 175 -29.27 12.99 -46.18
N ARG D 176 -28.34 13.41 -47.02
CA ARG D 176 -26.91 13.19 -46.82
C ARG D 176 -26.16 14.52 -46.88
N ASP D 177 -25.10 14.60 -46.10
CA ASP D 177 -24.24 15.79 -46.08
C ASP D 177 -23.08 15.59 -47.05
N SER D 178 -22.19 16.59 -47.10
CA SER D 178 -21.05 16.51 -48.00
C SER D 178 -20.11 15.37 -47.61
N VAL D 179 -19.95 15.11 -46.31
CA VAL D 179 -19.09 14.02 -45.87
C VAL D 179 -19.70 12.67 -46.27
N GLY D 180 -21.03 12.58 -46.22
CA GLY D 180 -21.75 11.33 -46.45
C GLY D 180 -22.59 10.87 -45.28
N ASN D 181 -22.64 11.63 -44.19
CA ASN D 181 -23.41 11.27 -43.01
C ASN D 181 -24.85 11.73 -43.14
N THR D 182 -25.71 11.10 -42.35
CA THR D 182 -27.12 11.46 -42.22
C THR D 182 -27.39 11.84 -40.76
N VAL D 183 -28.68 11.99 -40.42
CA VAL D 183 -29.06 12.49 -39.11
C VAL D 183 -28.53 11.58 -38.00
N LEU D 184 -28.64 10.27 -38.18
CA LEU D 184 -28.22 9.34 -37.14
C LEU D 184 -26.71 9.39 -36.93
N HIS D 185 -25.94 9.49 -38.02
CA HIS D 185 -24.49 9.56 -37.88
C HIS D 185 -24.07 10.83 -37.15
N ALA D 186 -24.68 11.97 -37.48
CA ALA D 186 -24.37 13.22 -36.79
C ALA D 186 -24.79 13.15 -35.32
N LEU D 187 -25.92 12.52 -35.04
CA LEU D 187 -26.38 12.39 -33.66
C LEU D 187 -25.45 11.51 -32.84
N VAL D 188 -24.90 10.47 -33.47
CA VAL D 188 -23.88 9.65 -32.82
C VAL D 188 -22.61 10.45 -32.59
N GLU D 189 -22.25 11.28 -33.57
CA GLU D 189 -20.96 11.99 -33.51
C GLU D 189 -20.89 12.93 -32.32
N VAL D 190 -21.99 13.61 -31.99
CA VAL D 190 -21.97 14.60 -30.91
C VAL D 190 -21.91 13.99 -29.52
N ALA D 191 -21.95 12.67 -29.40
CA ALA D 191 -21.86 12.04 -28.09
C ALA D 191 -20.45 12.18 -27.53
N ASP D 192 -20.36 12.32 -26.20
CA ASP D 192 -19.07 12.38 -25.51
C ASP D 192 -19.04 11.48 -24.27
N ASN D 193 -19.99 10.55 -24.14
CA ASN D 193 -20.02 9.56 -23.07
C ASN D 193 -20.20 10.17 -21.69
N THR D 194 -20.69 11.41 -21.62
CA THR D 194 -21.14 11.99 -20.35
C THR D 194 -22.58 11.61 -20.09
N VAL D 195 -23.01 11.74 -18.83
CA VAL D 195 -24.29 11.19 -18.42
C VAL D 195 -25.45 11.94 -19.09
N ASP D 196 -25.47 13.27 -18.97
CA ASP D 196 -26.58 14.05 -19.51
C ASP D 196 -26.60 14.00 -21.03
N ASN D 197 -25.42 14.09 -21.66
CA ASN D 197 -25.35 14.05 -23.11
C ASN D 197 -25.72 12.67 -23.63
N THR D 198 -25.33 11.61 -22.91
CA THR D 198 -25.74 10.26 -23.30
C THR D 198 -27.26 10.11 -23.22
N LYS D 199 -27.88 10.61 -22.15
CA LYS D 199 -29.33 10.56 -22.04
C LYS D 199 -30.00 11.29 -23.20
N PHE D 200 -29.52 12.50 -23.50
CA PHE D 200 -30.09 13.28 -24.59
C PHE D 200 -29.96 12.55 -25.92
N VAL D 201 -28.76 12.05 -26.22
CA VAL D 201 -28.53 11.40 -27.49
C VAL D 201 -29.40 10.15 -27.62
N THR D 202 -29.50 9.36 -26.56
CA THR D 202 -30.31 8.14 -26.62
C THR D 202 -31.77 8.46 -26.87
N SER D 203 -32.33 9.43 -26.12
CA SER D 203 -33.74 9.77 -26.28
C SER D 203 -34.01 10.29 -27.69
N MET D 204 -33.16 11.20 -28.17
CA MET D 204 -33.37 11.76 -29.50
C MET D 204 -33.24 10.68 -30.58
N TYR D 205 -32.27 9.78 -30.42
CA TYR D 205 -32.08 8.70 -31.39
C TYR D 205 -33.32 7.82 -31.47
N ASN D 206 -33.84 7.41 -30.31
CA ASN D 206 -35.02 6.54 -30.31
C ASN D 206 -36.21 7.24 -30.94
N GLU D 207 -36.45 8.51 -30.56
CA GLU D 207 -37.62 9.21 -31.08
C GLU D 207 -37.53 9.40 -32.59
N ILE D 208 -36.35 9.77 -33.08
CA ILE D 208 -36.20 9.97 -34.52
C ILE D 208 -36.38 8.65 -35.26
N LEU D 209 -35.84 7.55 -34.73
CA LEU D 209 -36.00 6.27 -35.41
C LEU D 209 -37.47 5.86 -35.47
N ILE D 210 -38.22 6.04 -34.38
CA ILE D 210 -39.62 5.64 -34.39
C ILE D 210 -40.41 6.49 -35.38
N LEU D 211 -40.19 7.81 -35.36
CA LEU D 211 -40.92 8.67 -36.28
C LEU D 211 -40.56 8.36 -37.73
N GLY D 212 -39.29 8.12 -38.02
CA GLY D 212 -38.89 7.76 -39.37
C GLY D 212 -39.52 6.47 -39.84
N ALA D 213 -39.59 5.47 -38.96
CA ALA D 213 -40.26 4.22 -39.31
C ALA D 213 -41.73 4.45 -39.59
N LYS D 214 -42.37 5.31 -38.80
CA LYS D 214 -43.80 5.57 -39.02
C LYS D 214 -44.03 6.27 -40.35
N LEU D 215 -43.20 7.25 -40.69
CA LEU D 215 -43.41 8.01 -41.93
C LEU D 215 -43.05 7.19 -43.16
N HIS D 216 -42.00 6.38 -43.07
CA HIS D 216 -41.48 5.60 -44.20
C HIS D 216 -41.26 4.16 -43.74
N PRO D 217 -42.33 3.35 -43.68
CA PRO D 217 -42.17 1.97 -43.20
C PRO D 217 -41.21 1.12 -44.02
N THR D 218 -41.00 1.43 -45.30
CA THR D 218 -40.13 0.67 -46.16
C THR D 218 -38.69 1.17 -46.19
N LEU D 219 -38.37 2.19 -45.38
CA LEU D 219 -37.03 2.78 -45.37
C LEU D 219 -36.19 2.10 -44.29
N LYS D 220 -35.08 1.49 -44.72
CA LYS D 220 -34.10 0.92 -43.79
C LYS D 220 -33.15 2.04 -43.35
N LEU D 221 -33.67 2.91 -42.50
CA LEU D 221 -32.94 4.12 -42.12
C LEU D 221 -31.64 3.78 -41.40
N GLU D 222 -31.62 2.73 -40.60
CA GLU D 222 -30.44 2.40 -39.81
C GLU D 222 -29.32 1.76 -40.64
N GLU D 223 -29.63 1.26 -41.84
CA GLU D 223 -28.67 0.53 -42.65
C GLU D 223 -28.07 1.37 -43.78
N ILE D 224 -28.11 2.69 -43.67
CA ILE D 224 -27.54 3.58 -44.67
C ILE D 224 -26.11 3.91 -44.25
N THR D 225 -25.14 3.51 -45.07
CA THR D 225 -23.73 3.70 -44.76
C THR D 225 -23.24 5.05 -45.26
N ASN D 226 -22.26 5.58 -44.56
CA ASN D 226 -21.64 6.85 -44.94
C ASN D 226 -20.54 6.59 -45.97
N ARG D 227 -19.72 7.62 -46.25
CA ARG D 227 -18.67 7.47 -47.25
C ARG D 227 -17.65 6.41 -46.85
N LYS D 228 -17.29 6.34 -45.57
CA LYS D 228 -16.37 5.31 -45.13
C LYS D 228 -16.96 3.91 -45.21
N GLY D 229 -18.29 3.79 -45.25
CA GLY D 229 -18.96 2.51 -45.30
C GLY D 229 -19.47 2.01 -43.97
N LEU D 230 -19.60 2.88 -42.98
CA LEU D 230 -20.02 2.49 -41.64
C LEU D 230 -21.48 2.83 -41.41
N THR D 231 -22.19 1.93 -40.75
CA THR D 231 -23.51 2.19 -40.22
C THR D 231 -23.38 2.88 -38.86
N PRO D 232 -24.46 3.46 -38.33
CA PRO D 232 -24.35 4.12 -37.01
C PRO D 232 -23.82 3.22 -35.91
N LEU D 233 -24.19 1.94 -35.91
CA LEU D 233 -23.65 1.02 -34.90
C LEU D 233 -22.15 0.85 -35.08
N ALA D 234 -21.71 0.64 -36.33
CA ALA D 234 -20.28 0.48 -36.60
C ALA D 234 -19.52 1.75 -36.28
N LEU D 235 -20.09 2.91 -36.60
CA LEU D 235 -19.44 4.18 -36.27
C LEU D 235 -19.30 4.35 -34.77
N ALA D 236 -20.37 4.04 -34.03
CA ALA D 236 -20.33 4.17 -32.57
C ALA D 236 -19.28 3.23 -31.98
N ALA D 237 -19.20 2.00 -32.48
CA ALA D 237 -18.19 1.07 -31.97
C ALA D 237 -16.79 1.54 -32.33
N SER D 238 -16.60 2.06 -33.54
CA SER D 238 -15.28 2.49 -33.98
C SER D 238 -14.78 3.69 -33.17
N SER D 239 -15.64 4.68 -32.94
CA SER D 239 -15.23 5.91 -32.28
C SER D 239 -15.22 5.81 -30.76
N GLY D 240 -15.66 4.69 -30.19
CA GLY D 240 -15.66 4.54 -28.75
C GLY D 240 -16.84 5.16 -28.04
N LYS D 241 -17.95 5.35 -28.75
CA LYS D 241 -19.17 5.90 -28.14
C LYS D 241 -19.88 4.77 -27.39
N ILE D 242 -19.31 4.42 -26.23
CA ILE D 242 -19.81 3.29 -25.47
C ILE D 242 -21.22 3.53 -24.96
N GLY D 243 -21.55 4.78 -24.61
CA GLY D 243 -22.89 5.07 -24.15
C GLY D 243 -23.95 4.82 -25.21
N VAL D 244 -23.62 5.08 -26.47
CA VAL D 244 -24.57 4.85 -27.56
C VAL D 244 -24.63 3.38 -27.94
N LEU D 245 -23.48 2.70 -27.97
CA LEU D 245 -23.45 1.27 -28.24
C LEU D 245 -24.25 0.50 -27.20
N ALA D 246 -24.08 0.85 -25.92
CA ALA D 246 -24.78 0.16 -24.85
C ALA D 246 -26.29 0.31 -24.98
N TYR D 247 -26.75 1.44 -25.52
CA TYR D 247 -28.18 1.58 -25.79
C TYR D 247 -28.59 0.76 -27.00
N ILE D 248 -27.85 0.89 -28.11
CA ILE D 248 -28.28 0.32 -29.37
C ILE D 248 -28.38 -1.20 -29.28
N LEU D 249 -27.39 -1.83 -28.66
CA LEU D 249 -27.33 -3.30 -28.72
C LEU D 249 -28.48 -3.98 -27.97
N GLN D 250 -29.16 -3.27 -27.07
CA GLN D 250 -30.19 -3.86 -26.23
C GLN D 250 -31.40 -2.94 -26.08
N ARG D 251 -31.83 -2.32 -27.17
CA ARG D 251 -32.99 -1.43 -27.12
C ARG D 251 -34.28 -2.23 -27.22
N GLU D 252 -35.30 -1.78 -26.49
CA GLU D 252 -36.64 -2.36 -26.52
C GLU D 252 -37.63 -1.27 -26.89
N ILE D 253 -38.52 -1.58 -27.83
CA ILE D 253 -39.53 -0.65 -28.31
C ILE D 253 -40.87 -1.39 -28.26
N HIS D 254 -41.65 -1.11 -27.22
CA HIS D 254 -42.95 -1.77 -26.99
C HIS D 254 -44.05 -0.84 -27.48
N GLU D 255 -44.24 -0.81 -28.81
CA GLU D 255 -45.31 -0.05 -29.43
C GLU D 255 -45.76 -0.82 -30.67
N PRO D 256 -47.07 -0.89 -30.95
CA PRO D 256 -47.49 -1.60 -32.17
C PRO D 256 -46.91 -0.97 -33.43
N GLU D 257 -46.59 -1.83 -34.39
CA GLU D 257 -45.96 -1.45 -35.66
C GLU D 257 -44.57 -0.86 -35.49
N CYS D 258 -43.96 -1.00 -34.31
CA CYS D 258 -42.61 -0.57 -34.04
C CYS D 258 -41.77 -1.61 -33.32
N ARG D 259 -42.35 -2.76 -32.95
CA ARG D 259 -41.59 -3.77 -32.22
C ARG D 259 -40.45 -4.34 -33.06
N HIS D 260 -40.61 -4.38 -34.38
CA HIS D 260 -39.54 -4.91 -35.24
C HIS D 260 -38.30 -4.05 -35.23
N LEU D 261 -38.38 -2.79 -34.79
CA LEU D 261 -37.21 -1.94 -34.70
C LEU D 261 -36.28 -2.34 -33.56
N SER D 262 -36.80 -3.01 -32.55
CA SER D 262 -35.99 -3.39 -31.39
C SER D 262 -35.15 -4.61 -31.71
N ARG D 263 -34.15 -4.85 -30.86
CA ARG D 263 -33.29 -6.03 -30.97
C ARG D 263 -33.07 -6.72 -29.62
N LYS D 264 -33.93 -6.47 -28.64
CA LYS D 264 -33.98 -7.24 -27.40
C LYS D 264 -35.43 -7.66 -27.16
N PHE D 265 -35.64 -8.95 -26.92
CA PHE D 265 -36.97 -9.53 -26.83
C PHE D 265 -37.02 -10.49 -25.66
N THR D 266 -38.21 -11.03 -25.41
CA THR D 266 -38.44 -12.06 -24.39
C THR D 266 -39.01 -13.29 -25.06
N GLU D 267 -38.40 -14.45 -24.81
CA GLU D 267 -38.85 -15.71 -25.40
C GLU D 267 -39.95 -16.35 -24.56
N TRP D 268 -39.73 -16.46 -23.25
CA TRP D 268 -40.72 -17.04 -22.36
C TRP D 268 -40.44 -16.55 -20.95
N ALA D 269 -41.44 -16.74 -20.09
CA ALA D 269 -41.33 -16.33 -18.70
C ALA D 269 -42.03 -17.33 -17.80
N TYR D 270 -41.49 -17.45 -16.60
CA TYR D 270 -42.04 -18.21 -15.49
C TYR D 270 -42.09 -17.17 -14.39
N GLY D 271 -42.08 -17.58 -13.13
CA GLY D 271 -42.19 -16.62 -12.07
C GLY D 271 -40.84 -15.93 -11.90
N PRO D 272 -40.03 -16.30 -10.91
CA PRO D 272 -38.74 -15.61 -10.73
C PRO D 272 -37.79 -15.70 -11.92
N VAL D 273 -37.98 -16.66 -12.83
CA VAL D 273 -37.05 -16.92 -13.93
C VAL D 273 -37.73 -16.59 -15.26
N HIS D 274 -36.98 -15.98 -16.17
CA HIS D 274 -37.43 -15.74 -17.53
C HIS D 274 -36.24 -15.86 -18.48
N SER D 275 -36.52 -15.81 -19.78
CA SER D 275 -35.50 -15.99 -20.81
C SER D 275 -35.58 -14.86 -21.84
N SER D 276 -34.55 -14.02 -21.89
CA SER D 276 -34.44 -12.98 -22.88
C SER D 276 -33.73 -13.50 -24.14
N LEU D 277 -33.93 -12.78 -25.24
CA LEU D 277 -33.48 -13.22 -26.55
C LEU D 277 -32.97 -12.01 -27.31
N TYR D 278 -31.66 -11.95 -27.54
CA TYR D 278 -31.01 -10.83 -28.22
C TYR D 278 -30.84 -11.12 -29.70
N ASP D 279 -31.06 -10.11 -30.52
CA ASP D 279 -30.80 -10.19 -31.96
C ASP D 279 -29.41 -9.64 -32.21
N LEU D 280 -28.50 -10.52 -32.64
CA LEU D 280 -27.09 -10.21 -32.83
C LEU D 280 -26.72 -10.19 -34.32
N SER D 281 -27.61 -9.65 -35.15
CA SER D 281 -27.27 -9.45 -36.54
C SER D 281 -26.15 -8.41 -36.65
N CYS D 282 -25.18 -8.70 -37.52
CA CYS D 282 -24.04 -7.80 -37.76
C CYS D 282 -23.21 -7.56 -36.49
N ILE D 283 -23.11 -8.57 -35.63
CA ILE D 283 -22.24 -8.53 -34.48
C ILE D 283 -20.97 -9.34 -34.70
N ASP D 284 -21.08 -10.48 -35.38
CA ASP D 284 -19.94 -11.36 -35.66
C ASP D 284 -19.66 -11.49 -37.15
N THR D 285 -20.68 -11.77 -37.96
CA THR D 285 -20.52 -11.99 -39.40
C THR D 285 -21.43 -11.04 -40.16
N CYS D 286 -20.84 -10.09 -40.88
CA CYS D 286 -21.56 -9.24 -41.81
C CYS D 286 -20.85 -9.03 -43.14
N GLU D 287 -19.58 -9.42 -43.28
CA GLU D 287 -18.75 -9.32 -44.47
C GLU D 287 -18.27 -7.91 -44.79
N LYS D 288 -18.69 -6.89 -44.01
CA LYS D 288 -18.17 -5.54 -44.18
C LYS D 288 -17.39 -5.09 -42.95
N ASN D 289 -18.04 -4.93 -41.79
CA ASN D 289 -17.33 -4.53 -40.57
C ASN D 289 -18.24 -4.82 -39.38
N SER D 290 -17.97 -5.91 -38.66
CA SER D 290 -18.79 -6.29 -37.52
C SER D 290 -18.32 -5.57 -36.25
N VAL D 291 -19.16 -5.61 -35.21
CA VAL D 291 -18.83 -4.96 -33.95
C VAL D 291 -17.60 -5.59 -33.31
N LEU D 292 -17.54 -6.92 -33.30
CA LEU D 292 -16.37 -7.59 -32.73
C LEU D 292 -15.12 -7.27 -33.54
N GLU D 293 -15.23 -7.26 -34.87
CA GLU D 293 -14.08 -6.95 -35.71
C GLU D 293 -13.61 -5.52 -35.48
N VAL D 294 -14.53 -4.56 -35.43
CA VAL D 294 -14.12 -3.16 -35.30
C VAL D 294 -13.57 -2.89 -33.90
N ILE D 295 -14.11 -3.55 -32.87
CA ILE D 295 -13.57 -3.36 -31.52
C ILE D 295 -12.19 -4.00 -31.39
N ALA D 296 -12.05 -5.23 -31.89
CA ALA D 296 -10.83 -5.99 -31.65
C ALA D 296 -9.64 -5.41 -32.42
N TYR D 297 -9.85 -5.06 -33.69
CA TYR D 297 -8.77 -4.66 -34.58
C TYR D 297 -8.66 -3.16 -34.77
N SER D 298 -9.10 -2.38 -33.79
CA SER D 298 -8.98 -0.93 -33.88
C SER D 298 -7.53 -0.50 -33.64
N SER D 299 -7.29 0.82 -33.74
CA SER D 299 -5.95 1.37 -33.68
C SER D 299 -5.41 1.55 -32.27
N SER D 300 -6.21 1.27 -31.23
CA SER D 300 -5.88 1.46 -29.83
C SER D 300 -5.88 2.93 -29.40
N GLU D 301 -6.23 3.85 -30.30
CA GLU D 301 -6.44 5.25 -29.93
C GLU D 301 -7.77 5.46 -29.22
N THR D 302 -8.73 4.55 -29.41
CA THR D 302 -10.03 4.69 -28.79
C THR D 302 -9.90 4.62 -27.27
N PRO D 303 -10.47 5.58 -26.50
CA PRO D 303 -10.24 5.56 -25.05
C PRO D 303 -10.98 4.46 -24.32
N ASN D 304 -12.06 3.92 -24.89
CA ASN D 304 -12.89 2.90 -24.23
C ASN D 304 -12.76 1.56 -24.93
N ARG D 305 -11.61 1.28 -25.56
CA ARG D 305 -11.43 0.03 -26.30
C ARG D 305 -11.58 -1.18 -25.40
N HIS D 306 -11.14 -1.08 -24.14
CA HIS D 306 -11.22 -2.20 -23.21
C HIS D 306 -12.59 -2.34 -22.58
N ASP D 307 -13.36 -1.26 -22.47
CA ASP D 307 -14.65 -1.29 -21.79
C ASP D 307 -15.79 -1.77 -22.69
N MET D 308 -15.66 -1.61 -24.01
CA MET D 308 -16.76 -1.92 -24.91
C MET D 308 -17.07 -3.41 -24.99
N LEU D 309 -16.21 -4.28 -24.50
CA LEU D 309 -16.47 -5.71 -24.45
C LEU D 309 -17.16 -6.15 -23.17
N LEU D 310 -17.46 -5.22 -22.26
CA LEU D 310 -18.13 -5.54 -21.01
C LEU D 310 -19.65 -5.47 -21.11
N VAL D 311 -20.21 -5.12 -22.28
CA VAL D 311 -21.66 -5.04 -22.39
C VAL D 311 -22.25 -6.44 -22.33
N GLU D 312 -23.57 -6.49 -22.08
CA GLU D 312 -24.23 -7.74 -21.75
C GLU D 312 -24.12 -8.80 -22.85
N PRO D 313 -24.47 -8.51 -24.11
CA PRO D 313 -24.44 -9.60 -25.11
C PRO D 313 -23.05 -10.06 -25.51
N LEU D 314 -22.06 -9.15 -25.61
CA LEU D 314 -20.78 -9.54 -26.17
C LEU D 314 -19.97 -10.41 -25.22
N ASN D 315 -19.99 -10.12 -23.92
CA ASN D 315 -19.25 -10.94 -22.97
C ASN D 315 -19.76 -12.37 -22.97
N ARG D 316 -21.08 -12.56 -22.96
CA ARG D 316 -21.65 -13.89 -22.96
C ARG D 316 -21.44 -14.58 -24.30
N LEU D 317 -21.47 -13.83 -25.41
CA LEU D 317 -21.17 -14.42 -26.70
C LEU D 317 -19.74 -14.95 -26.75
N LEU D 318 -18.78 -14.16 -26.26
CA LEU D 318 -17.39 -14.61 -26.28
C LEU D 318 -17.18 -15.80 -25.37
N GLN D 319 -17.79 -15.79 -24.18
CA GLN D 319 -17.66 -16.93 -23.28
C GLN D 319 -18.31 -18.18 -23.88
N ASP D 320 -19.44 -18.01 -24.57
CA ASP D 320 -20.07 -19.13 -25.27
C ASP D 320 -19.17 -19.68 -26.37
N LYS D 321 -18.54 -18.79 -27.13
CA LYS D 321 -17.62 -19.23 -28.19
C LYS D 321 -16.44 -19.99 -27.61
N TRP D 322 -15.87 -19.49 -26.52
CA TRP D 322 -14.70 -20.14 -25.92
C TRP D 322 -15.05 -21.55 -25.44
N ASP D 323 -16.18 -21.70 -24.75
CA ASP D 323 -16.55 -22.98 -24.18
C ASP D 323 -17.14 -23.95 -25.20
N ARG D 324 -17.30 -23.55 -26.46
CA ARG D 324 -17.94 -24.41 -27.46
C ARG D 324 -16.94 -25.22 -28.26
N PHE D 325 -16.05 -24.57 -29.02
CA PHE D 325 -15.07 -25.28 -29.85
C PHE D 325 -13.67 -24.69 -29.78
N VAL D 326 -13.53 -23.42 -29.41
CA VAL D 326 -12.23 -22.75 -29.50
C VAL D 326 -11.26 -23.30 -28.46
N LYS D 327 -11.75 -23.64 -27.27
CA LYS D 327 -10.89 -24.11 -26.19
C LYS D 327 -10.07 -25.34 -26.60
N ARG D 328 -10.72 -26.30 -27.26
CA ARG D 328 -10.02 -27.51 -27.67
C ARG D 328 -8.97 -27.20 -28.72
N ILE D 329 -9.27 -26.30 -29.65
CA ILE D 329 -8.30 -25.92 -30.68
C ILE D 329 -7.08 -25.27 -30.05
N PHE D 330 -7.31 -24.35 -29.10
CA PHE D 330 -6.19 -23.67 -28.45
C PHE D 330 -5.32 -24.65 -27.69
N TYR D 331 -5.95 -25.57 -26.94
CA TYR D 331 -5.16 -26.55 -26.18
C TYR D 331 -4.39 -27.47 -27.12
N PHE D 332 -5.00 -27.84 -28.25
CA PHE D 332 -4.30 -28.67 -29.22
C PHE D 332 -3.07 -27.96 -29.78
N ASN D 333 -3.22 -26.67 -30.12
CA ASN D 333 -2.07 -25.92 -30.63
C ASN D 333 -0.98 -25.80 -29.58
N PHE D 334 -1.37 -25.60 -28.32
CA PHE D 334 -0.38 -25.53 -27.24
C PHE D 334 0.38 -26.84 -27.11
N PHE D 335 -0.32 -27.97 -27.18
CA PHE D 335 0.33 -29.28 -27.14
C PHE D 335 1.32 -29.45 -28.28
N VAL D 336 0.92 -29.06 -29.49
CA VAL D 336 1.80 -29.21 -30.65
C VAL D 336 3.05 -28.36 -30.48
N TYR D 337 2.89 -27.12 -29.99
CA TYR D 337 4.06 -26.27 -29.77
C TYR D 337 5.00 -26.88 -28.75
N CYS D 338 4.45 -27.44 -27.67
CA CYS D 338 5.28 -28.10 -26.67
C CYS D 338 6.09 -29.25 -27.30
N LEU D 339 5.45 -30.05 -28.15
CA LEU D 339 6.18 -31.13 -28.82
C LEU D 339 7.28 -30.57 -29.71
N TYR D 340 6.99 -29.49 -30.43
CA TYR D 340 7.99 -28.88 -31.30
C TYR D 340 9.21 -28.43 -30.49
N MET D 341 8.97 -27.76 -29.36
CA MET D 341 10.08 -27.29 -28.54
C MET D 341 10.87 -28.44 -27.94
N ILE D 342 10.21 -29.53 -27.55
CA ILE D 342 10.94 -30.68 -27.02
C ILE D 342 11.84 -31.28 -28.09
N ILE D 343 11.33 -31.43 -29.32
CA ILE D 343 12.14 -31.99 -30.40
C ILE D 343 13.31 -31.06 -30.71
N PHE D 344 13.06 -29.75 -30.77
CA PHE D 344 14.13 -28.81 -31.06
C PHE D 344 15.21 -28.87 -29.99
N THR D 345 14.81 -28.88 -28.72
CA THR D 345 15.78 -28.92 -27.63
C THR D 345 16.61 -30.20 -27.68
N ALA D 346 15.95 -31.34 -27.92
CA ALA D 346 16.68 -32.61 -27.99
C ALA D 346 17.67 -32.62 -29.16
N ALA D 347 17.25 -32.10 -30.32
CA ALA D 347 18.14 -32.09 -31.47
C ALA D 347 19.33 -31.16 -31.25
N ALA D 348 19.09 -30.00 -30.62
CA ALA D 348 20.19 -29.06 -30.39
C ALA D 348 21.16 -29.58 -29.34
N TYR D 349 20.63 -30.25 -28.31
CA TYR D 349 21.48 -30.73 -27.21
C TYR D 349 22.55 -31.70 -27.72
N TYR D 350 22.17 -32.62 -28.61
CA TYR D 350 23.06 -33.67 -29.09
C TYR D 350 23.74 -33.32 -30.41
N ARG D 351 24.05 -32.05 -30.63
CA ARG D 351 24.71 -31.65 -31.86
C ARG D 351 26.10 -32.27 -31.94
N PRO D 352 26.64 -32.51 -33.12
CA PRO D 352 28.01 -33.01 -33.21
C PRO D 352 29.02 -31.95 -32.80
N VAL D 353 30.15 -32.42 -32.26
CA VAL D 353 31.18 -31.53 -31.73
C VAL D 353 32.29 -31.24 -32.74
N GLU D 354 32.36 -31.96 -33.85
CA GLU D 354 33.38 -31.70 -34.85
C GLU D 354 33.09 -30.39 -35.58
N GLY D 355 34.16 -29.82 -36.16
CA GLY D 355 34.04 -28.56 -36.86
C GLY D 355 33.73 -28.74 -38.34
N LEU D 356 33.62 -27.61 -39.03
CA LEU D 356 33.42 -27.55 -40.48
C LEU D 356 32.15 -28.27 -40.91
N PRO D 357 30.97 -27.70 -40.65
CA PRO D 357 29.74 -28.29 -41.18
C PRO D 357 29.68 -28.12 -42.68
N PRO D 358 28.76 -28.83 -43.38
CA PRO D 358 27.81 -29.82 -42.89
C PRO D 358 28.47 -31.15 -42.52
N TYR D 359 27.76 -31.97 -41.75
CA TYR D 359 28.28 -33.23 -41.25
C TYR D 359 27.65 -34.39 -42.00
N LYS D 360 28.48 -35.38 -42.34
CA LYS D 360 28.00 -36.54 -43.07
C LYS D 360 27.09 -37.38 -42.19
N LEU D 361 26.02 -37.91 -42.77
CA LEU D 361 25.08 -38.75 -42.05
C LEU D 361 25.65 -40.15 -41.91
N LYS D 362 25.79 -40.62 -40.67
CA LYS D 362 26.23 -41.99 -40.43
C LYS D 362 25.05 -42.94 -40.55
N ASN D 363 25.35 -44.17 -40.96
CA ASN D 363 24.32 -45.20 -41.15
C ASN D 363 24.08 -45.89 -39.81
N THR D 364 23.52 -45.13 -38.87
CA THR D 364 23.24 -45.62 -37.53
C THR D 364 21.97 -44.93 -37.01
N VAL D 365 21.32 -45.61 -36.06
CA VAL D 365 19.96 -45.24 -35.65
C VAL D 365 19.94 -43.85 -35.03
N GLY D 366 20.88 -43.57 -34.12
CA GLY D 366 20.86 -42.31 -33.41
C GLY D 366 21.00 -41.12 -34.32
N ASP D 367 21.81 -41.25 -35.37
CA ASP D 367 21.99 -40.14 -36.30
C ASP D 367 20.78 -39.96 -37.21
N TYR D 368 20.07 -41.04 -37.54
CA TYR D 368 18.80 -40.89 -38.25
C TYR D 368 17.79 -40.12 -37.40
N PHE D 369 17.70 -40.45 -36.11
CA PHE D 369 16.82 -39.69 -35.24
C PHE D 369 17.26 -38.24 -35.14
N ARG D 370 18.57 -38.00 -35.07
CA ARG D 370 19.09 -36.64 -34.98
C ARG D 370 18.72 -35.82 -36.21
N VAL D 371 18.93 -36.37 -37.40
CA VAL D 371 18.64 -35.59 -38.61
C VAL D 371 17.14 -35.41 -38.78
N THR D 372 16.33 -36.39 -38.35
CA THR D 372 14.89 -36.19 -38.32
C THR D 372 14.53 -35.01 -37.43
N GLY D 373 15.14 -34.94 -36.25
CA GLY D 373 14.89 -33.82 -35.35
C GLY D 373 15.28 -32.49 -35.97
N GLU D 374 16.42 -32.47 -36.68
CA GLU D 374 16.86 -31.22 -37.31
C GLU D 374 15.86 -30.77 -38.38
N ILE D 375 15.37 -31.69 -39.20
CA ILE D 375 14.41 -31.34 -40.24
C ILE D 375 13.12 -30.81 -39.61
N LEU D 376 12.62 -31.50 -38.58
CA LEU D 376 11.41 -31.04 -37.89
C LEU D 376 11.63 -29.73 -37.15
N SER D 377 12.87 -29.40 -36.81
CA SER D 377 13.16 -28.11 -36.19
C SER D 377 13.18 -26.97 -37.20
N VAL D 378 13.65 -27.23 -38.43
CA VAL D 378 13.70 -26.17 -39.44
C VAL D 378 12.30 -25.90 -40.01
N SER D 379 11.49 -26.94 -40.17
CA SER D 379 10.17 -26.75 -40.76
C SER D 379 9.31 -25.79 -39.94
N GLY D 380 9.39 -25.87 -38.61
CA GLY D 380 8.65 -24.95 -37.78
C GLY D 380 9.07 -23.51 -37.98
N GLY D 381 10.37 -23.28 -38.15
CA GLY D 381 10.82 -21.93 -38.44
C GLY D 381 10.27 -21.40 -39.74
N VAL D 382 10.21 -22.26 -40.76
CA VAL D 382 9.61 -21.83 -42.03
C VAL D 382 8.13 -21.48 -41.83
N TYR D 383 7.42 -22.32 -41.07
CA TYR D 383 6.00 -22.06 -40.79
C TYR D 383 5.81 -20.72 -40.11
N PHE D 384 6.57 -20.46 -39.06
CA PHE D 384 6.39 -19.20 -38.33
C PHE D 384 6.76 -18.01 -39.19
N PHE D 385 7.77 -18.16 -40.06
CA PHE D 385 8.14 -17.08 -40.97
C PHE D 385 6.98 -16.70 -41.88
N PHE D 386 6.37 -17.70 -42.52
CA PHE D 386 5.25 -17.40 -43.41
C PHE D 386 4.05 -16.86 -42.66
N ARG D 387 3.73 -17.42 -41.48
CA ARG D 387 2.58 -16.91 -40.74
C ARG D 387 2.82 -15.47 -40.29
N GLY D 388 4.06 -15.13 -39.91
CA GLY D 388 4.37 -13.78 -39.52
C GLY D 388 4.39 -12.79 -40.66
N ILE D 389 4.56 -13.25 -41.90
CA ILE D 389 4.31 -12.38 -43.05
C ILE D 389 2.82 -12.20 -43.30
N GLN D 390 2.08 -13.30 -43.25
CA GLN D 390 0.64 -13.26 -43.51
C GLN D 390 -0.08 -12.38 -42.51
N TYR D 391 0.40 -12.31 -41.27
CA TYR D 391 -0.17 -11.36 -40.32
C TYR D 391 -0.04 -9.94 -40.82
N PHE D 392 1.17 -9.54 -41.23
CA PHE D 392 1.39 -8.16 -41.64
C PHE D 392 0.58 -7.81 -42.88
N LEU D 393 0.54 -8.71 -43.86
CA LEU D 393 -0.14 -8.38 -45.11
C LEU D 393 -1.64 -8.17 -44.90
N GLN D 394 -2.25 -8.88 -43.94
CA GLN D 394 -3.68 -8.80 -43.71
C GLN D 394 -4.08 -7.70 -42.73
N ARG D 395 -3.11 -6.95 -42.17
CA ARG D 395 -3.39 -5.86 -41.25
C ARG D 395 -2.83 -4.52 -41.71
N ARG D 396 -1.60 -4.51 -42.22
CA ARG D 396 -0.89 -3.29 -42.60
C ARG D 396 -0.92 -2.21 -41.51
N PRO D 397 -0.34 -2.46 -40.34
CA PRO D 397 -0.21 -1.39 -39.35
C PRO D 397 0.69 -0.28 -39.88
N SER D 398 0.39 0.95 -39.47
CA SER D 398 1.18 2.11 -39.90
C SER D 398 2.41 2.36 -39.03
N LEU D 399 3.21 1.32 -38.79
CA LEU D 399 4.54 1.42 -38.19
C LEU D 399 4.55 2.00 -36.77
N LYS D 400 3.38 2.18 -36.15
CA LYS D 400 3.27 2.71 -34.79
C LYS D 400 2.72 1.71 -33.79
N SER D 401 1.69 0.95 -34.18
CA SER D 401 1.07 -0.03 -33.29
C SER D 401 1.82 -1.35 -33.24
N LEU D 402 2.92 -1.50 -34.00
CA LEU D 402 3.66 -2.76 -33.99
C LEU D 402 4.20 -3.07 -32.61
N PHE D 403 4.72 -2.07 -31.91
CA PHE D 403 5.23 -2.22 -30.55
C PHE D 403 4.22 -1.80 -29.49
N VAL D 404 2.97 -1.56 -29.87
CA VAL D 404 1.89 -1.29 -28.93
C VAL D 404 0.99 -2.49 -28.74
N ASP D 405 0.69 -3.20 -29.84
CA ASP D 405 -0.17 -4.39 -29.83
C ASP D 405 0.45 -5.44 -30.75
N SER D 406 0.10 -6.70 -30.48
CA SER D 406 0.60 -7.83 -31.24
C SER D 406 2.12 -7.91 -31.18
N TYR D 407 2.68 -7.79 -29.97
CA TYR D 407 4.12 -8.00 -29.78
C TYR D 407 4.52 -9.44 -30.07
N SER D 408 3.67 -10.40 -29.70
CA SER D 408 4.04 -11.80 -29.84
C SER D 408 4.29 -12.18 -31.28
N GLU D 409 3.61 -11.52 -32.23
CA GLU D 409 3.89 -11.76 -33.64
C GLU D 409 5.33 -11.40 -33.97
N ILE D 410 5.81 -10.28 -33.42
CA ILE D 410 7.19 -9.87 -33.64
C ILE D 410 8.16 -10.87 -33.00
N LEU D 411 7.85 -11.33 -31.79
CA LEU D 411 8.75 -12.26 -31.12
C LEU D 411 8.86 -13.59 -31.85
N PHE D 412 7.72 -14.14 -32.31
CA PHE D 412 7.77 -15.38 -33.07
C PHE D 412 8.50 -15.19 -34.39
N PHE D 413 8.28 -14.04 -35.04
CA PHE D 413 8.96 -13.76 -36.30
C PHE D 413 10.48 -13.69 -36.10
N VAL D 414 10.92 -13.05 -35.02
CA VAL D 414 12.35 -12.97 -34.75
C VAL D 414 12.93 -14.36 -34.50
N GLN D 415 12.20 -15.20 -33.77
CA GLN D 415 12.64 -16.59 -33.58
C GLN D 415 12.84 -17.29 -34.92
N SER D 416 11.88 -17.15 -35.83
CA SER D 416 12.01 -17.79 -37.14
C SER D 416 13.18 -17.23 -37.94
N LEU D 417 13.40 -15.91 -37.84
CA LEU D 417 14.54 -15.30 -38.54
C LEU D 417 15.85 -15.89 -38.04
N PHE D 418 16.00 -16.06 -36.73
CA PHE D 418 17.21 -16.66 -36.20
C PHE D 418 17.38 -18.10 -36.70
N MET D 419 16.28 -18.85 -36.78
CA MET D 419 16.38 -20.21 -37.32
C MET D 419 16.88 -20.20 -38.77
N LEU D 420 16.34 -19.28 -39.59
CA LEU D 420 16.75 -19.26 -40.99
C LEU D 420 18.22 -18.85 -41.14
N VAL D 421 18.66 -17.88 -40.33
CA VAL D 421 20.07 -17.50 -40.37
C VAL D 421 20.95 -18.66 -39.95
N SER D 422 20.49 -19.44 -38.97
CA SER D 422 21.23 -20.64 -38.58
C SER D 422 21.35 -21.61 -39.75
N VAL D 423 20.28 -21.81 -40.51
CA VAL D 423 20.34 -22.72 -41.66
C VAL D 423 21.35 -22.21 -42.68
N VAL D 424 21.30 -20.91 -42.98
CA VAL D 424 22.19 -20.33 -43.99
C VAL D 424 23.64 -20.48 -43.57
N LEU D 425 23.95 -20.21 -42.30
CA LEU D 425 25.31 -20.38 -41.81
C LEU D 425 25.72 -21.84 -41.79
N TYR D 426 24.78 -22.74 -41.50
CA TYR D 426 25.11 -24.16 -41.49
C TYR D 426 25.57 -24.64 -42.85
N PHE D 427 24.82 -24.31 -43.90
CA PHE D 427 25.19 -24.79 -45.22
C PHE D 427 26.30 -23.96 -45.88
N SER D 428 26.72 -22.85 -45.27
CA SER D 428 27.83 -22.04 -45.76
C SER D 428 29.17 -22.46 -45.16
N GLN D 429 29.23 -23.57 -44.42
CA GLN D 429 30.46 -24.07 -43.82
C GLN D 429 31.04 -23.07 -42.81
N ARG D 430 30.17 -22.54 -41.96
CA ARG D 430 30.56 -21.64 -40.87
C ARG D 430 30.18 -22.28 -39.54
N LYS D 431 31.04 -22.09 -38.54
CA LYS D 431 30.79 -22.60 -37.21
C LYS D 431 29.88 -21.69 -36.39
N GLU D 432 29.70 -20.45 -36.81
CA GLU D 432 28.90 -19.50 -36.04
C GLU D 432 27.41 -19.83 -36.01
N TYR D 433 26.94 -20.79 -36.80
CA TYR D 433 25.51 -21.10 -36.81
C TYR D 433 25.01 -21.46 -35.41
N VAL D 434 25.85 -22.10 -34.60
CA VAL D 434 25.44 -22.45 -33.23
C VAL D 434 25.06 -21.20 -32.46
N ALA D 435 25.81 -20.11 -32.66
CA ALA D 435 25.51 -18.87 -31.96
C ALA D 435 24.11 -18.38 -32.29
N SER D 436 23.67 -18.55 -33.55
CA SER D 436 22.30 -18.19 -33.87
C SER D 436 21.32 -19.20 -33.28
N MET D 437 21.65 -20.49 -33.37
CA MET D 437 20.70 -21.54 -33.05
C MET D 437 20.24 -21.43 -31.60
N VAL D 438 21.19 -21.26 -30.69
CA VAL D 438 20.86 -21.19 -29.27
C VAL D 438 19.97 -19.99 -28.99
N PHE D 439 20.16 -18.88 -29.71
CA PHE D 439 19.26 -17.74 -29.49
C PHE D 439 17.84 -18.11 -29.86
N SER D 440 17.64 -18.77 -31.00
CA SER D 440 16.29 -19.19 -31.35
C SER D 440 15.78 -20.24 -30.36
N LEU D 441 16.69 -20.97 -29.72
CA LEU D 441 16.28 -21.86 -28.62
C LEU D 441 15.93 -21.05 -27.38
N ALA D 442 16.79 -20.08 -27.03
CA ALA D 442 16.68 -19.44 -25.72
C ALA D 442 15.40 -18.64 -25.59
N MET D 443 15.01 -17.92 -26.63
CA MET D 443 13.73 -17.24 -26.65
C MET D 443 12.58 -18.15 -27.03
N GLY D 444 12.86 -19.30 -27.66
CA GLY D 444 11.79 -20.21 -28.03
C GLY D 444 11.02 -20.71 -26.83
N TRP D 445 11.67 -20.80 -25.67
CA TRP D 445 10.97 -21.15 -24.45
C TRP D 445 10.19 -19.97 -23.89
N THR D 446 10.75 -18.75 -23.94
CA THR D 446 10.07 -17.62 -23.33
C THR D 446 8.76 -17.30 -24.05
N ASN D 447 8.73 -17.51 -25.38
CA ASN D 447 7.49 -17.30 -26.13
C ASN D 447 6.39 -18.28 -25.72
N MET D 448 6.73 -19.34 -24.98
CA MET D 448 5.70 -20.21 -24.43
C MET D 448 4.76 -19.46 -23.49
N LEU D 449 5.19 -18.32 -22.92
CA LEU D 449 4.28 -17.53 -22.12
C LEU D 449 3.08 -17.04 -22.92
N TYR D 450 3.18 -17.00 -24.25
CA TYR D 450 2.03 -16.65 -25.08
C TYR D 450 0.84 -17.55 -24.81
N TYR D 451 1.08 -18.80 -24.39
CA TYR D 451 0.00 -19.73 -24.14
C TYR D 451 -0.52 -19.67 -22.71
N THR D 452 -0.15 -18.65 -21.94
CA THR D 452 -0.75 -18.47 -20.63
C THR D 452 -2.20 -18.01 -20.74
N ARG D 453 -2.56 -17.31 -21.81
CA ARG D 453 -3.96 -16.93 -22.00
C ARG D 453 -4.81 -18.16 -22.22
N GLY D 454 -6.08 -18.06 -21.85
CA GLY D 454 -6.97 -19.18 -21.73
C GLY D 454 -7.03 -19.72 -20.32
N PHE D 455 -5.94 -19.58 -19.57
CA PHE D 455 -5.89 -19.85 -18.13
C PHE D 455 -5.87 -18.49 -17.45
N GLN D 456 -6.98 -18.12 -16.82
CA GLN D 456 -7.16 -16.77 -16.28
C GLN D 456 -6.10 -16.44 -15.24
N GLN D 457 -5.83 -17.36 -14.32
CA GLN D 457 -4.96 -17.08 -13.19
C GLN D 457 -3.52 -16.79 -13.63
N MET D 458 -3.09 -17.31 -14.77
CA MET D 458 -1.77 -17.01 -15.34
C MET D 458 -1.83 -15.87 -16.33
N GLY D 459 -2.96 -15.70 -17.02
CA GLY D 459 -3.08 -14.61 -17.97
C GLY D 459 -3.01 -13.24 -17.31
N ILE D 460 -3.65 -13.09 -16.15
CA ILE D 460 -3.56 -11.80 -15.45
C ILE D 460 -2.11 -11.51 -15.06
N TYR D 461 -1.41 -12.53 -14.58
CA TYR D 461 0.00 -12.39 -14.20
C TYR D 461 0.86 -11.98 -15.38
N ALA D 462 0.66 -12.63 -16.54
CA ALA D 462 1.43 -12.28 -17.73
C ALA D 462 1.14 -10.86 -18.20
N VAL D 463 -0.14 -10.45 -18.13
CA VAL D 463 -0.50 -9.09 -18.51
C VAL D 463 0.19 -8.10 -17.58
N MET D 464 0.24 -8.40 -16.29
CA MET D 464 0.95 -7.52 -15.35
C MET D 464 2.44 -7.41 -15.69
N ILE D 465 3.07 -8.53 -16.05
CA ILE D 465 4.49 -8.48 -16.43
C ILE D 465 4.68 -7.56 -17.64
N GLU D 466 3.85 -7.74 -18.67
CA GLU D 466 3.99 -6.93 -19.87
C GLU D 466 3.71 -5.46 -19.60
N LYS D 467 2.71 -5.17 -18.75
CA LYS D 467 2.40 -3.79 -18.42
C LYS D 467 3.57 -3.11 -17.73
N MET D 468 4.13 -3.75 -16.69
CA MET D 468 5.22 -3.09 -15.97
C MET D 468 6.46 -2.94 -16.85
N ILE D 469 6.78 -3.95 -17.68
CA ILE D 469 7.95 -3.87 -18.53
C ILE D 469 7.81 -2.71 -19.51
N LEU D 470 6.67 -2.62 -20.19
CA LEU D 470 6.54 -1.59 -21.21
C LEU D 470 6.31 -0.21 -20.62
N ARG D 471 5.88 -0.11 -19.36
CA ARG D 471 5.60 1.19 -18.78
C ARG D 471 6.81 1.77 -18.03
N ASP D 472 7.28 1.11 -16.97
CA ASP D 472 8.15 1.79 -16.01
C ASP D 472 9.63 1.48 -16.20
N LEU D 473 9.95 0.22 -16.50
CA LEU D 473 11.35 -0.16 -16.59
C LEU D 473 12.03 0.46 -17.80
N CYS D 474 11.29 0.94 -18.80
CA CYS D 474 11.93 1.65 -19.89
C CYS D 474 12.48 3.00 -19.43
N ARG D 475 11.68 3.76 -18.66
CA ARG D 475 12.19 5.01 -18.09
C ARG D 475 13.38 4.74 -17.17
N PHE D 476 13.24 3.74 -16.30
CA PHE D 476 14.32 3.41 -15.38
C PHE D 476 15.60 3.04 -16.12
N MET D 477 15.47 2.20 -17.16
CA MET D 477 16.65 1.77 -17.90
C MET D 477 17.29 2.94 -18.64
N PHE D 478 16.48 3.84 -19.18
CA PHE D 478 17.06 5.02 -19.85
C PHE D 478 17.92 5.83 -18.89
N VAL D 479 17.35 6.19 -17.74
CA VAL D 479 18.08 7.01 -16.77
C VAL D 479 19.31 6.27 -16.27
N TYR D 480 19.14 4.99 -15.93
CA TYR D 480 20.23 4.19 -15.39
C TYR D 480 21.37 4.06 -16.40
N LEU D 481 21.03 3.83 -17.68
CA LEU D 481 22.08 3.64 -18.68
C LEU D 481 22.86 4.92 -18.91
N VAL D 482 22.18 6.07 -18.93
CA VAL D 482 22.94 7.32 -19.09
C VAL D 482 23.86 7.53 -17.90
N PHE D 483 23.35 7.27 -16.69
CA PHE D 483 24.16 7.42 -15.48
C PHE D 483 25.37 6.48 -15.49
N LEU D 484 25.14 5.23 -15.90
CA LEU D 484 26.22 4.25 -15.97
C LEU D 484 27.27 4.65 -16.99
N PHE D 485 26.84 5.13 -18.16
CA PHE D 485 27.80 5.58 -19.16
C PHE D 485 28.64 6.72 -18.63
N GLY D 486 28.00 7.66 -17.93
CA GLY D 486 28.75 8.78 -17.37
C GLY D 486 29.81 8.34 -16.39
N PHE D 487 29.45 7.45 -15.46
CA PHE D 487 30.45 7.01 -14.48
C PHE D 487 31.50 6.10 -15.09
N SER D 488 31.15 5.33 -16.12
CA SER D 488 32.16 4.49 -16.80
C SER D 488 33.20 5.36 -17.50
N THR D 489 32.75 6.41 -18.21
CA THR D 489 33.72 7.30 -18.84
C THR D 489 34.49 8.11 -17.81
N ALA D 490 33.92 8.35 -16.63
CA ALA D 490 34.69 8.97 -15.57
C ALA D 490 35.79 8.04 -15.06
N VAL D 491 35.47 6.77 -14.87
CA VAL D 491 36.45 5.83 -14.29
C VAL D 491 37.57 5.54 -15.28
N VAL D 492 37.23 5.29 -16.54
CA VAL D 492 38.25 4.95 -17.54
C VAL D 492 39.25 6.08 -17.70
N THR D 493 38.80 7.33 -17.57
CA THR D 493 39.70 8.46 -17.70
C THR D 493 40.74 8.51 -16.59
N LEU D 494 40.41 7.98 -15.41
CA LEU D 494 41.25 8.09 -14.24
C LEU D 494 42.22 6.93 -14.12
N ILE D 495 41.73 5.71 -14.35
CA ILE D 495 42.52 4.48 -14.28
C ILE D 495 42.47 3.86 -15.67
N GLU D 496 43.62 3.84 -16.35
CA GLU D 496 43.70 3.39 -17.73
C GLU D 496 44.37 2.02 -17.88
N ASP D 497 44.44 1.25 -16.80
CA ASP D 497 44.98 -0.10 -16.87
C ASP D 497 44.42 -0.92 -15.72
N GLY D 498 44.43 -2.24 -15.90
CA GLY D 498 43.98 -3.15 -14.85
C GLY D 498 42.47 -3.28 -14.76
N LYS D 499 41.86 -3.86 -15.79
CA LYS D 499 40.43 -4.07 -15.98
C LYS D 499 39.69 -2.81 -16.37
N TYR D 500 40.33 -1.64 -16.39
CA TYR D 500 39.69 -0.37 -16.69
C TYR D 500 40.36 0.34 -17.87
N ASN D 501 40.90 -0.43 -18.81
CA ASN D 501 41.51 0.10 -20.02
C ASN D 501 40.55 0.11 -21.20
N SER D 502 39.25 -0.10 -20.95
CA SER D 502 38.26 -0.05 -22.02
C SER D 502 36.92 0.30 -21.40
N LEU D 503 36.02 0.80 -22.24
CA LEU D 503 34.69 1.17 -21.78
C LEU D 503 33.82 -0.05 -21.52
N TYR D 504 33.96 -1.09 -22.35
CA TYR D 504 33.12 -2.28 -22.20
C TYR D 504 33.38 -2.99 -20.87
N SER D 505 34.65 -3.23 -20.56
CA SER D 505 34.99 -3.90 -19.31
C SER D 505 34.59 -3.06 -18.10
N THR D 506 34.82 -1.75 -18.16
CA THR D 506 34.43 -0.89 -17.05
C THR D 506 32.92 -0.91 -16.85
N CYS D 507 32.15 -0.89 -17.94
CA CYS D 507 30.70 -0.97 -17.83
C CYS D 507 30.26 -2.26 -17.18
N LEU D 508 30.86 -3.39 -17.56
CA LEU D 508 30.49 -4.65 -16.94
C LEU D 508 30.83 -4.66 -15.44
N GLU D 509 32.02 -4.17 -15.10
CA GLU D 509 32.45 -4.18 -13.70
C GLU D 509 31.58 -3.28 -12.85
N LEU D 510 31.11 -2.16 -13.40
CA LEU D 510 30.22 -1.29 -12.65
C LEU D 510 28.81 -1.90 -12.56
N PHE D 511 28.35 -2.55 -13.64
CA PHE D 511 27.04 -3.17 -13.61
C PHE D 511 26.96 -4.26 -12.57
N LYS D 512 28.07 -4.98 -12.33
CA LYS D 512 28.08 -6.04 -11.32
C LYS D 512 27.62 -5.55 -9.95
N PHE D 513 27.84 -4.27 -9.63
CA PHE D 513 27.42 -3.76 -8.33
C PHE D 513 25.91 -3.76 -8.18
N THR D 514 25.18 -3.50 -9.27
CA THR D 514 23.73 -3.52 -9.20
C THR D 514 23.21 -4.90 -8.82
N ILE D 515 23.83 -5.94 -9.38
CA ILE D 515 23.46 -7.31 -9.01
C ILE D 515 23.85 -7.59 -7.57
N GLY D 516 25.00 -7.08 -7.13
CA GLY D 516 25.48 -7.28 -5.78
C GLY D 516 26.71 -8.17 -5.71
N MET D 517 27.57 -8.06 -6.72
CA MET D 517 28.74 -8.93 -6.90
C MET D 517 29.99 -8.10 -7.16
N GLY D 518 30.17 -7.02 -6.40
CA GLY D 518 31.24 -6.09 -6.67
C GLY D 518 32.60 -6.63 -6.29
N ASP D 519 33.61 -5.77 -6.47
CA ASP D 519 35.01 -6.13 -6.25
C ASP D 519 35.70 -5.01 -5.45
N LEU D 520 35.08 -4.60 -4.35
CA LEU D 520 35.63 -3.55 -3.48
C LEU D 520 36.80 -4.14 -2.68
N GLU D 521 37.91 -4.36 -3.38
CA GLU D 521 39.15 -4.86 -2.78
C GLU D 521 40.24 -3.80 -2.72
N PHE D 522 40.45 -3.06 -3.81
CA PHE D 522 41.42 -1.96 -3.84
C PHE D 522 42.84 -2.44 -3.51
N THR D 523 43.20 -3.62 -4.00
CA THR D 523 44.52 -4.17 -3.76
C THR D 523 45.55 -3.72 -4.79
N GLU D 524 45.13 -3.19 -5.93
CA GLU D 524 46.05 -2.81 -6.98
C GLU D 524 46.69 -1.46 -6.68
N ASN D 525 47.92 -1.28 -7.17
CA ASN D 525 48.70 -0.07 -6.92
C ASN D 525 48.46 0.95 -8.04
N TYR D 526 47.28 1.57 -7.98
CA TYR D 526 46.91 2.56 -8.97
C TYR D 526 47.55 3.91 -8.65
N ASP D 527 47.59 4.77 -9.66
CA ASP D 527 48.13 6.11 -9.49
C ASP D 527 47.15 7.03 -8.75
N PHE D 528 45.85 6.84 -8.95
CA PHE D 528 44.80 7.69 -8.39
C PHE D 528 43.92 6.89 -7.44
N LYS D 529 44.54 6.05 -6.62
CA LYS D 529 43.84 5.48 -5.49
C LYS D 529 43.51 6.57 -4.48
N ALA D 530 42.42 6.38 -3.75
CA ALA D 530 41.80 7.30 -2.79
C ALA D 530 40.97 8.37 -3.50
N VAL D 531 40.98 8.44 -4.82
CA VAL D 531 39.96 9.15 -5.59
C VAL D 531 38.98 8.16 -6.21
N PHE D 532 39.50 7.03 -6.68
CA PHE D 532 38.69 5.96 -7.21
C PHE D 532 37.67 5.47 -6.19
N ILE D 533 38.07 5.40 -4.93
CA ILE D 533 37.15 4.95 -3.87
C ILE D 533 35.96 5.88 -3.75
N ILE D 534 36.21 7.20 -3.82
CA ILE D 534 35.13 8.16 -3.71
C ILE D 534 34.15 8.01 -4.88
N LEU D 535 34.68 7.82 -6.09
CA LEU D 535 33.82 7.61 -7.24
C LEU D 535 32.95 6.37 -7.09
N LEU D 536 33.55 5.26 -6.63
CA LEU D 536 32.77 4.04 -6.50
C LEU D 536 31.69 4.18 -5.41
N LEU D 537 32.03 4.79 -4.29
CA LEU D 537 31.04 4.96 -3.23
C LEU D 537 29.88 5.84 -3.69
N ALA D 538 30.19 6.94 -4.37
CA ALA D 538 29.13 7.80 -4.88
C ALA D 538 28.27 7.07 -5.90
N TYR D 539 28.90 6.28 -6.78
CA TYR D 539 28.13 5.51 -7.76
C TYR D 539 27.17 4.54 -7.07
N VAL D 540 27.66 3.80 -6.08
CA VAL D 540 26.83 2.81 -5.40
C VAL D 540 25.66 3.48 -4.70
N ILE D 541 25.93 4.60 -4.01
CA ILE D 541 24.85 5.27 -3.29
C ILE D 541 23.79 5.79 -4.26
N LEU D 542 24.21 6.45 -5.34
CA LEU D 542 23.24 6.97 -6.30
C LEU D 542 22.44 5.85 -6.96
N THR D 543 23.08 4.70 -7.24
CA THR D 543 22.37 3.61 -7.87
C THR D 543 21.35 2.99 -6.94
N TYR D 544 21.68 2.90 -5.65
CA TYR D 544 20.69 2.38 -4.73
C TYR D 544 19.54 3.35 -4.52
N ILE D 545 19.82 4.67 -4.54
CA ILE D 545 18.73 5.64 -4.47
C ILE D 545 17.81 5.49 -5.67
N LEU D 546 18.39 5.30 -6.86
CA LEU D 546 17.56 5.13 -8.05
C LEU D 546 16.69 3.87 -7.95
N LEU D 547 17.28 2.76 -7.50
CA LEU D 547 16.50 1.53 -7.39
C LEU D 547 15.37 1.68 -6.37
N LEU D 548 15.66 2.30 -5.23
CA LEU D 548 14.62 2.52 -4.23
C LEU D 548 13.51 3.40 -4.77
N ASN D 549 13.86 4.45 -5.51
CA ASN D 549 12.85 5.32 -6.13
C ASN D 549 11.98 4.53 -7.10
N MET D 550 12.61 3.70 -7.94
CA MET D 550 11.84 2.85 -8.85
C MET D 550 10.86 1.98 -8.08
N LEU D 551 11.34 1.36 -7.01
CA LEU D 551 10.48 0.44 -6.28
C LEU D 551 9.31 1.16 -5.65
N ILE D 552 9.54 2.33 -5.05
CA ILE D 552 8.46 3.06 -4.42
C ILE D 552 7.47 3.56 -5.46
N ALA D 553 7.96 4.05 -6.60
CA ALA D 553 7.07 4.55 -7.65
C ALA D 553 6.13 3.46 -8.15
N LEU D 554 6.60 2.21 -8.18
CA LEU D 554 5.76 1.09 -8.60
C LEU D 554 4.67 0.76 -7.58
N MET D 555 4.76 1.28 -6.35
CA MET D 555 3.73 1.02 -5.35
C MET D 555 2.51 1.91 -5.54
N GLY D 556 2.68 3.07 -6.13
CA GLY D 556 1.55 3.94 -6.35
C GLY D 556 0.59 3.48 -7.41
N GLU D 557 0.92 2.44 -8.17
CA GLU D 557 0.05 1.88 -9.19
C GLU D 557 -0.70 0.64 -8.72
N THR D 558 -0.54 0.26 -7.45
CA THR D 558 -1.24 -0.89 -6.89
C THR D 558 -2.58 -0.53 -6.26
N VAL D 559 -2.89 0.76 -6.11
CA VAL D 559 -4.09 1.18 -5.41
C VAL D 559 -5.26 1.17 -6.40
N ASN D 560 -5.85 -0.01 -6.60
CA ASN D 560 -7.03 -0.17 -7.44
C ASN D 560 -6.82 0.38 -8.86
N LYS D 561 -5.60 0.21 -9.38
CA LYS D 561 -5.29 0.60 -10.75
C LYS D 561 -4.92 -0.60 -11.61
N ILE D 562 -3.90 -1.36 -11.24
CA ILE D 562 -3.46 -2.49 -12.07
C ILE D 562 -4.47 -3.64 -12.01
N ALA D 563 -5.00 -3.91 -10.81
CA ALA D 563 -5.82 -5.10 -10.61
C ALA D 563 -7.07 -5.08 -11.49
N GLN D 564 -7.69 -3.91 -11.63
CA GLN D 564 -8.88 -3.80 -12.46
C GLN D 564 -8.53 -3.77 -13.95
N GLU D 565 -7.43 -3.10 -14.30
CA GLU D 565 -7.09 -2.91 -15.71
C GLU D 565 -6.66 -4.22 -16.36
N SER D 566 -5.90 -5.04 -15.63
CA SER D 566 -5.34 -6.24 -16.22
C SER D 566 -6.44 -7.23 -16.63
N LYS D 567 -7.57 -7.27 -15.90
CA LYS D 567 -8.64 -8.19 -16.25
C LYS D 567 -9.28 -7.84 -17.59
N ASN D 568 -9.51 -6.55 -17.81
CA ASN D 568 -10.08 -6.13 -19.09
C ASN D 568 -9.10 -6.36 -20.22
N ILE D 569 -7.80 -6.13 -19.97
CA ILE D 569 -6.81 -6.39 -21.02
C ILE D 569 -6.78 -7.89 -21.36
N TRP D 570 -6.84 -8.76 -20.36
CA TRP D 570 -6.84 -10.20 -20.63
C TRP D 570 -8.08 -10.60 -21.41
N LYS D 571 -9.25 -10.05 -21.06
CA LYS D 571 -10.46 -10.37 -21.79
C LYS D 571 -10.35 -9.94 -23.25
N LEU D 572 -9.76 -8.77 -23.50
CA LEU D 572 -9.54 -8.32 -24.85
C LEU D 572 -8.60 -9.27 -25.61
N GLN D 573 -7.56 -9.76 -24.94
CA GLN D 573 -6.64 -10.71 -25.58
C GLN D 573 -7.37 -12.00 -25.97
N ARG D 574 -8.21 -12.52 -25.07
CA ARG D 574 -8.96 -13.73 -25.38
C ARG D 574 -9.93 -13.49 -26.54
N ALA D 575 -10.56 -12.31 -26.58
CA ALA D 575 -11.42 -11.97 -27.70
C ALA D 575 -10.64 -11.96 -29.02
N ILE D 576 -9.44 -11.39 -29.01
CA ILE D 576 -8.66 -11.30 -30.24
C ILE D 576 -8.28 -12.68 -30.73
N THR D 577 -7.81 -13.55 -29.84
CA THR D 577 -7.44 -14.89 -30.29
C THR D 577 -8.65 -15.70 -30.74
N ILE D 578 -9.81 -15.51 -30.11
CA ILE D 578 -11.02 -16.19 -30.57
C ILE D 578 -11.36 -15.75 -31.98
N LEU D 579 -11.29 -14.45 -32.24
CA LEU D 579 -11.60 -13.95 -33.57
C LEU D 579 -10.59 -14.46 -34.60
N ASP D 580 -9.31 -14.51 -34.22
CA ASP D 580 -8.29 -15.02 -35.15
C ASP D 580 -8.55 -16.49 -35.49
N THR D 581 -8.92 -17.29 -34.49
CA THR D 581 -9.22 -18.69 -34.76
C THR D 581 -10.47 -18.84 -35.63
N GLU D 582 -11.52 -18.08 -35.31
CA GLU D 582 -12.76 -18.20 -36.07
C GLU D 582 -12.58 -17.74 -37.51
N LYS D 583 -11.70 -16.76 -37.74
CA LYS D 583 -11.60 -16.14 -39.05
C LYS D 583 -11.23 -17.15 -40.13
N SER D 584 -10.18 -17.95 -39.90
CA SER D 584 -9.76 -18.85 -40.96
C SER D 584 -10.55 -20.16 -40.97
N PHE D 585 -10.19 -21.11 -40.11
CA PHE D 585 -10.93 -22.33 -39.78
C PHE D 585 -11.16 -23.31 -40.94
N LEU D 586 -11.22 -22.81 -42.19
CA LEU D 586 -11.08 -23.55 -43.46
C LEU D 586 -11.71 -24.95 -43.44
N LYS D 587 -12.84 -25.10 -42.76
CA LYS D 587 -13.47 -26.41 -42.57
C LYS D 587 -14.99 -26.29 -42.48
N CYS D 588 -15.61 -25.50 -43.37
CA CYS D 588 -17.07 -25.47 -43.53
C CYS D 588 -17.77 -25.09 -42.22
N MET D 589 -17.59 -23.83 -41.85
CA MET D 589 -17.99 -23.31 -40.54
C MET D 589 -19.46 -23.58 -40.23
N ARG D 590 -19.69 -24.26 -39.11
CA ARG D 590 -21.03 -24.45 -38.55
C ARG D 590 -21.06 -24.06 -37.08
N LYS D 591 -19.98 -24.34 -36.35
CA LYS D 591 -19.96 -24.21 -34.90
C LYS D 591 -19.88 -22.77 -34.41
N ALA D 592 -19.56 -21.81 -35.27
CA ALA D 592 -19.51 -20.41 -34.88
C ALA D 592 -20.88 -19.76 -34.84
N PHE D 593 -21.93 -20.48 -35.24
CA PHE D 593 -23.24 -19.89 -35.41
C PHE D 593 -24.02 -19.89 -34.10
N ARG D 594 -24.96 -18.94 -34.01
CA ARG D 594 -25.81 -18.76 -32.84
C ARG D 594 -27.05 -19.65 -32.95
N SER D 595 -28.09 -19.37 -32.14
CA SER D 595 -29.19 -20.30 -31.89
C SER D 595 -29.95 -20.74 -33.13
N GLY D 596 -29.80 -20.06 -34.27
CA GLY D 596 -30.45 -20.47 -35.51
C GLY D 596 -31.51 -19.47 -35.94
N LYS D 597 -32.11 -19.78 -37.09
CA LYS D 597 -33.10 -18.89 -37.70
C LYS D 597 -34.41 -18.95 -36.93
N LEU D 598 -34.42 -18.40 -35.73
CA LEU D 598 -35.63 -18.36 -34.92
C LEU D 598 -36.56 -17.26 -35.40
N LEU D 599 -37.86 -17.57 -35.46
CA LEU D 599 -38.86 -16.56 -35.79
C LEU D 599 -39.04 -15.66 -34.58
N GLN D 600 -38.75 -14.37 -34.76
CA GLN D 600 -38.80 -13.42 -33.66
C GLN D 600 -40.18 -12.79 -33.52
N VAL D 601 -40.67 -12.15 -34.59
CA VAL D 601 -42.00 -11.56 -34.63
C VAL D 601 -42.86 -12.25 -35.68
N GLY D 602 -42.32 -12.45 -36.87
CA GLY D 602 -43.04 -13.06 -37.97
C GLY D 602 -43.99 -12.15 -38.70
N PHE D 603 -44.06 -10.86 -38.31
CA PHE D 603 -44.96 -9.89 -38.93
C PHE D 603 -44.16 -8.60 -39.17
N THR D 604 -43.53 -8.52 -40.33
CA THR D 604 -42.86 -7.31 -40.77
C THR D 604 -43.91 -6.28 -41.18
N PRO D 605 -43.50 -5.06 -41.53
CA PRO D 605 -44.49 -4.08 -42.03
C PRO D 605 -45.26 -4.57 -43.25
N ASP D 606 -44.63 -5.39 -44.09
CA ASP D 606 -45.31 -6.08 -45.18
C ASP D 606 -45.73 -7.47 -44.69
N GLY D 607 -46.24 -8.31 -45.58
CA GLY D 607 -46.73 -9.61 -45.19
C GLY D 607 -45.68 -10.66 -44.92
N LYS D 608 -44.40 -10.31 -45.05
CA LYS D 608 -43.32 -11.27 -44.85
C LYS D 608 -43.06 -11.49 -43.36
N ASP D 609 -42.40 -12.61 -43.07
CA ASP D 609 -41.97 -12.96 -41.72
C ASP D 609 -40.53 -12.49 -41.54
N ASP D 610 -39.90 -12.89 -40.43
CA ASP D 610 -38.52 -12.50 -40.14
C ASP D 610 -37.83 -13.57 -39.31
N TYR D 611 -36.54 -13.76 -39.57
CA TYR D 611 -35.68 -14.64 -38.78
C TYR D 611 -34.39 -13.90 -38.50
N ARG D 612 -33.95 -13.92 -37.24
CA ARG D 612 -33.01 -12.94 -36.73
C ARG D 612 -31.69 -13.50 -36.20
N TRP D 613 -31.50 -14.81 -36.19
CA TRP D 613 -30.26 -15.44 -35.69
C TRP D 613 -29.92 -14.94 -34.28
N CYS D 614 -30.77 -15.33 -33.34
CA CYS D 614 -30.77 -14.76 -32.00
C CYS D 614 -29.82 -15.52 -31.05
N PHE D 615 -29.72 -14.99 -29.84
CA PHE D 615 -28.90 -15.53 -28.76
C PHE D 615 -29.73 -15.55 -27.49
N ARG D 616 -29.80 -16.71 -26.84
CA ARG D 616 -30.65 -16.91 -25.67
C ARG D 616 -29.88 -16.63 -24.39
N VAL D 617 -30.46 -15.83 -23.50
CA VAL D 617 -29.85 -15.49 -22.22
C VAL D 617 -30.92 -15.60 -21.15
N ASP D 618 -30.75 -16.55 -20.23
CA ASP D 618 -31.69 -16.68 -19.12
C ASP D 618 -31.37 -15.68 -18.02
N GLU D 619 -32.38 -15.37 -17.21
CA GLU D 619 -32.20 -14.41 -16.12
C GLU D 619 -33.20 -14.71 -15.02
N VAL D 620 -32.85 -14.31 -13.81
CA VAL D 620 -33.69 -14.48 -12.63
C VAL D 620 -33.79 -13.13 -11.92
N ASN D 621 -35.00 -12.77 -11.50
CA ASN D 621 -35.23 -11.51 -10.79
C ASN D 621 -36.34 -11.73 -9.78
N TRP D 622 -36.03 -11.50 -8.50
CA TRP D 622 -36.98 -11.73 -7.42
C TRP D 622 -37.83 -10.50 -7.09
N THR D 623 -37.57 -9.35 -7.71
CA THR D 623 -38.37 -8.15 -7.48
C THR D 623 -39.62 -8.16 -8.37
N THR D 624 -40.48 -9.14 -8.12
CA THR D 624 -41.71 -9.31 -8.88
C THR D 624 -42.77 -9.98 -8.01
N LYS E 83 -16.91 70.17 19.97
CA LYS E 83 -16.18 69.43 18.93
C LYS E 83 -15.34 68.32 19.55
N GLN E 84 -14.67 68.63 20.65
CA GLN E 84 -13.79 67.66 21.30
C GLN E 84 -14.54 66.60 22.09
N PHE E 85 -15.79 66.88 22.49
CA PHE E 85 -16.55 65.89 23.25
C PHE E 85 -16.83 64.65 22.41
N VAL E 86 -17.38 64.84 21.20
CA VAL E 86 -17.69 63.71 20.35
C VAL E 86 -16.43 63.04 19.80
N ASN E 87 -15.32 63.76 19.70
CA ASN E 87 -14.07 63.24 19.15
C ASN E 87 -13.05 62.88 20.22
N ALA E 88 -13.50 62.61 21.44
CA ALA E 88 -12.61 62.13 22.47
C ALA E 88 -12.07 60.74 22.10
N SER E 89 -10.82 60.49 22.46
CA SER E 89 -10.16 59.26 22.08
C SER E 89 -9.11 58.89 23.12
N TYR E 90 -8.73 57.62 23.11
CA TYR E 90 -7.68 57.13 24.01
C TYR E 90 -6.33 57.73 23.62
N THR E 91 -5.54 58.08 24.64
CA THR E 91 -4.19 58.60 24.44
C THR E 91 -3.10 57.59 24.78
N ASP E 92 -3.41 56.55 25.54
CA ASP E 92 -2.41 55.53 25.86
C ASP E 92 -1.97 54.80 24.60
N SER E 93 -0.71 54.38 24.59
CA SER E 93 -0.13 53.77 23.40
C SER E 93 -0.81 52.45 23.05
N TYR E 94 -1.38 51.76 24.03
CA TYR E 94 -2.00 50.47 23.76
C TYR E 94 -3.29 50.64 22.97
N TYR E 95 -4.12 51.62 23.34
CA TYR E 95 -5.40 51.90 22.69
C TYR E 95 -5.37 53.19 21.89
N LYS E 96 -4.19 53.71 21.55
CA LYS E 96 -4.05 55.03 20.96
C LYS E 96 -4.93 55.20 19.72
N GLY E 97 -5.74 56.27 19.72
CA GLY E 97 -6.57 56.62 18.60
C GLY E 97 -7.97 56.04 18.61
N GLN E 98 -8.25 55.08 19.48
CA GLN E 98 -9.60 54.51 19.55
C GLN E 98 -10.58 55.58 20.02
N THR E 99 -11.71 55.68 19.32
CA THR E 99 -12.73 56.68 19.61
C THR E 99 -14.11 56.03 19.56
N ALA E 100 -15.15 56.86 19.72
CA ALA E 100 -16.50 56.33 19.85
C ALA E 100 -16.97 55.62 18.59
N LEU E 101 -16.53 56.08 17.41
CA LEU E 101 -16.93 55.42 16.17
C LEU E 101 -16.43 53.98 16.12
N HIS E 102 -15.17 53.75 16.49
CA HIS E 102 -14.63 52.40 16.48
C HIS E 102 -15.36 51.52 17.48
N ILE E 103 -15.69 52.05 18.65
CA ILE E 103 -16.41 51.26 19.66
C ILE E 103 -17.81 50.92 19.17
N ALA E 104 -18.50 51.90 18.57
CA ALA E 104 -19.85 51.67 18.08
C ALA E 104 -19.86 50.60 16.99
N ILE E 105 -18.89 50.66 16.07
CA ILE E 105 -18.85 49.66 15.00
C ILE E 105 -18.49 48.30 15.58
N GLU E 106 -17.61 48.26 16.57
CA GLU E 106 -17.26 47.00 17.24
C GLU E 106 -18.50 46.35 17.85
N ARG E 107 -19.34 47.14 18.52
CA ARG E 107 -20.50 46.61 19.21
C ARG E 107 -21.67 46.31 18.28
N ARG E 108 -21.54 46.60 16.98
CA ARG E 108 -22.63 46.41 16.01
C ARG E 108 -23.86 47.21 16.42
N ASN E 109 -23.64 48.47 16.79
CA ASN E 109 -24.68 49.39 17.24
C ASN E 109 -24.78 50.51 16.20
N MET E 110 -25.76 50.39 15.30
CA MET E 110 -25.91 51.39 14.24
C MET E 110 -26.36 52.74 14.79
N THR E 111 -27.17 52.74 15.86
CA THR E 111 -27.69 53.99 16.40
C THR E 111 -26.57 54.89 16.87
N LEU E 112 -25.59 54.33 17.59
CA LEU E 112 -24.46 55.12 18.06
C LEU E 112 -23.65 55.67 16.89
N VAL E 113 -23.45 54.86 15.85
CA VAL E 113 -22.71 55.33 14.68
C VAL E 113 -23.43 56.52 14.04
N THR E 114 -24.74 56.40 13.86
CA THR E 114 -25.51 57.48 13.23
C THR E 114 -25.46 58.74 14.09
N LEU E 115 -25.63 58.59 15.40
CA LEU E 115 -25.61 59.77 16.28
C LEU E 115 -24.22 60.41 16.30
N LEU E 116 -23.16 59.60 16.31
CA LEU E 116 -21.81 60.15 16.30
C LEU E 116 -21.54 60.90 15.01
N VAL E 117 -21.96 60.36 13.87
CA VAL E 117 -21.76 61.06 12.60
C VAL E 117 -22.57 62.35 12.58
N GLU E 118 -23.80 62.31 13.07
CA GLU E 118 -24.63 63.51 13.12
C GLU E 118 -24.03 64.57 14.04
N ASN E 119 -23.34 64.16 15.11
CA ASN E 119 -22.77 65.10 16.06
C ASN E 119 -21.41 65.65 15.64
N GLY E 120 -20.92 65.29 14.45
CA GLY E 120 -19.66 65.81 13.96
C GLY E 120 -18.45 64.97 14.27
N ALA E 121 -18.62 63.67 14.51
CA ALA E 121 -17.48 62.80 14.74
C ALA E 121 -16.62 62.71 13.48
N ASP E 122 -15.30 62.72 13.68
CA ASP E 122 -14.36 62.65 12.56
C ASP E 122 -14.21 61.21 12.13
N VAL E 123 -14.68 60.89 10.92
CA VAL E 123 -14.62 59.51 10.42
C VAL E 123 -13.21 59.07 10.05
N GLN E 124 -12.24 59.98 10.06
CA GLN E 124 -10.85 59.66 9.72
C GLN E 124 -9.99 59.41 10.94
N ALA E 125 -10.58 59.28 12.12
CA ALA E 125 -9.82 58.97 13.32
C ALA E 125 -9.14 57.62 13.16
N ALA E 126 -7.82 57.60 13.33
CA ALA E 126 -7.00 56.41 13.09
C ALA E 126 -6.67 55.74 14.42
N ALA E 127 -7.01 54.45 14.53
CA ALA E 127 -6.73 53.66 15.73
C ALA E 127 -5.30 53.14 15.64
N ASN E 128 -4.36 54.01 16.02
CA ASN E 128 -2.94 53.74 15.88
C ASN E 128 -2.33 53.03 17.08
N GLY E 129 -3.15 52.50 17.99
CA GLY E 129 -2.63 51.81 19.14
C GLY E 129 -1.89 50.53 18.76
N ASP E 130 -0.99 50.11 19.65
CA ASP E 130 -0.22 48.90 19.40
C ASP E 130 -1.11 47.66 19.33
N PHE E 131 -2.25 47.67 20.03
CA PHE E 131 -3.16 46.53 19.98
C PHE E 131 -3.76 46.37 18.59
N PHE E 132 -3.95 47.47 17.86
CA PHE E 132 -4.55 47.42 16.54
C PHE E 132 -3.55 47.11 15.43
N LYS E 133 -2.29 47.52 15.60
CA LYS E 133 -1.27 47.20 14.62
C LYS E 133 -0.90 45.72 14.70
N LYS E 134 -0.30 45.22 13.63
CA LYS E 134 0.10 43.82 13.55
C LYS E 134 1.06 43.45 14.67
N PRO E 139 -0.50 39.74 21.32
CA PRO E 139 -1.91 39.74 20.93
C PRO E 139 -2.30 41.00 20.15
N GLY E 140 -3.36 40.90 19.35
CA GLY E 140 -3.81 42.03 18.57
C GLY E 140 -4.76 41.59 17.48
N PHE E 141 -5.21 42.57 16.72
CA PHE E 141 -6.14 42.33 15.62
C PHE E 141 -6.01 43.48 14.63
N TYR E 142 -5.50 43.18 13.43
CA TYR E 142 -5.24 44.19 12.42
C TYR E 142 -6.41 44.25 11.43
N PHE E 143 -6.96 45.44 11.25
CA PHE E 143 -8.08 45.64 10.33
C PHE E 143 -7.97 46.95 9.56
N GLY E 144 -6.84 47.64 9.57
CA GLY E 144 -6.76 48.99 9.05
C GLY E 144 -7.26 49.97 10.08
N GLU E 145 -6.63 51.13 10.21
CA GLU E 145 -6.86 51.98 11.38
C GLU E 145 -8.12 52.83 11.29
N LEU E 146 -8.86 52.82 10.12
CA LEU E 146 -10.00 53.69 9.94
C LEU E 146 -11.32 52.96 10.16
N PRO E 147 -12.38 53.64 10.60
CA PRO E 147 -13.65 52.92 10.87
C PRO E 147 -14.28 52.31 9.64
N LEU E 148 -14.04 52.85 8.44
CA LEU E 148 -14.59 52.24 7.24
C LEU E 148 -14.00 50.85 7.02
N SER E 149 -12.69 50.70 7.23
CA SER E 149 -12.06 49.39 7.13
C SER E 149 -12.58 48.45 8.20
N LEU E 150 -12.87 48.98 9.39
CA LEU E 150 -13.43 48.15 10.46
C LEU E 150 -14.80 47.61 10.08
N ALA E 151 -15.67 48.50 9.58
CA ALA E 151 -17.00 48.06 9.17
C ALA E 151 -16.93 47.06 8.02
N ALA E 152 -16.02 47.30 7.06
CA ALA E 152 -15.86 46.34 5.97
C ALA E 152 -15.35 44.99 6.47
N CYS E 153 -14.38 45.00 7.39
CA CYS E 153 -13.78 43.77 7.86
C CYS E 153 -14.67 42.99 8.82
N THR E 154 -15.64 43.65 9.46
CA THR E 154 -16.53 43.00 10.41
C THR E 154 -17.86 42.56 9.79
N ASN E 155 -17.99 42.63 8.46
CA ASN E 155 -19.18 42.17 7.75
C ASN E 155 -20.41 42.98 8.13
N GLN E 156 -20.27 44.32 8.06
CA GLN E 156 -21.34 45.26 8.32
C GLN E 156 -21.48 46.16 7.09
N LEU E 157 -22.29 45.72 6.12
CA LEU E 157 -22.45 46.43 4.86
C LEU E 157 -23.17 47.76 5.04
N ALA E 158 -24.18 47.80 5.91
CA ALA E 158 -24.94 49.02 6.11
C ALA E 158 -24.07 50.14 6.64
N ILE E 159 -23.10 49.82 7.50
CA ILE E 159 -22.27 50.87 8.07
C ILE E 159 -21.34 51.47 7.02
N VAL E 160 -20.73 50.64 6.17
CA VAL E 160 -19.88 51.18 5.12
C VAL E 160 -20.70 52.02 4.14
N LYS E 161 -21.91 51.56 3.81
CA LYS E 161 -22.76 52.34 2.91
C LYS E 161 -23.09 53.70 3.53
N PHE E 162 -23.48 53.71 4.81
CA PHE E 162 -23.79 54.96 5.49
C PHE E 162 -22.57 55.87 5.55
N LEU E 163 -21.42 55.32 5.96
CA LEU E 163 -20.21 56.11 6.13
C LEU E 163 -19.80 56.77 4.82
N LEU E 164 -19.95 56.05 3.70
CA LEU E 164 -19.62 56.65 2.41
C LEU E 164 -20.68 57.65 1.96
N GLN E 165 -21.95 57.40 2.27
CA GLN E 165 -23.06 58.16 1.70
C GLN E 165 -23.81 59.04 2.70
N ASN E 166 -23.29 59.25 3.90
CA ASN E 166 -23.97 60.14 4.83
C ASN E 166 -23.80 61.59 4.40
N SER E 167 -24.71 62.44 4.86
CA SER E 167 -24.75 63.84 4.44
C SER E 167 -23.84 64.75 5.27
N TRP E 168 -23.38 64.31 6.43
CA TRP E 168 -22.66 65.17 7.37
C TRP E 168 -21.15 65.07 7.23
N GLN E 169 -20.62 63.88 7.01
CA GLN E 169 -19.18 63.66 6.94
C GLN E 169 -18.90 62.40 6.12
N PRO E 170 -18.90 62.48 4.79
CA PRO E 170 -18.63 61.28 4.00
C PRO E 170 -17.20 60.81 4.14
N ALA E 171 -17.03 59.49 4.12
CA ALA E 171 -15.71 58.88 4.23
C ALA E 171 -15.02 58.87 2.88
N ASP E 172 -13.69 58.93 2.92
CA ASP E 172 -12.87 58.89 1.71
C ASP E 172 -12.55 57.43 1.38
N ILE E 173 -13.10 56.94 0.28
CA ILE E 173 -12.90 55.55 -0.11
C ILE E 173 -11.44 55.24 -0.44
N SER E 174 -10.65 56.26 -0.79
CA SER E 174 -9.24 56.10 -1.11
C SER E 174 -8.32 56.43 0.06
N ALA E 175 -8.85 56.49 1.29
CA ALA E 175 -8.03 56.81 2.44
C ALA E 175 -6.95 55.75 2.64
N ARG E 176 -5.85 56.17 3.29
CA ARG E 176 -4.66 55.38 3.44
C ARG E 176 -4.36 55.15 4.91
N ASP E 177 -3.84 53.96 5.21
CA ASP E 177 -3.42 53.60 6.55
C ASP E 177 -1.96 54.00 6.74
N SER E 178 -1.44 53.75 7.96
CA SER E 178 -0.05 54.10 8.25
C SER E 178 0.93 53.30 7.41
N VAL E 179 0.57 52.09 7.00
CA VAL E 179 1.43 51.24 6.18
C VAL E 179 1.12 51.39 4.68
N GLY E 180 0.28 52.35 4.30
CA GLY E 180 -0.10 52.55 2.92
C GLY E 180 -1.32 51.77 2.48
N ASN E 181 -1.83 50.87 3.31
CA ASN E 181 -2.97 50.05 2.92
C ASN E 181 -4.25 50.87 2.89
N THR E 182 -5.18 50.43 2.05
CA THR E 182 -6.53 50.95 1.97
C THR E 182 -7.51 49.81 2.27
N VAL E 183 -8.79 50.05 2.02
CA VAL E 183 -9.83 49.09 2.40
C VAL E 183 -9.62 47.76 1.68
N LEU E 184 -9.26 47.80 0.39
CA LEU E 184 -9.07 46.56 -0.35
C LEU E 184 -7.88 45.78 0.17
N HIS E 185 -6.78 46.46 0.49
CA HIS E 185 -5.64 45.77 1.08
C HIS E 185 -6.00 45.17 2.43
N ALA E 186 -6.80 45.89 3.23
CA ALA E 186 -7.28 45.34 4.49
C ALA E 186 -8.13 44.09 4.28
N LEU E 187 -9.02 44.13 3.28
CA LEU E 187 -9.86 42.96 3.01
C LEU E 187 -9.04 41.77 2.58
N VAL E 188 -8.01 42.00 1.75
CA VAL E 188 -7.12 40.92 1.37
C VAL E 188 -6.38 40.39 2.59
N GLU E 189 -5.93 41.29 3.47
CA GLU E 189 -5.10 40.91 4.60
C GLU E 189 -5.84 39.97 5.56
N VAL E 190 -7.12 40.26 5.84
CA VAL E 190 -7.84 39.50 6.87
C VAL E 190 -8.27 38.11 6.42
N ALA E 191 -8.12 37.78 5.14
CA ALA E 191 -8.58 36.48 4.67
C ALA E 191 -7.65 35.37 5.16
N ASP E 192 -8.26 34.20 5.42
CA ASP E 192 -7.53 33.00 5.84
C ASP E 192 -7.87 31.77 5.02
N ASN E 193 -8.48 31.94 3.84
CA ASN E 193 -8.71 30.88 2.87
C ASN E 193 -9.67 29.79 3.35
N THR E 194 -10.47 30.07 4.38
CA THR E 194 -11.55 29.17 4.77
C THR E 194 -12.80 29.48 3.93
N VAL E 195 -13.78 28.58 4.02
CA VAL E 195 -14.96 28.66 3.13
C VAL E 195 -15.79 29.90 3.46
N ASP E 196 -16.18 30.05 4.73
CA ASP E 196 -17.04 31.16 5.12
C ASP E 196 -16.32 32.49 5.01
N ASN E 197 -15.04 32.52 5.38
CA ASN E 197 -14.25 33.73 5.22
C ASN E 197 -14.11 34.10 3.76
N THR E 198 -13.91 33.10 2.89
CA THR E 198 -13.83 33.38 1.45
C THR E 198 -15.12 34.00 0.94
N LYS E 199 -16.27 33.44 1.34
CA LYS E 199 -17.55 34.01 0.92
C LYS E 199 -17.71 35.44 1.41
N PHE E 200 -17.40 35.69 2.68
CA PHE E 200 -17.57 37.03 3.24
C PHE E 200 -16.67 38.03 2.54
N VAL E 201 -15.39 37.69 2.37
CA VAL E 201 -14.44 38.62 1.77
C VAL E 201 -14.83 38.90 0.32
N THR E 202 -15.24 37.87 -0.42
CA THR E 202 -15.65 38.07 -1.81
C THR E 202 -16.85 39.01 -1.90
N SER E 203 -17.87 38.77 -1.08
CA SER E 203 -19.07 39.60 -1.15
C SER E 203 -18.76 41.05 -0.80
N MET E 204 -18.04 41.26 0.31
CA MET E 204 -17.74 42.63 0.73
C MET E 204 -16.86 43.34 -0.28
N TYR E 205 -15.87 42.64 -0.84
CA TYR E 205 -15.00 43.22 -1.85
C TYR E 205 -15.81 43.66 -3.06
N ASN E 206 -16.69 42.79 -3.56
CA ASN E 206 -17.47 43.12 -4.75
C ASN E 206 -18.36 44.34 -4.50
N GLU E 207 -19.07 44.34 -3.36
CA GLU E 207 -20.00 45.45 -3.10
C GLU E 207 -19.26 46.77 -2.94
N ILE E 208 -18.12 46.75 -2.23
CA ILE E 208 -17.37 47.99 -2.06
C ILE E 208 -16.83 48.48 -3.40
N LEU E 209 -16.34 47.57 -4.24
CA LEU E 209 -15.82 48.01 -5.53
C LEU E 209 -16.93 48.61 -6.39
N ILE E 210 -18.13 48.03 -6.37
CA ILE E 210 -19.23 48.56 -7.17
C ILE E 210 -19.60 49.96 -6.67
N LEU E 211 -19.74 50.13 -5.35
CA LEU E 211 -20.11 51.44 -4.83
C LEU E 211 -19.02 52.47 -5.10
N GLY E 212 -17.75 52.06 -4.99
CA GLY E 212 -16.66 52.97 -5.32
C GLY E 212 -16.69 53.39 -6.78
N ALA E 213 -16.99 52.44 -7.67
CA ALA E 213 -17.11 52.78 -9.09
C ALA E 213 -18.24 53.76 -9.32
N LYS E 214 -19.34 53.61 -8.58
CA LYS E 214 -20.46 54.53 -8.77
C LYS E 214 -20.15 55.92 -8.22
N LEU E 215 -19.54 56.01 -7.05
CA LEU E 215 -19.30 57.31 -6.43
C LEU E 215 -18.24 58.11 -7.17
N HIS E 216 -17.17 57.45 -7.60
CA HIS E 216 -16.03 58.10 -8.26
C HIS E 216 -15.69 57.33 -9.53
N PRO E 217 -16.44 57.56 -10.62
CA PRO E 217 -16.18 56.80 -11.86
C PRO E 217 -14.78 56.99 -12.41
N THR E 218 -14.12 58.11 -12.14
CA THR E 218 -12.79 58.39 -12.65
C THR E 218 -11.67 57.94 -11.72
N LEU E 219 -11.99 57.30 -10.60
CA LEU E 219 -10.98 56.87 -9.64
C LEU E 219 -10.49 55.48 -10.01
N LYS E 220 -9.17 55.34 -10.12
CA LYS E 220 -8.53 54.04 -10.32
C LYS E 220 -8.22 53.43 -8.95
N LEU E 221 -9.28 52.91 -8.33
CA LEU E 221 -9.17 52.46 -6.94
C LEU E 221 -8.20 51.29 -6.79
N GLU E 222 -8.21 50.36 -7.74
CA GLU E 222 -7.37 49.18 -7.64
C GLU E 222 -5.89 49.46 -7.91
N GLU E 223 -5.54 50.65 -8.40
CA GLU E 223 -4.17 50.98 -8.71
C GLU E 223 -3.42 51.61 -7.54
N ILE E 224 -4.08 51.80 -6.39
CA ILE E 224 -3.40 52.39 -5.24
C ILE E 224 -2.49 51.34 -4.62
N THR E 225 -1.23 51.71 -4.42
CA THR E 225 -0.21 50.82 -3.88
C THR E 225 0.19 51.26 -2.47
N ASN E 226 0.49 50.28 -1.63
CA ASN E 226 0.93 50.54 -0.26
C ASN E 226 2.41 50.89 -0.28
N ARG E 227 3.03 50.97 0.90
CA ARG E 227 4.43 51.35 1.00
C ARG E 227 5.35 50.37 0.28
N LYS E 228 4.96 49.10 0.21
CA LYS E 228 5.76 48.09 -0.49
C LYS E 228 5.52 48.07 -1.99
N GLY E 229 4.63 48.92 -2.51
CA GLY E 229 4.37 48.95 -3.94
C GLY E 229 3.47 47.87 -4.44
N LEU E 230 2.65 47.27 -3.58
CA LEU E 230 1.80 46.15 -3.95
C LEU E 230 0.36 46.62 -4.14
N THR E 231 -0.25 46.22 -5.25
CA THR E 231 -1.68 46.36 -5.45
C THR E 231 -2.41 45.23 -4.75
N PRO E 232 -3.73 45.34 -4.58
CA PRO E 232 -4.46 44.23 -3.92
C PRO E 232 -4.28 42.88 -4.59
N LEU E 233 -4.22 42.84 -5.92
CA LEU E 233 -3.98 41.58 -6.61
C LEU E 233 -2.56 41.08 -6.34
N ALA E 234 -1.58 41.97 -6.40
CA ALA E 234 -0.21 41.58 -6.11
C ALA E 234 -0.06 41.11 -4.67
N LEU E 235 -0.72 41.80 -3.73
CA LEU E 235 -0.67 41.38 -2.34
C LEU E 235 -1.32 40.02 -2.15
N ALA E 236 -2.46 39.80 -2.78
CA ALA E 236 -3.14 38.51 -2.67
C ALA E 236 -2.28 37.39 -3.23
N ALA E 237 -1.62 37.63 -4.37
CA ALA E 237 -0.74 36.61 -4.94
C ALA E 237 0.48 36.38 -4.07
N SER E 238 1.04 37.45 -3.49
CA SER E 238 2.24 37.31 -2.69
C SER E 238 1.97 36.55 -1.40
N SER E 239 0.84 36.83 -0.74
CA SER E 239 0.53 36.19 0.52
C SER E 239 -0.02 34.78 0.36
N GLY E 240 -0.28 34.32 -0.87
CA GLY E 240 -0.80 32.99 -1.09
C GLY E 240 -2.27 32.82 -0.77
N LYS E 241 -3.03 33.91 -0.76
CA LYS E 241 -4.46 33.85 -0.46
C LYS E 241 -5.22 33.54 -1.74
N ILE E 242 -5.20 32.24 -2.09
CA ILE E 242 -5.75 31.77 -3.35
C ILE E 242 -7.24 32.04 -3.45
N GLY E 243 -7.95 32.06 -2.32
CA GLY E 243 -9.38 32.28 -2.35
C GLY E 243 -9.76 33.62 -2.95
N VAL E 244 -8.94 34.64 -2.72
CA VAL E 244 -9.19 35.97 -3.27
C VAL E 244 -8.63 36.10 -4.68
N LEU E 245 -7.47 35.48 -4.94
CA LEU E 245 -6.89 35.52 -6.27
C LEU E 245 -7.82 34.87 -7.30
N ALA E 246 -8.40 33.72 -6.96
CA ALA E 246 -9.28 33.02 -7.89
C ALA E 246 -10.50 33.86 -8.21
N TYR E 247 -11.01 34.59 -7.22
CA TYR E 247 -12.13 35.49 -7.47
C TYR E 247 -11.71 36.65 -8.36
N ILE E 248 -10.59 37.30 -8.04
CA ILE E 248 -10.20 38.52 -8.75
C ILE E 248 -9.92 38.23 -10.21
N LEU E 249 -9.16 37.15 -10.49
CA LEU E 249 -8.77 36.87 -11.87
C LEU E 249 -9.97 36.53 -12.75
N GLN E 250 -11.07 36.05 -12.17
CA GLN E 250 -12.26 35.66 -12.90
C GLN E 250 -13.46 36.56 -12.60
N ARG E 251 -13.22 37.80 -12.19
CA ARG E 251 -14.29 38.71 -11.83
C ARG E 251 -15.19 38.98 -13.03
N GLU E 252 -16.51 38.95 -12.79
CA GLU E 252 -17.50 39.14 -13.84
C GLU E 252 -18.71 39.86 -13.27
N ILE E 253 -19.19 40.86 -13.99
CA ILE E 253 -20.39 41.61 -13.60
C ILE E 253 -21.07 42.13 -14.86
N HIS E 254 -22.41 42.11 -14.86
CA HIS E 254 -23.22 42.49 -16.00
C HIS E 254 -24.23 43.56 -15.61
N GLU E 255 -23.78 44.59 -14.85
CA GLU E 255 -24.60 45.72 -14.44
C GLU E 255 -24.24 46.96 -15.26
N PRO E 256 -25.18 47.89 -15.47
CA PRO E 256 -24.81 49.12 -16.20
C PRO E 256 -23.79 49.94 -15.43
N GLU E 257 -22.85 50.54 -16.18
CA GLU E 257 -21.78 51.35 -15.63
C GLU E 257 -20.86 50.57 -14.71
N CYS E 258 -20.86 49.23 -14.82
CA CYS E 258 -19.95 48.38 -14.05
C CYS E 258 -19.32 47.28 -14.88
N ARG E 259 -19.70 47.10 -16.15
CA ARG E 259 -19.12 46.03 -16.95
C ARG E 259 -17.63 46.24 -17.18
N HIS E 260 -17.14 47.48 -17.14
CA HIS E 260 -15.72 47.72 -17.31
C HIS E 260 -14.88 47.19 -16.16
N LEU E 261 -15.49 46.85 -15.03
CA LEU E 261 -14.75 46.26 -13.92
C LEU E 261 -14.48 44.77 -14.11
N SER E 262 -15.14 44.11 -15.06
CA SER E 262 -14.96 42.68 -15.26
C SER E 262 -13.59 42.40 -15.87
N ARG E 263 -13.09 41.19 -15.62
CA ARG E 263 -11.93 40.63 -16.30
C ARG E 263 -12.28 39.46 -17.21
N LYS E 264 -13.38 38.75 -16.92
CA LYS E 264 -13.87 37.66 -17.76
C LYS E 264 -15.05 38.17 -18.57
N PHE E 265 -14.97 38.02 -19.89
CA PHE E 265 -15.99 38.47 -20.83
C PHE E 265 -16.36 37.32 -21.75
N THR E 266 -17.31 37.57 -22.64
CA THR E 266 -17.71 36.63 -23.67
C THR E 266 -17.57 37.29 -25.04
N GLU E 267 -16.98 36.58 -25.99
CA GLU E 267 -16.78 37.09 -27.34
C GLU E 267 -17.91 36.68 -28.27
N TRP E 268 -18.26 35.39 -28.26
CA TRP E 268 -19.33 34.89 -29.11
C TRP E 268 -19.81 33.56 -28.55
N ALA E 269 -20.96 33.11 -29.05
CA ALA E 269 -21.52 31.85 -28.62
C ALA E 269 -22.26 31.20 -29.77
N TYR E 270 -22.33 29.87 -29.72
CA TYR E 270 -23.14 29.07 -30.61
C TYR E 270 -24.01 28.22 -29.70
N GLY E 271 -24.69 27.21 -30.22
CA GLY E 271 -25.66 26.48 -29.44
C GLY E 271 -25.08 25.83 -28.20
N PRO E 272 -24.20 24.84 -28.36
CA PRO E 272 -23.56 24.20 -27.21
C PRO E 272 -22.17 24.72 -26.86
N VAL E 273 -21.60 25.65 -27.64
CA VAL E 273 -20.22 26.09 -27.49
C VAL E 273 -20.20 27.61 -27.38
N HIS E 274 -19.30 28.12 -26.55
CA HIS E 274 -19.08 29.56 -26.44
C HIS E 274 -17.60 29.84 -26.27
N SER E 275 -17.21 31.08 -26.54
CA SER E 275 -15.82 31.51 -26.47
C SER E 275 -15.70 32.70 -25.54
N SER E 276 -15.02 32.51 -24.41
CA SER E 276 -14.74 33.58 -23.46
C SER E 276 -13.34 34.12 -23.69
N LEU E 277 -13.05 35.26 -23.07
CA LEU E 277 -11.74 35.87 -23.19
C LEU E 277 -11.42 36.61 -21.89
N TYR E 278 -10.25 36.29 -21.33
CA TYR E 278 -9.83 36.82 -20.04
C TYR E 278 -8.88 38.00 -20.24
N ASP E 279 -9.04 39.02 -19.44
CA ASP E 279 -8.10 40.14 -19.42
C ASP E 279 -6.87 39.72 -18.62
N LEU E 280 -5.72 39.65 -19.28
CA LEU E 280 -4.47 39.29 -18.64
C LEU E 280 -3.58 40.51 -18.37
N SER E 281 -4.15 41.71 -18.34
CA SER E 281 -3.37 42.88 -17.97
C SER E 281 -2.81 42.73 -16.57
N CYS E 282 -1.52 43.05 -16.42
CA CYS E 282 -0.78 42.98 -15.16
C CYS E 282 -0.53 41.54 -14.70
N ILE E 283 -0.56 40.57 -15.61
CA ILE E 283 -0.12 39.21 -15.34
C ILE E 283 1.23 38.93 -16.00
N ASP E 284 1.37 39.30 -17.28
CA ASP E 284 2.60 38.99 -18.01
C ASP E 284 3.67 40.05 -17.78
N THR E 285 3.32 41.33 -17.90
CA THR E 285 4.28 42.42 -17.78
C THR E 285 3.67 43.56 -16.96
N CYS E 286 4.41 44.03 -15.95
CA CYS E 286 4.08 45.24 -15.20
C CYS E 286 5.25 46.20 -15.13
N GLU E 287 6.46 45.67 -15.09
CA GLU E 287 7.74 46.34 -14.80
C GLU E 287 7.91 46.67 -13.32
N LYS E 288 6.92 46.41 -12.47
CA LYS E 288 7.09 46.52 -11.02
C LYS E 288 6.85 45.19 -10.33
N ASN E 289 5.66 44.60 -10.51
CA ASN E 289 5.32 43.36 -9.80
C ASN E 289 4.16 42.69 -10.54
N SER E 290 4.45 41.61 -11.26
CA SER E 290 3.44 40.84 -11.99
C SER E 290 3.08 39.58 -11.22
N VAL E 291 1.94 38.98 -11.60
CA VAL E 291 1.44 37.80 -10.90
C VAL E 291 2.35 36.60 -11.13
N LEU E 292 2.76 36.37 -12.38
CA LEU E 292 3.62 35.23 -12.66
C LEU E 292 4.96 35.37 -11.97
N GLU E 293 5.52 36.59 -11.97
CA GLU E 293 6.81 36.79 -11.32
C GLU E 293 6.70 36.66 -9.80
N VAL E 294 5.66 37.25 -9.21
CA VAL E 294 5.54 37.22 -7.76
C VAL E 294 5.21 35.82 -7.25
N ILE E 295 4.53 35.00 -8.06
CA ILE E 295 4.31 33.60 -7.67
C ILE E 295 5.56 32.77 -7.87
N ALA E 296 6.17 32.87 -9.06
CA ALA E 296 7.28 32.00 -9.41
C ALA E 296 8.49 32.25 -8.52
N TYR E 297 8.81 33.52 -8.25
CA TYR E 297 10.00 33.89 -7.50
C TYR E 297 9.70 34.16 -6.02
N SER E 298 8.69 33.51 -5.47
CA SER E 298 8.36 33.70 -4.06
C SER E 298 9.46 33.09 -3.17
N SER E 299 9.39 33.43 -1.88
CA SER E 299 10.40 33.01 -0.92
C SER E 299 10.30 31.54 -0.51
N SER E 300 9.26 30.84 -0.93
CA SER E 300 8.89 29.46 -0.57
C SER E 300 8.23 29.39 0.81
N GLU E 301 8.09 30.50 1.52
CA GLU E 301 7.26 30.54 2.72
C GLU E 301 5.77 30.60 2.39
N THR E 302 5.41 31.04 1.18
CA THR E 302 4.02 31.18 0.79
C THR E 302 3.32 29.82 0.85
N PRO E 303 2.21 29.66 1.59
CA PRO E 303 1.61 28.31 1.70
C PRO E 303 1.19 27.67 0.39
N ASN E 304 0.47 28.40 -0.47
CA ASN E 304 -0.20 27.82 -1.64
C ASN E 304 0.53 28.14 -2.94
N ARG E 305 1.85 28.30 -2.90
CA ARG E 305 2.58 28.62 -4.12
C ARG E 305 2.50 27.51 -5.17
N HIS E 306 2.23 26.27 -4.74
CA HIS E 306 2.03 25.18 -5.70
C HIS E 306 0.65 25.21 -6.32
N ASP E 307 -0.35 25.71 -5.60
CA ASP E 307 -1.74 25.63 -6.04
C ASP E 307 -2.18 26.85 -6.83
N MET E 308 -1.53 28.00 -6.65
CA MET E 308 -1.98 29.22 -7.31
C MET E 308 -1.87 29.12 -8.83
N LEU E 309 -0.93 28.33 -9.34
CA LEU E 309 -0.80 28.18 -10.78
C LEU E 309 -1.89 27.34 -11.41
N LEU E 310 -2.78 26.73 -10.63
CA LEU E 310 -3.86 25.92 -11.17
C LEU E 310 -5.11 26.73 -11.47
N VAL E 311 -5.12 28.04 -11.23
CA VAL E 311 -6.29 28.86 -11.49
C VAL E 311 -6.54 28.91 -12.99
N GLU E 312 -7.71 29.40 -13.38
CA GLU E 312 -8.23 29.15 -14.73
C GLU E 312 -7.36 29.73 -15.84
N PRO E 313 -6.98 31.02 -15.82
CA PRO E 313 -6.25 31.57 -16.97
C PRO E 313 -4.77 31.18 -17.02
N LEU E 314 -4.09 31.03 -15.88
CA LEU E 314 -2.64 30.80 -15.93
C LEU E 314 -2.31 29.40 -16.43
N ASN E 315 -3.15 28.43 -16.08
CA ASN E 315 -2.88 27.04 -16.47
C ASN E 315 -2.80 26.89 -17.98
N ARG E 316 -3.65 27.62 -18.71
CA ARG E 316 -3.58 27.62 -20.17
C ARG E 316 -2.62 28.66 -20.72
N LEU E 317 -2.41 29.78 -20.02
CA LEU E 317 -1.45 30.77 -20.51
C LEU E 317 -0.04 30.19 -20.57
N LEU E 318 0.38 29.49 -19.51
CA LEU E 318 1.72 28.91 -19.52
C LEU E 318 1.85 27.83 -20.58
N GLN E 319 0.81 27.01 -20.76
CA GLN E 319 0.88 25.97 -21.79
C GLN E 319 0.95 26.57 -23.18
N ASP E 320 0.19 27.65 -23.42
CA ASP E 320 0.28 28.35 -24.70
C ASP E 320 1.68 28.88 -24.92
N LYS E 321 2.27 29.49 -23.89
CA LYS E 321 3.63 30.02 -24.03
C LYS E 321 4.62 28.90 -24.30
N TRP E 322 4.44 27.75 -23.66
CA TRP E 322 5.34 26.61 -23.91
C TRP E 322 5.21 26.12 -25.34
N ASP E 323 3.98 25.92 -25.82
CA ASP E 323 3.78 25.41 -27.16
C ASP E 323 4.13 26.43 -28.23
N ARG E 324 4.24 27.71 -27.88
CA ARG E 324 4.45 28.72 -28.91
C ARG E 324 5.90 28.79 -29.36
N PHE E 325 6.81 29.17 -28.46
CA PHE E 325 8.21 29.39 -28.82
C PHE E 325 9.22 28.77 -27.86
N VAL E 326 8.83 28.53 -26.61
CA VAL E 326 9.81 28.14 -25.59
C VAL E 326 10.31 26.71 -25.82
N LYS E 327 9.43 25.82 -26.30
CA LYS E 327 9.78 24.41 -26.44
C LYS E 327 10.98 24.21 -27.35
N ARG E 328 11.00 24.90 -28.50
CA ARG E 328 12.09 24.73 -29.45
C ARG E 328 13.40 25.26 -28.87
N ILE E 329 13.34 26.37 -28.13
CA ILE E 329 14.55 26.92 -27.51
C ILE E 329 15.09 25.95 -26.47
N PHE E 330 14.20 25.36 -25.66
CA PHE E 330 14.65 24.40 -24.66
C PHE E 330 15.32 23.20 -25.31
N TYR E 331 14.72 22.67 -26.37
CA TYR E 331 15.30 21.53 -27.06
C TYR E 331 16.64 21.89 -27.71
N PHE E 332 16.75 23.11 -28.25
CA PHE E 332 18.01 23.56 -28.83
C PHE E 332 19.11 23.60 -27.78
N ASN E 333 18.81 24.16 -26.60
CA ASN E 333 19.81 24.22 -25.54
C ASN E 333 20.20 22.83 -25.07
N PHE E 334 19.23 21.92 -25.00
CA PHE E 334 19.53 20.54 -24.62
C PHE E 334 20.48 19.89 -25.62
N PHE E 335 20.23 20.09 -26.92
CA PHE E 335 21.12 19.56 -27.96
C PHE E 335 22.53 20.13 -27.82
N VAL E 336 22.64 21.43 -27.58
CA VAL E 336 23.96 22.05 -27.45
C VAL E 336 24.70 21.48 -26.25
N TYR E 337 24.01 21.30 -25.12
CA TYR E 337 24.65 20.71 -23.96
C TYR E 337 25.11 19.29 -24.24
N CYS E 338 24.31 18.51 -24.97
CA CYS E 338 24.72 17.16 -25.36
C CYS E 338 26.01 17.19 -26.16
N LEU E 339 26.11 18.09 -27.13
CA LEU E 339 27.34 18.20 -27.92
C LEU E 339 28.52 18.59 -27.04
N TYR E 340 28.30 19.51 -26.10
CA TYR E 340 29.36 19.92 -25.19
C TYR E 340 29.88 18.74 -24.38
N MET E 341 28.96 17.93 -23.83
CA MET E 341 29.40 16.80 -23.02
C MET E 341 30.10 15.75 -23.87
N ILE E 342 29.67 15.54 -25.11
CA ILE E 342 30.36 14.58 -25.98
C ILE E 342 31.79 15.05 -26.24
N ILE E 343 31.96 16.34 -26.53
CA ILE E 343 33.30 16.86 -26.79
C ILE E 343 34.17 16.75 -25.54
N PHE E 344 33.62 17.10 -24.37
CA PHE E 344 34.39 17.02 -23.14
C PHE E 344 34.81 15.59 -22.85
N THR E 345 33.89 14.63 -23.01
CA THR E 345 34.21 13.23 -22.78
C THR E 345 35.28 12.74 -23.73
N ALA E 346 35.15 13.07 -25.01
CA ALA E 346 36.15 12.62 -25.98
C ALA E 346 37.52 13.22 -25.68
N ALA E 347 37.57 14.50 -25.33
CA ALA E 347 38.85 15.13 -25.02
C ALA E 347 39.48 14.52 -23.77
N ALA E 348 38.68 14.26 -22.73
CA ALA E 348 39.24 13.74 -21.49
C ALA E 348 39.69 12.29 -21.65
N TYR E 349 38.98 11.52 -22.48
CA TYR E 349 39.31 10.11 -22.67
C TYR E 349 40.72 9.93 -23.22
N TYR E 350 41.12 10.77 -24.19
CA TYR E 350 42.39 10.63 -24.89
C TYR E 350 43.47 11.55 -24.34
N ARG E 351 43.50 11.77 -23.03
CA ARG E 351 44.55 12.59 -22.46
C ARG E 351 45.90 11.88 -22.61
N PRO E 352 47.01 12.61 -22.65
CA PRO E 352 48.32 11.94 -22.65
C PRO E 352 48.61 11.31 -21.30
N VAL E 353 49.39 10.24 -21.33
CA VAL E 353 49.69 9.48 -20.12
C VAL E 353 50.97 9.98 -19.45
N GLU E 354 51.91 10.53 -20.21
CA GLU E 354 53.14 11.06 -19.62
C GLU E 354 52.83 12.27 -18.74
N GLY E 355 53.57 12.39 -17.65
CA GLY E 355 53.32 13.41 -16.65
C GLY E 355 53.96 14.74 -16.99
N LEU E 356 54.01 15.61 -15.97
CA LEU E 356 54.64 16.92 -16.06
C LEU E 356 53.97 17.82 -17.11
N PRO E 357 52.71 18.18 -16.93
CA PRO E 357 52.07 19.13 -17.85
C PRO E 357 52.68 20.51 -17.70
N PRO E 358 52.47 21.42 -18.66
CA PRO E 358 51.72 21.29 -19.92
C PRO E 358 52.46 20.46 -20.96
N TYR E 359 51.75 20.04 -21.99
CA TYR E 359 52.30 19.18 -23.04
C TYR E 359 52.34 19.94 -24.36
N LYS E 360 53.32 19.59 -25.18
CA LYS E 360 53.51 20.27 -26.46
C LYS E 360 52.52 19.74 -27.49
N LEU E 361 52.17 20.60 -28.43
CA LEU E 361 51.22 20.28 -29.49
C LEU E 361 51.98 19.66 -30.65
N LYS E 362 51.87 18.35 -30.82
CA LYS E 362 52.50 17.68 -31.93
C LYS E 362 51.80 18.06 -33.24
N ASN E 363 52.59 18.16 -34.31
CA ASN E 363 52.06 18.58 -35.61
C ASN E 363 51.40 17.40 -36.30
N THR E 364 50.23 17.03 -35.78
CA THR E 364 49.45 15.91 -36.32
C THR E 364 47.98 16.16 -36.04
N VAL E 365 47.14 15.54 -36.87
CA VAL E 365 45.71 15.85 -36.89
C VAL E 365 45.06 15.53 -35.55
N GLY E 366 45.38 14.36 -34.98
CA GLY E 366 44.76 13.94 -33.74
C GLY E 366 44.99 14.90 -32.59
N ASP E 367 46.19 15.45 -32.50
CA ASP E 367 46.50 16.37 -31.41
C ASP E 367 45.86 17.74 -31.63
N TYR E 368 45.72 18.17 -32.88
CA TYR E 368 44.96 19.40 -33.13
C TYR E 368 43.50 19.24 -32.71
N PHE E 369 42.89 18.09 -33.03
CA PHE E 369 41.52 17.86 -32.58
C PHE E 369 41.44 17.79 -31.06
N ARG E 370 42.42 17.14 -30.43
CA ARG E 370 42.44 17.04 -28.97
C ARG E 370 42.50 18.41 -28.31
N VAL E 371 43.42 19.27 -28.76
CA VAL E 371 43.55 20.58 -28.12
C VAL E 371 42.32 21.44 -28.42
N THR E 372 41.72 21.28 -29.61
CA THR E 372 40.46 21.97 -29.88
C THR E 372 39.39 21.56 -28.89
N GLY E 373 39.26 20.26 -28.63
CA GLY E 373 38.28 19.81 -27.65
C GLY E 373 38.54 20.36 -26.27
N GLU E 374 39.81 20.40 -25.86
CA GLU E 374 40.15 20.97 -24.56
C GLU E 374 39.74 22.44 -24.48
N ILE E 375 40.00 23.20 -25.55
CA ILE E 375 39.66 24.63 -25.56
C ILE E 375 38.15 24.80 -25.43
N LEU E 376 37.38 23.99 -26.17
CA LEU E 376 35.92 24.10 -26.08
C LEU E 376 35.42 23.77 -24.67
N SER E 377 36.01 22.74 -24.04
CA SER E 377 35.60 22.38 -22.68
C SER E 377 35.85 23.53 -21.71
N VAL E 378 37.02 24.17 -21.81
CA VAL E 378 37.31 25.27 -20.90
C VAL E 378 36.36 26.44 -21.15
N SER E 379 36.05 26.71 -22.42
CA SER E 379 35.09 27.76 -22.74
C SER E 379 33.74 27.50 -22.09
N GLY E 380 33.25 26.26 -22.18
CA GLY E 380 31.97 25.94 -21.55
C GLY E 380 32.00 26.12 -20.05
N GLY E 381 33.10 25.72 -19.41
CA GLY E 381 33.23 25.91 -17.98
C GLY E 381 33.15 27.38 -17.59
N VAL E 382 33.84 28.25 -18.34
CA VAL E 382 33.79 29.68 -18.06
C VAL E 382 32.36 30.20 -18.21
N TYR E 383 31.67 29.74 -19.27
CA TYR E 383 30.29 30.16 -19.49
C TYR E 383 29.39 29.83 -18.29
N PHE E 384 29.47 28.59 -17.80
CA PHE E 384 28.61 28.21 -16.68
C PHE E 384 28.98 28.98 -15.42
N PHE E 385 30.27 29.25 -15.22
CA PHE E 385 30.70 30.04 -14.07
C PHE E 385 30.03 31.42 -14.07
N PHE E 386 30.12 32.13 -15.21
CA PHE E 386 29.54 33.47 -15.25
C PHE E 386 28.02 33.43 -15.20
N ARG E 387 27.39 32.38 -15.75
CA ARG E 387 25.93 32.28 -15.64
C ARG E 387 25.50 32.10 -14.18
N GLY E 388 26.25 31.33 -13.40
CA GLY E 388 25.96 31.23 -11.98
C GLY E 388 26.07 32.59 -11.29
N ILE E 389 27.11 33.35 -11.62
CA ILE E 389 27.26 34.67 -11.00
C ILE E 389 26.08 35.57 -11.37
N GLN E 390 25.67 35.56 -12.64
CA GLN E 390 24.57 36.40 -13.10
C GLN E 390 23.21 35.85 -12.72
N TYR E 391 23.14 34.67 -12.12
CA TYR E 391 21.93 34.27 -11.43
C TYR E 391 21.90 34.89 -10.03
N PHE E 392 22.99 34.69 -9.27
CA PHE E 392 22.98 35.17 -7.88
C PHE E 392 22.82 36.69 -7.82
N LEU E 393 23.59 37.42 -8.64
CA LEU E 393 23.53 38.88 -8.57
C LEU E 393 22.19 39.41 -9.02
N GLN E 394 21.61 38.81 -10.07
CA GLN E 394 20.36 39.35 -10.62
C GLN E 394 19.17 39.04 -9.74
N ARG E 395 19.13 37.89 -9.07
CA ARG E 395 18.02 37.59 -8.17
C ARG E 395 18.28 37.99 -6.73
N ARG E 396 19.54 37.96 -6.28
CA ARG E 396 19.90 38.21 -4.89
C ARG E 396 19.09 37.34 -3.92
N PRO E 397 19.13 36.01 -4.07
CA PRO E 397 18.39 35.16 -3.15
C PRO E 397 19.03 35.12 -1.77
N SER E 398 18.20 34.89 -0.76
CA SER E 398 18.72 34.73 0.59
C SER E 398 19.46 33.39 0.70
N LEU E 399 20.34 33.31 1.70
CA LEU E 399 21.08 32.07 1.93
C LEU E 399 20.14 30.92 2.26
N LYS E 400 19.08 31.20 3.02
CA LYS E 400 18.10 30.16 3.33
C LYS E 400 17.40 29.66 2.06
N SER E 401 17.15 30.57 1.12
CA SER E 401 16.49 30.18 -0.14
C SER E 401 17.36 29.21 -0.93
N LEU E 402 18.67 29.45 -0.98
CA LEU E 402 19.55 28.59 -1.76
C LEU E 402 19.59 27.17 -1.22
N PHE E 403 19.60 27.01 0.11
CA PHE E 403 19.65 25.68 0.69
C PHE E 403 18.39 24.87 0.45
N VAL E 404 17.27 25.53 0.12
CA VAL E 404 15.99 24.86 -0.02
C VAL E 404 15.47 24.87 -1.46
N ASP E 405 15.98 25.73 -2.33
CA ASP E 405 15.45 25.84 -3.69
C ASP E 405 16.58 26.29 -4.61
N SER E 406 16.36 26.15 -5.91
CA SER E 406 17.35 26.47 -6.93
C SER E 406 18.63 25.66 -6.72
N TYR E 407 18.48 24.33 -6.73
CA TYR E 407 19.64 23.44 -6.59
C TYR E 407 20.42 23.31 -7.89
N SER E 408 19.73 23.30 -9.03
CA SER E 408 20.41 23.03 -10.29
C SER E 408 21.45 24.10 -10.60
N GLU E 409 21.16 25.36 -10.26
CA GLU E 409 22.14 26.42 -10.45
C GLU E 409 23.39 26.16 -9.62
N ILE E 410 23.21 25.66 -8.40
CA ILE E 410 24.34 25.35 -7.54
C ILE E 410 25.18 24.22 -8.14
N LEU E 411 24.52 23.17 -8.63
CA LEU E 411 25.26 22.04 -9.18
C LEU E 411 26.03 22.44 -10.45
N PHE E 412 25.41 23.23 -11.33
CA PHE E 412 26.14 23.69 -12.52
C PHE E 412 27.32 24.58 -12.13
N PHE E 413 27.13 25.43 -11.11
CA PHE E 413 28.21 26.28 -10.66
C PHE E 413 29.37 25.46 -10.09
N VAL E 414 29.07 24.42 -9.32
CA VAL E 414 30.11 23.57 -8.76
C VAL E 414 30.86 22.84 -9.87
N GLN E 415 30.14 22.38 -10.90
CA GLN E 415 30.79 21.79 -12.07
C GLN E 415 31.79 22.76 -12.68
N SER E 416 31.37 24.02 -12.88
CA SER E 416 32.28 25.00 -13.47
C SER E 416 33.47 25.29 -12.56
N LEU E 417 33.25 25.30 -11.24
CA LEU E 417 34.35 25.51 -10.31
C LEU E 417 35.39 24.40 -10.42
N PHE E 418 34.93 23.14 -10.52
CA PHE E 418 35.86 22.03 -10.69
C PHE E 418 36.65 22.18 -11.99
N MET E 419 35.98 22.60 -13.07
CA MET E 419 36.70 22.82 -14.33
C MET E 419 37.78 23.88 -14.17
N LEU E 420 37.47 24.99 -13.50
CA LEU E 420 38.46 26.05 -13.37
C LEU E 420 39.64 25.61 -12.50
N VAL E 421 39.38 24.87 -11.44
CA VAL E 421 40.47 24.35 -10.61
C VAL E 421 41.33 23.40 -11.43
N SER E 422 40.70 22.60 -12.31
CA SER E 422 41.48 21.74 -13.20
C SER E 422 42.40 22.56 -14.09
N VAL E 423 41.90 23.68 -14.64
CA VAL E 423 42.74 24.53 -15.48
C VAL E 423 43.94 25.06 -14.70
N VAL E 424 43.67 25.57 -13.49
CA VAL E 424 44.74 26.15 -12.67
C VAL E 424 45.80 25.10 -12.35
N LEU E 425 45.36 23.90 -11.98
CA LEU E 425 46.33 22.84 -11.70
C LEU E 425 47.08 22.42 -12.94
N TYR E 426 46.42 22.44 -14.10
CA TYR E 426 47.10 22.07 -15.34
C TYR E 426 48.25 23.00 -15.63
N PHE E 427 48.02 24.30 -15.57
CA PHE E 427 49.10 25.23 -15.91
C PHE E 427 50.11 25.43 -14.79
N SER E 428 49.85 24.89 -13.59
CA SER E 428 50.82 24.93 -12.50
C SER E 428 51.75 23.72 -12.47
N GLN E 429 51.71 22.85 -13.48
CA GLN E 429 52.61 21.69 -13.59
C GLN E 429 52.30 20.61 -12.55
N ARG E 430 51.04 20.50 -12.14
CA ARG E 430 50.59 19.45 -11.24
C ARG E 430 49.80 18.40 -12.00
N LYS E 431 50.04 17.13 -11.67
CA LYS E 431 49.28 16.04 -12.26
C LYS E 431 47.89 15.90 -11.65
N GLU E 432 47.71 16.36 -10.41
CA GLU E 432 46.45 16.20 -9.71
C GLU E 432 45.29 16.93 -10.37
N TYR E 433 45.55 17.75 -11.40
CA TYR E 433 44.47 18.33 -12.19
C TYR E 433 43.54 17.25 -12.72
N VAL E 434 44.06 16.05 -13.01
CA VAL E 434 43.21 14.97 -13.48
C VAL E 434 42.11 14.69 -12.48
N ALA E 435 42.47 14.66 -11.19
CA ALA E 435 41.48 14.36 -10.15
C ALA E 435 40.34 15.36 -10.17
N SER E 436 40.63 16.62 -10.50
CA SER E 436 39.54 17.58 -10.63
C SER E 436 38.70 17.31 -11.87
N MET E 437 39.36 17.08 -13.01
CA MET E 437 38.67 17.02 -14.29
C MET E 437 37.65 15.91 -14.29
N VAL E 438 38.03 14.74 -13.77
CA VAL E 438 37.14 13.60 -13.72
C VAL E 438 35.89 13.94 -12.91
N PHE E 439 36.05 14.62 -11.78
CA PHE E 439 34.87 15.01 -11.01
C PHE E 439 33.97 15.91 -11.84
N SER E 440 34.55 16.89 -12.54
CA SER E 440 33.75 17.76 -13.40
C SER E 440 33.05 16.96 -14.47
N LEU E 441 33.68 15.87 -14.93
CA LEU E 441 33.01 14.99 -15.87
C LEU E 441 31.92 14.19 -15.18
N ALA E 442 32.20 13.65 -14.00
CA ALA E 442 31.33 12.64 -13.41
C ALA E 442 29.97 13.23 -13.05
N MET E 443 29.95 14.44 -12.50
CA MET E 443 28.70 15.12 -12.24
C MET E 443 28.16 15.82 -13.49
N GLY E 444 29.03 16.11 -14.46
CA GLY E 444 28.56 16.75 -15.68
C GLY E 444 27.53 15.92 -16.42
N TRP E 445 27.67 14.59 -16.36
CA TRP E 445 26.65 13.72 -16.92
C TRP E 445 25.40 13.70 -16.05
N THR E 446 25.58 13.70 -14.73
CA THR E 446 24.42 13.61 -13.83
C THR E 446 23.48 14.79 -14.01
N ASN E 447 24.03 15.97 -14.26
CA ASN E 447 23.21 17.16 -14.47
C ASN E 447 22.36 17.07 -15.74
N MET E 448 22.54 16.02 -16.56
CA MET E 448 21.60 15.77 -17.65
C MET E 448 20.17 15.63 -17.13
N LEU E 449 20.00 15.18 -15.88
CA LEU E 449 18.66 15.08 -15.31
C LEU E 449 17.93 16.41 -15.31
N TYR E 450 18.66 17.52 -15.28
CA TYR E 450 18.02 18.84 -15.33
C TYR E 450 17.09 18.95 -16.54
N TYR E 451 17.47 18.35 -17.66
CA TYR E 451 16.68 18.49 -18.88
C TYR E 451 15.52 17.51 -18.96
N THR E 452 15.23 16.76 -17.88
CA THR E 452 14.03 15.91 -17.92
C THR E 452 12.75 16.73 -17.85
N ARG E 453 12.81 17.97 -17.35
CA ARG E 453 11.63 18.82 -17.35
C ARG E 453 11.29 19.22 -18.79
N GLY E 454 10.01 19.53 -19.00
CA GLY E 454 9.46 19.71 -20.33
C GLY E 454 8.83 18.44 -20.84
N PHE E 455 9.44 17.29 -20.50
CA PHE E 455 8.86 15.99 -20.79
C PHE E 455 7.97 15.58 -19.63
N GLN E 456 6.69 15.33 -19.91
CA GLN E 456 5.72 15.09 -18.86
C GLN E 456 6.08 13.85 -18.03
N GLN E 457 6.49 12.77 -18.70
CA GLN E 457 6.65 11.50 -18.00
C GLN E 457 7.91 11.47 -17.15
N MET E 458 9.03 11.96 -17.68
CA MET E 458 10.31 11.89 -16.97
C MET E 458 10.42 12.94 -15.86
N GLY E 459 9.79 14.10 -16.05
CA GLY E 459 9.94 15.17 -15.08
C GLY E 459 9.41 14.81 -13.72
N ILE E 460 8.25 14.15 -13.68
CA ILE E 460 7.67 13.73 -12.40
C ILE E 460 8.57 12.69 -11.73
N TYR E 461 9.13 11.78 -12.52
CA TYR E 461 10.07 10.79 -11.97
C TYR E 461 11.27 11.47 -11.34
N ALA E 462 11.84 12.46 -12.03
CA ALA E 462 12.97 13.20 -11.49
C ALA E 462 12.58 13.97 -10.23
N VAL E 463 11.38 14.55 -10.23
CA VAL E 463 10.91 15.28 -9.05
C VAL E 463 10.77 14.35 -7.86
N MET E 464 10.25 13.14 -8.10
CA MET E 464 10.17 12.15 -7.03
C MET E 464 11.55 11.80 -6.49
N ILE E 465 12.53 11.64 -7.38
CA ILE E 465 13.89 11.33 -6.92
C ILE E 465 14.40 12.45 -6.02
N GLU E 466 14.30 13.69 -6.50
CA GLU E 466 14.87 14.82 -5.76
C GLU E 466 14.15 15.02 -4.43
N LYS E 467 12.82 14.90 -4.43
CA LYS E 467 12.05 15.08 -3.22
C LYS E 467 12.38 14.01 -2.18
N MET E 468 12.50 12.75 -2.61
CA MET E 468 12.81 11.71 -1.64
C MET E 468 14.26 11.78 -1.17
N ILE E 469 15.17 12.30 -2.00
CA ILE E 469 16.55 12.52 -1.54
C ILE E 469 16.58 13.59 -0.47
N LEU E 470 15.94 14.73 -0.72
CA LEU E 470 16.06 15.84 0.21
C LEU E 470 15.21 15.64 1.46
N ARG E 471 14.09 14.93 1.36
CA ARG E 471 13.16 14.84 2.49
C ARG E 471 13.52 13.70 3.42
N ASP E 472 13.50 12.46 2.92
CA ASP E 472 13.50 11.28 3.79
C ASP E 472 14.89 10.72 4.05
N LEU E 473 15.72 10.58 3.03
CA LEU E 473 16.99 9.88 3.19
C LEU E 473 17.98 10.64 4.06
N CYS E 474 17.79 11.96 4.22
CA CYS E 474 18.75 12.75 4.99
C CYS E 474 18.63 12.54 6.50
N ARG E 475 17.55 11.91 6.98
CA ARG E 475 17.43 11.51 8.37
C ARG E 475 18.04 10.13 8.61
N PHE E 476 17.76 9.20 7.71
CA PHE E 476 18.37 7.88 7.77
C PHE E 476 19.87 7.97 7.66
N MET E 477 20.38 8.87 6.81
CA MET E 477 21.82 9.10 6.74
C MET E 477 22.39 9.44 8.11
N PHE E 478 21.77 10.38 8.83
CA PHE E 478 22.27 10.77 10.14
C PHE E 478 22.27 9.60 11.11
N VAL E 479 21.14 8.90 11.21
CA VAL E 479 21.01 7.80 12.16
C VAL E 479 22.02 6.70 11.84
N TYR E 480 22.08 6.30 10.57
CA TYR E 480 22.96 5.22 10.14
C TYR E 480 24.42 5.59 10.38
N LEU E 481 24.81 6.82 10.06
CA LEU E 481 26.20 7.21 10.23
C LEU E 481 26.62 7.22 11.69
N VAL E 482 25.73 7.70 12.58
CA VAL E 482 26.08 7.68 13.99
C VAL E 482 26.23 6.24 14.49
N PHE E 483 25.31 5.36 14.08
CA PHE E 483 25.38 3.96 14.46
C PHE E 483 26.66 3.30 13.95
N LEU E 484 27.00 3.57 12.69
CA LEU E 484 28.20 3.01 12.08
C LEU E 484 29.46 3.49 12.80
N PHE E 485 29.51 4.79 13.13
CA PHE E 485 30.67 5.32 13.85
C PHE E 485 30.83 4.64 15.19
N GLY E 486 29.72 4.46 15.92
CA GLY E 486 29.80 3.81 17.22
C GLY E 486 30.34 2.40 17.13
N PHE E 487 29.79 1.59 16.23
CA PHE E 487 30.25 0.21 16.14
C PHE E 487 31.66 0.12 15.57
N SER E 488 32.02 1.02 14.66
CA SER E 488 33.38 1.04 14.12
C SER E 488 34.39 1.33 15.21
N THR E 489 34.12 2.31 16.07
CA THR E 489 35.04 2.59 17.17
C THR E 489 35.12 1.42 18.13
N ALA E 490 34.00 0.74 18.40
CA ALA E 490 34.06 -0.43 19.27
C ALA E 490 34.95 -1.52 18.67
N VAL E 491 34.80 -1.78 17.38
CA VAL E 491 35.59 -2.83 16.73
C VAL E 491 37.08 -2.46 16.74
N VAL E 492 37.39 -1.19 16.43
CA VAL E 492 38.80 -0.76 16.45
C VAL E 492 39.38 -0.91 17.85
N THR E 493 38.61 -0.58 18.88
CA THR E 493 39.09 -0.75 20.24
C THR E 493 39.36 -2.22 20.56
N LEU E 494 38.48 -3.11 20.13
CA LEU E 494 38.63 -4.52 20.51
C LEU E 494 39.83 -5.16 19.81
N ILE E 495 39.96 -4.94 18.50
CA ILE E 495 41.00 -5.58 17.67
C ILE E 495 41.83 -4.45 17.07
N GLU E 496 43.06 -4.29 17.56
CA GLU E 496 43.90 -3.15 17.21
C GLU E 496 44.98 -3.48 16.20
N ASP E 497 44.89 -4.61 15.49
CA ASP E 497 45.94 -4.99 14.54
C ASP E 497 45.37 -5.85 13.42
N GLY E 498 45.49 -5.35 12.19
CA GLY E 498 45.23 -6.11 10.98
C GLY E 498 43.85 -5.86 10.43
N LYS E 499 43.75 -4.92 9.47
CA LYS E 499 42.52 -4.53 8.78
C LYS E 499 41.55 -3.77 9.68
N TYR E 500 41.86 -3.64 10.98
CA TYR E 500 41.03 -2.91 11.94
C TYR E 500 41.85 -2.01 12.83
N ASN E 501 43.12 -1.77 12.51
CA ASN E 501 43.94 -0.85 13.28
C ASN E 501 43.63 0.60 13.00
N SER E 502 42.84 0.90 11.96
CA SER E 502 42.48 2.26 11.59
C SER E 502 40.97 2.39 11.50
N LEU E 503 40.49 3.60 11.74
CA LEU E 503 39.04 3.86 11.71
C LEU E 503 38.51 3.85 10.28
N TYR E 504 39.29 4.35 9.32
CA TYR E 504 38.85 4.41 7.94
C TYR E 504 38.60 3.01 7.37
N SER E 505 39.57 2.11 7.54
CA SER E 505 39.41 0.76 7.04
C SER E 505 38.27 0.02 7.73
N THR E 506 38.14 0.20 9.05
CA THR E 506 37.05 -0.47 9.76
C THR E 506 35.70 0.03 9.28
N CYS E 507 35.58 1.35 9.05
CA CYS E 507 34.33 1.88 8.51
C CYS E 507 34.00 1.30 7.15
N LEU E 508 35.00 1.19 6.26
CA LEU E 508 34.73 0.61 4.94
C LEU E 508 34.33 -0.86 5.05
N GLU E 509 35.01 -1.61 5.92
CA GLU E 509 34.72 -3.03 6.06
C GLU E 509 33.33 -3.25 6.63
N LEU E 510 32.90 -2.38 7.54
CA LEU E 510 31.54 -2.49 8.06
C LEU E 510 30.51 -2.02 7.05
N PHE E 511 30.86 -1.03 6.22
CA PHE E 511 29.94 -0.58 5.17
C PHE E 511 29.67 -1.70 4.17
N LYS E 512 30.70 -2.48 3.84
CA LYS E 512 30.55 -3.55 2.85
C LYS E 512 29.40 -4.49 3.17
N PHE E 513 29.12 -4.72 4.46
CA PHE E 513 28.00 -5.58 4.83
C PHE E 513 26.67 -5.01 4.34
N THR E 514 26.52 -3.68 4.37
CA THR E 514 25.26 -3.05 3.98
C THR E 514 24.90 -3.35 2.53
N ILE E 515 25.90 -3.58 1.68
CA ILE E 515 25.69 -3.84 0.25
C ILE E 515 25.98 -5.30 -0.10
N GLY E 516 26.00 -6.20 0.89
CA GLY E 516 26.00 -7.62 0.62
C GLY E 516 27.34 -8.23 0.29
N MET E 517 28.45 -7.53 0.51
CA MET E 517 29.79 -8.01 0.19
C MET E 517 30.65 -8.11 1.44
N GLY E 518 30.10 -8.63 2.52
CA GLY E 518 30.80 -8.73 3.77
C GLY E 518 31.83 -9.85 3.77
N ASP E 519 32.43 -10.05 4.93
CA ASP E 519 33.44 -11.09 5.13
C ASP E 519 33.25 -11.66 6.53
N LEU E 520 32.59 -12.82 6.61
CA LEU E 520 32.40 -13.53 7.87
C LEU E 520 33.13 -14.87 7.80
N GLU E 521 34.35 -14.85 7.26
CA GLU E 521 35.15 -16.07 7.21
C GLU E 521 35.73 -16.40 8.58
N PHE E 522 36.19 -15.38 9.31
CA PHE E 522 36.77 -15.56 10.64
C PHE E 522 37.95 -16.52 10.61
N THR E 523 38.86 -16.30 9.65
CA THR E 523 40.06 -17.12 9.56
C THR E 523 41.16 -16.62 10.49
N GLU E 524 41.26 -15.31 10.69
CA GLU E 524 42.36 -14.75 11.46
C GLU E 524 42.22 -15.11 12.94
N ASN E 525 43.36 -15.37 13.58
CA ASN E 525 43.41 -15.74 14.99
C ASN E 525 43.57 -14.47 15.83
N TYR E 526 42.43 -13.85 16.13
CA TYR E 526 42.43 -12.68 16.99
C TYR E 526 42.39 -13.10 18.46
N ASP E 527 42.79 -12.16 19.33
CA ASP E 527 42.80 -12.43 20.76
C ASP E 527 41.40 -12.47 21.34
N PHE E 528 40.50 -11.62 20.85
CA PHE E 528 39.13 -11.49 21.35
C PHE E 528 38.11 -12.01 20.33
N LYS E 529 38.45 -13.08 19.62
CA LYS E 529 37.48 -13.76 18.79
C LYS E 529 36.41 -14.40 19.66
N ALA E 530 35.21 -14.52 19.11
CA ALA E 530 33.98 -14.96 19.80
C ALA E 530 33.38 -13.85 20.67
N VAL E 531 34.07 -12.73 20.83
CA VAL E 531 33.42 -11.46 21.14
C VAL E 531 33.21 -10.65 19.88
N PHE E 532 34.21 -10.67 18.99
CA PHE E 532 34.11 -10.04 17.68
C PHE E 532 32.89 -10.54 16.91
N ILE E 533 32.62 -11.85 17.00
CA ILE E 533 31.48 -12.43 16.30
C ILE E 533 30.18 -11.84 16.79
N ILE E 534 30.04 -11.67 18.11
CA ILE E 534 28.80 -11.14 18.67
C ILE E 534 28.59 -9.69 18.21
N LEU E 535 29.67 -8.89 18.20
CA LEU E 535 29.56 -7.51 17.73
C LEU E 535 29.14 -7.47 16.26
N LEU E 536 29.75 -8.29 15.41
CA LEU E 536 29.38 -8.27 14.00
C LEU E 536 27.93 -8.71 13.79
N LEU E 537 27.49 -9.75 14.49
CA LEU E 537 26.11 -10.20 14.32
C LEU E 537 25.12 -9.14 14.76
N ALA E 538 25.39 -8.49 15.90
CA ALA E 538 24.51 -7.43 16.38
C ALA E 538 24.46 -6.27 15.40
N TYR E 539 25.61 -5.87 14.87
CA TYR E 539 25.64 -4.78 13.89
C TYR E 539 24.81 -5.13 12.67
N VAL E 540 25.01 -6.34 12.12
CA VAL E 540 24.30 -6.72 10.91
C VAL E 540 22.80 -6.72 11.12
N ILE E 541 22.35 -7.32 12.24
CA ILE E 541 20.92 -7.43 12.49
C ILE E 541 20.30 -6.04 12.68
N LEU E 542 20.95 -5.18 13.46
CA LEU E 542 20.42 -3.84 13.67
C LEU E 542 20.39 -3.04 12.37
N THR E 543 21.41 -3.23 11.51
CA THR E 543 21.43 -2.54 10.23
C THR E 543 20.22 -2.93 9.37
N TYR E 544 19.94 -4.24 9.30
CA TYR E 544 18.80 -4.67 8.49
C TYR E 544 17.47 -4.24 9.10
N ILE E 545 17.38 -4.14 10.43
CA ILE E 545 16.17 -3.61 11.04
C ILE E 545 15.97 -2.14 10.65
N LEU E 546 17.04 -1.34 10.70
CA LEU E 546 16.94 0.07 10.30
C LEU E 546 16.52 0.20 8.85
N LEU E 547 17.11 -0.61 7.95
CA LEU E 547 16.76 -0.51 6.54
C LEU E 547 15.30 -0.87 6.30
N LEU E 548 14.83 -1.94 6.94
CA LEU E 548 13.44 -2.34 6.76
C LEU E 548 12.49 -1.25 7.26
N ASN E 549 12.80 -0.66 8.41
CA ASN E 549 11.96 0.42 8.93
C ASN E 549 11.94 1.61 8.00
N MET E 550 13.11 1.97 7.43
CA MET E 550 13.14 3.05 6.44
C MET E 550 12.23 2.74 5.26
N LEU E 551 12.33 1.51 4.75
CA LEU E 551 11.54 1.15 3.58
C LEU E 551 10.05 1.26 3.87
N ILE E 552 9.60 0.77 5.02
CA ILE E 552 8.18 0.83 5.32
C ILE E 552 7.72 2.26 5.57
N ALA E 553 8.56 3.06 6.24
CA ALA E 553 8.21 4.47 6.42
C ALA E 553 8.06 5.17 5.07
N LEU E 554 8.86 4.78 4.08
CA LEU E 554 8.69 5.29 2.72
C LEU E 554 7.44 4.72 2.04
N MET E 555 6.96 3.54 2.43
CA MET E 555 5.64 3.10 1.98
C MET E 555 4.54 3.92 2.63
N GLY E 556 4.83 4.56 3.74
CA GLY E 556 3.81 5.39 4.36
C GLY E 556 3.57 6.72 3.69
N GLU E 557 4.34 7.08 2.68
CA GLU E 557 4.21 8.34 1.95
C GLU E 557 3.56 8.19 0.58
N THR E 558 3.20 6.99 0.16
CA THR E 558 2.61 6.77 -1.16
C THR E 558 1.09 6.92 -1.18
N VAL E 559 0.46 7.19 -0.04
CA VAL E 559 -1.00 7.21 0.03
C VAL E 559 -1.48 8.61 -0.35
N ASN E 560 -1.57 8.88 -1.65
CA ASN E 560 -2.09 10.15 -2.17
C ASN E 560 -1.35 11.35 -1.59
N LYS E 561 -0.06 11.19 -1.33
CA LYS E 561 0.78 12.28 -0.82
C LYS E 561 1.85 12.65 -1.85
N ILE E 562 2.68 11.71 -2.30
CA ILE E 562 3.69 12.01 -3.30
C ILE E 562 3.04 12.26 -4.66
N ALA E 563 1.99 11.49 -4.99
CA ALA E 563 1.30 11.70 -6.26
C ALA E 563 0.68 13.09 -6.34
N GLN E 564 0.15 13.61 -5.23
CA GLN E 564 -0.47 14.93 -5.24
C GLN E 564 0.58 16.03 -5.26
N GLU E 565 1.65 15.89 -4.48
CA GLU E 565 2.72 16.87 -4.52
C GLU E 565 3.37 16.92 -5.89
N SER E 566 3.52 15.75 -6.53
CA SER E 566 4.03 15.68 -7.89
C SER E 566 2.99 16.20 -8.88
N LYS E 567 3.50 16.64 -10.03
CA LYS E 567 2.73 17.24 -11.14
C LYS E 567 2.26 18.66 -10.84
N ASN E 568 2.32 19.11 -9.57
CA ASN E 568 2.28 20.54 -9.28
C ASN E 568 3.68 21.12 -9.24
N ILE E 569 4.61 20.42 -8.56
CA ILE E 569 5.99 20.90 -8.49
C ILE E 569 6.61 20.93 -9.89
N TRP E 570 6.31 19.91 -10.69
CA TRP E 570 6.79 19.91 -12.08
C TRP E 570 6.26 21.10 -12.86
N LYS E 571 4.97 21.40 -12.71
CA LYS E 571 4.39 22.54 -13.41
C LYS E 571 5.03 23.84 -12.96
N LEU E 572 5.33 23.95 -11.66
CA LEU E 572 6.02 25.13 -11.16
C LEU E 572 7.41 25.25 -11.77
N GLN E 573 8.14 24.12 -11.88
CA GLN E 573 9.47 24.15 -12.48
C GLN E 573 9.39 24.59 -13.94
N ARG E 574 8.43 24.07 -14.69
CA ARG E 574 8.29 24.44 -16.08
C ARG E 574 7.90 25.91 -16.22
N ALA E 575 7.07 26.42 -15.29
CA ALA E 575 6.73 27.84 -15.30
C ALA E 575 7.97 28.70 -15.07
N ILE E 576 8.83 28.29 -14.13
CA ILE E 576 10.07 29.03 -13.89
C ILE E 576 10.94 29.02 -15.13
N THR E 577 11.04 27.86 -15.79
CA THR E 577 11.82 27.78 -17.03
C THR E 577 11.27 28.72 -18.09
N ILE E 578 9.94 28.75 -18.25
CA ILE E 578 9.32 29.60 -19.25
C ILE E 578 9.62 31.07 -18.97
N LEU E 579 9.47 31.47 -17.71
CA LEU E 579 9.71 32.87 -17.36
C LEU E 579 11.16 33.26 -17.59
N ASP E 580 12.10 32.38 -17.22
CA ASP E 580 13.51 32.67 -17.46
C ASP E 580 13.81 32.78 -18.95
N THR E 581 13.23 31.88 -19.76
CA THR E 581 13.46 31.92 -21.20
C THR E 581 12.93 33.21 -21.80
N GLU E 582 11.73 33.65 -21.39
CA GLU E 582 11.23 34.93 -21.87
C GLU E 582 12.14 36.07 -21.43
N LYS E 583 12.62 36.02 -20.19
CA LYS E 583 13.46 37.10 -19.69
C LYS E 583 14.76 37.23 -20.47
N SER E 584 15.38 36.10 -20.83
CA SER E 584 16.64 36.15 -21.57
C SER E 584 16.43 36.68 -22.98
N PHE E 585 15.47 36.09 -23.71
CA PHE E 585 14.89 36.46 -25.02
C PHE E 585 15.85 36.42 -26.21
N LEU E 586 17.16 36.44 -25.98
CA LEU E 586 18.21 36.01 -26.91
C LEU E 586 18.37 36.81 -28.20
N LYS E 587 17.37 37.60 -28.63
CA LYS E 587 17.39 38.23 -29.96
C LYS E 587 16.36 39.35 -30.05
N CYS E 588 16.10 40.05 -28.95
CA CYS E 588 15.05 41.08 -28.88
C CYS E 588 13.70 40.48 -29.32
N MET E 589 13.25 39.52 -28.52
CA MET E 589 12.00 38.82 -28.81
C MET E 589 10.81 39.73 -28.55
N ARG E 590 9.85 39.73 -29.48
CA ARG E 590 8.64 40.55 -29.38
C ARG E 590 7.36 39.72 -29.21
N LYS E 591 7.46 38.40 -29.02
CA LYS E 591 6.31 37.53 -28.90
C LYS E 591 5.85 37.36 -27.45
N ALA E 592 6.15 38.32 -26.58
CA ALA E 592 5.69 38.23 -25.20
C ALA E 592 4.18 38.41 -25.10
N PHE E 593 3.58 39.16 -26.02
CA PHE E 593 2.15 39.40 -26.01
C PHE E 593 1.40 38.31 -26.76
N ARG E 594 0.17 38.05 -26.32
CA ARG E 594 -0.58 36.88 -26.78
C ARG E 594 -1.43 37.17 -28.01
N SER E 595 -2.38 38.13 -27.90
CA SER E 595 -3.44 38.29 -28.88
C SER E 595 -3.62 39.71 -29.37
N GLY E 596 -2.62 40.57 -29.19
CA GLY E 596 -2.75 41.91 -29.72
C GLY E 596 -3.76 42.73 -28.92
N LYS E 597 -3.99 43.95 -29.40
CA LYS E 597 -4.90 44.89 -28.73
C LYS E 597 -6.33 44.61 -29.16
N LEU E 598 -6.91 43.57 -28.56
CA LEU E 598 -8.31 43.25 -28.80
C LEU E 598 -9.21 44.28 -28.11
N LEU E 599 -10.24 44.74 -28.84
CA LEU E 599 -11.18 45.69 -28.26
C LEU E 599 -12.07 44.99 -27.25
N GLN E 600 -12.12 45.52 -26.03
CA GLN E 600 -12.82 44.82 -24.96
C GLN E 600 -14.32 45.02 -25.05
N VAL E 601 -14.79 46.25 -24.81
CA VAL E 601 -16.19 46.62 -25.05
C VAL E 601 -16.30 47.96 -25.77
N GLY E 602 -15.26 48.77 -25.71
CA GLY E 602 -15.28 50.06 -26.38
C GLY E 602 -16.06 51.15 -25.68
N PHE E 603 -16.46 50.94 -24.42
CA PHE E 603 -17.24 51.91 -23.64
C PHE E 603 -16.58 52.11 -22.28
N THR E 604 -15.63 53.04 -22.22
CA THR E 604 -15.04 53.46 -20.97
C THR E 604 -16.00 54.40 -20.24
N PRO E 605 -15.69 54.81 -19.01
CA PRO E 605 -16.56 55.79 -18.34
C PRO E 605 -16.75 57.08 -19.12
N ASP E 606 -15.72 57.52 -19.84
CA ASP E 606 -15.82 58.62 -20.79
C ASP E 606 -16.08 58.02 -22.18
N GLY E 607 -16.04 58.84 -23.21
CA GLY E 607 -16.38 58.37 -24.54
C GLY E 607 -15.31 57.59 -25.26
N LYS E 608 -14.20 57.28 -24.59
CA LYS E 608 -13.10 56.54 -25.20
C LYS E 608 -13.39 55.05 -25.22
N ASP E 609 -12.62 54.34 -26.04
CA ASP E 609 -12.69 52.89 -26.14
C ASP E 609 -11.60 52.27 -25.26
N ASP E 610 -11.48 50.95 -25.30
CA ASP E 610 -10.52 50.24 -24.47
C ASP E 610 -10.04 48.98 -25.18
N TYR E 611 -8.76 48.65 -24.95
CA TYR E 611 -8.14 47.44 -25.46
C TYR E 611 -7.32 46.85 -24.33
N ARG E 612 -7.45 45.53 -24.09
CA ARG E 612 -6.97 44.92 -22.85
C ARG E 612 -6.15 43.64 -23.06
N TRP E 613 -5.70 43.35 -24.27
CA TRP E 613 -4.83 42.20 -24.54
C TRP E 613 -5.44 40.89 -24.01
N CYS E 614 -6.65 40.59 -24.48
CA CYS E 614 -7.39 39.47 -23.93
C CYS E 614 -6.89 38.14 -24.47
N PHE E 615 -6.98 37.11 -23.64
CA PHE E 615 -6.58 35.74 -23.98
C PHE E 615 -7.84 34.91 -24.18
N ARG E 616 -7.98 34.31 -25.36
CA ARG E 616 -9.20 33.62 -25.76
C ARG E 616 -9.18 32.17 -25.29
N VAL E 617 -10.35 31.64 -24.93
CA VAL E 617 -10.50 30.22 -24.62
C VAL E 617 -11.95 29.82 -24.89
N ASP E 618 -12.12 28.63 -25.46
CA ASP E 618 -13.42 28.10 -25.82
C ASP E 618 -13.87 27.05 -24.81
N GLU E 619 -15.19 26.98 -24.60
CA GLU E 619 -15.79 26.03 -23.67
C GLU E 619 -17.07 25.48 -24.28
N VAL E 620 -17.45 24.28 -23.82
CA VAL E 620 -18.64 23.57 -24.27
C VAL E 620 -19.49 23.24 -23.06
N ASN E 621 -20.79 23.50 -23.17
CA ASN E 621 -21.74 23.24 -22.10
C ASN E 621 -23.00 22.65 -22.70
N TRP E 622 -23.23 21.36 -22.47
CA TRP E 622 -24.38 20.65 -23.01
C TRP E 622 -25.62 20.74 -22.13
N THR E 623 -25.53 21.35 -20.94
CA THR E 623 -26.64 21.40 -20.00
C THR E 623 -27.43 22.70 -20.08
N THR E 624 -27.10 23.59 -21.01
CA THR E 624 -27.79 24.87 -21.15
C THR E 624 -28.33 25.04 -22.57
N ALA F 88 -38.28 -4.08 55.87
CA ALA F 88 -37.94 -5.45 55.48
C ALA F 88 -36.92 -5.44 54.34
N SER F 89 -36.00 -6.40 54.37
CA SER F 89 -34.97 -6.52 53.33
C SER F 89 -34.50 -7.96 53.26
N TYR F 90 -33.88 -8.30 52.13
CA TYR F 90 -33.32 -9.63 51.95
C TYR F 90 -32.08 -9.80 52.81
N THR F 91 -31.91 -11.00 53.36
CA THR F 91 -30.72 -11.38 54.11
C THR F 91 -29.82 -12.36 53.37
N ASP F 92 -30.29 -12.96 52.27
CA ASP F 92 -29.45 -13.84 51.48
C ASP F 92 -28.27 -13.06 50.91
N SER F 93 -27.10 -13.70 50.90
CA SER F 93 -25.87 -13.02 50.50
C SER F 93 -25.90 -12.57 49.04
N TYR F 94 -26.76 -13.15 48.21
CA TYR F 94 -26.83 -12.77 46.80
C TYR F 94 -27.67 -11.51 46.60
N TYR F 95 -28.75 -11.36 47.38
CA TYR F 95 -29.65 -10.21 47.29
C TYR F 95 -29.63 -9.34 48.53
N LYS F 96 -28.60 -9.48 49.38
CA LYS F 96 -28.58 -8.81 50.69
C LYS F 96 -28.77 -7.31 50.56
N GLY F 97 -29.68 -6.77 51.38
CA GLY F 97 -29.91 -5.34 51.45
C GLY F 97 -30.98 -4.81 50.51
N GLN F 98 -31.47 -5.61 49.57
CA GLN F 98 -32.50 -5.16 48.66
C GLN F 98 -33.80 -4.93 49.44
N THR F 99 -34.45 -3.81 49.17
CA THR F 99 -35.69 -3.43 49.86
C THR F 99 -36.66 -2.83 48.85
N ALA F 100 -37.78 -2.33 49.35
CA ALA F 100 -38.86 -1.87 48.48
C ALA F 100 -38.43 -0.68 47.63
N LEU F 101 -37.59 0.20 48.15
CA LEU F 101 -37.18 1.37 47.37
C LEU F 101 -36.37 0.98 46.14
N HIS F 102 -35.42 0.04 46.30
CA HIS F 102 -34.64 -0.42 45.15
C HIS F 102 -35.55 -1.09 44.12
N ILE F 103 -36.51 -1.88 44.58
CA ILE F 103 -37.42 -2.56 43.68
C ILE F 103 -38.28 -1.54 42.94
N ALA F 104 -38.76 -0.52 43.65
CA ALA F 104 -39.57 0.52 43.01
C ALA F 104 -38.77 1.28 41.97
N ILE F 105 -37.52 1.63 42.27
CA ILE F 105 -36.72 2.42 41.34
C ILE F 105 -36.38 1.61 40.10
N GLU F 106 -35.91 0.37 40.31
CA GLU F 106 -35.47 -0.43 39.17
C GLU F 106 -36.63 -0.81 38.25
N ARG F 107 -37.84 -0.91 38.80
CA ARG F 107 -39.02 -1.28 38.02
C ARG F 107 -39.71 -0.07 37.39
N ARG F 108 -39.09 1.11 37.42
CA ARG F 108 -39.62 2.30 36.76
C ARG F 108 -40.97 2.71 37.36
N ASN F 109 -41.02 2.79 38.68
CA ASN F 109 -42.22 3.17 39.42
C ASN F 109 -41.83 4.14 40.52
N MET F 110 -42.43 5.35 40.49
CA MET F 110 -42.15 6.39 41.47
C MET F 110 -43.28 6.64 42.44
N THR F 111 -44.51 6.22 42.12
CA THR F 111 -45.61 6.38 43.07
C THR F 111 -45.35 5.56 44.33
N LEU F 112 -44.86 4.32 44.16
CA LEU F 112 -44.54 3.50 45.31
C LEU F 112 -43.42 4.11 46.13
N VAL F 113 -42.49 4.82 45.49
CA VAL F 113 -41.43 5.51 46.22
C VAL F 113 -42.03 6.56 47.14
N THR F 114 -42.99 7.34 46.63
CA THR F 114 -43.66 8.33 47.45
C THR F 114 -44.40 7.68 48.61
N LEU F 115 -45.10 6.58 48.33
CA LEU F 115 -45.82 5.89 49.39
C LEU F 115 -44.85 5.35 50.45
N LEU F 116 -43.70 4.83 50.01
CA LEU F 116 -42.74 4.26 50.94
C LEU F 116 -42.11 5.33 51.82
N VAL F 117 -41.70 6.46 51.24
CA VAL F 117 -41.11 7.50 52.07
C VAL F 117 -42.16 8.11 52.98
N GLU F 118 -43.42 8.17 52.52
CA GLU F 118 -44.51 8.59 53.40
C GLU F 118 -44.64 7.68 54.61
N ASN F 119 -44.35 6.39 54.46
CA ASN F 119 -44.47 5.41 55.53
C ASN F 119 -43.18 5.23 56.33
N GLY F 120 -42.19 6.11 56.15
CA GLY F 120 -40.98 6.05 56.93
C GLY F 120 -39.90 5.11 56.42
N ALA F 121 -39.89 4.79 55.13
CA ALA F 121 -38.87 3.92 54.58
C ALA F 121 -37.50 4.56 54.70
N ASP F 122 -36.49 3.74 55.00
CA ASP F 122 -35.11 4.21 55.10
C ASP F 122 -34.57 4.43 53.70
N VAL F 123 -34.17 5.68 53.41
CA VAL F 123 -33.73 6.07 52.07
C VAL F 123 -32.22 5.95 51.90
N GLN F 124 -31.55 5.19 52.76
CA GLN F 124 -30.11 4.91 52.63
C GLN F 124 -29.84 3.43 52.86
N ALA F 125 -30.73 2.57 52.37
CA ALA F 125 -30.54 1.14 52.50
C ALA F 125 -29.37 0.69 51.63
N ALA F 126 -28.47 -0.09 52.22
CA ALA F 126 -27.25 -0.53 51.54
C ALA F 126 -27.51 -1.91 50.93
N ALA F 127 -27.55 -1.96 49.59
CA ALA F 127 -27.78 -3.22 48.87
C ALA F 127 -26.45 -3.97 48.79
N ASN F 128 -26.10 -4.61 49.91
CA ASN F 128 -24.78 -5.25 50.05
C ASN F 128 -24.71 -6.64 49.44
N GLY F 129 -25.75 -7.10 48.75
CA GLY F 129 -25.70 -8.41 48.14
C GLY F 129 -24.65 -8.49 47.04
N ASP F 130 -24.15 -9.71 46.82
CA ASP F 130 -23.12 -9.93 45.81
C ASP F 130 -23.62 -9.55 44.42
N PHE F 131 -24.93 -9.68 44.16
CA PHE F 131 -25.48 -9.34 42.86
C PHE F 131 -25.25 -7.87 42.50
N PHE F 132 -25.14 -6.99 43.48
CA PHE F 132 -25.00 -5.56 43.26
C PHE F 132 -23.54 -5.09 43.33
N LYS F 133 -22.58 -6.01 43.36
CA LYS F 133 -21.16 -5.68 43.41
C LYS F 133 -20.42 -6.32 42.25
N PRO F 139 -21.88 -12.69 37.69
CA PRO F 139 -22.63 -11.57 37.09
C PRO F 139 -23.11 -10.57 38.13
N GLY F 140 -23.69 -9.47 37.67
CA GLY F 140 -24.18 -8.45 38.58
C GLY F 140 -24.27 -7.11 37.89
N PHE F 141 -24.61 -6.10 38.69
CA PHE F 141 -24.73 -4.73 38.20
C PHE F 141 -24.41 -3.80 39.35
N TYR F 142 -23.27 -3.11 39.27
CA TYR F 142 -22.81 -2.22 40.33
C TYR F 142 -23.32 -0.81 40.06
N PHE F 143 -23.97 -0.22 41.05
CA PHE F 143 -24.43 1.15 40.98
C PHE F 143 -24.18 1.94 42.26
N GLY F 144 -23.59 1.34 43.29
CA GLY F 144 -23.41 2.00 44.57
C GLY F 144 -24.55 1.66 45.51
N GLU F 145 -24.22 1.28 46.74
CA GLU F 145 -25.23 0.78 47.68
C GLU F 145 -26.03 1.94 48.31
N LEU F 146 -26.79 2.63 47.45
CA LEU F 146 -27.65 3.74 47.86
C LEU F 146 -28.78 3.83 46.85
N PRO F 147 -30.04 4.02 47.28
CA PRO F 147 -31.12 4.17 46.29
C PRO F 147 -31.00 5.42 45.43
N LEU F 148 -30.41 6.50 45.95
CA LEU F 148 -30.18 7.69 45.14
C LEU F 148 -29.23 7.39 44.00
N SER F 149 -28.17 6.62 44.27
CA SER F 149 -27.25 6.21 43.22
C SER F 149 -27.96 5.34 42.18
N LEU F 150 -28.87 4.48 42.64
CA LEU F 150 -29.63 3.65 41.70
C LEU F 150 -30.49 4.52 40.79
N ALA F 151 -31.17 5.50 41.36
CA ALA F 151 -31.99 6.40 40.54
C ALA F 151 -31.14 7.20 39.57
N ALA F 152 -29.97 7.67 40.02
CA ALA F 152 -29.11 8.45 39.13
C ALA F 152 -28.56 7.59 38.00
N CYS F 153 -28.12 6.37 38.30
CA CYS F 153 -27.52 5.50 37.29
C CYS F 153 -28.53 4.97 36.29
N THR F 154 -29.82 4.93 36.65
CA THR F 154 -30.86 4.45 35.76
C THR F 154 -31.60 5.57 35.03
N ASN F 155 -31.08 6.81 35.10
CA ASN F 155 -31.62 7.93 34.35
C ASN F 155 -33.04 8.29 34.80
N GLN F 156 -33.28 8.21 36.12
CA GLN F 156 -34.57 8.58 36.71
C GLN F 156 -34.42 9.96 37.34
N LEU F 157 -34.60 10.98 36.51
CA LEU F 157 -34.40 12.37 36.95
C LEU F 157 -35.42 12.76 38.03
N ALA F 158 -36.70 12.41 37.82
CA ALA F 158 -37.73 12.78 38.77
C ALA F 158 -37.50 12.11 40.12
N ILE F 159 -37.02 10.87 40.12
CA ILE F 159 -36.82 10.18 41.39
C ILE F 159 -35.67 10.80 42.17
N VAL F 160 -34.56 11.15 41.51
CA VAL F 160 -33.46 11.79 42.25
C VAL F 160 -33.88 13.15 42.77
N LYS F 161 -34.63 13.93 41.97
CA LYS F 161 -35.11 15.21 42.46
C LYS F 161 -36.02 15.03 43.67
N PHE F 162 -36.93 14.04 43.61
CA PHE F 162 -37.80 13.74 44.74
C PHE F 162 -37.00 13.34 45.97
N LEU F 163 -36.06 12.40 45.80
CA LEU F 163 -35.30 11.87 46.93
C LEU F 163 -34.50 12.97 47.61
N LEU F 164 -33.96 13.91 46.83
CA LEU F 164 -33.21 15.00 47.43
C LEU F 164 -34.10 16.07 48.04
N GLN F 165 -35.29 16.30 47.48
CA GLN F 165 -36.12 17.45 47.84
C GLN F 165 -37.47 17.10 48.46
N ASN F 166 -37.76 15.83 48.75
CA ASN F 166 -39.03 15.51 49.39
C ASN F 166 -39.02 16.00 50.84
N SER F 167 -40.20 16.36 51.33
CA SER F 167 -40.32 16.91 52.67
C SER F 167 -40.22 15.85 53.75
N TRP F 168 -40.65 14.61 53.47
CA TRP F 168 -40.72 13.60 54.51
C TRP F 168 -39.33 13.17 54.98
N GLN F 169 -38.44 12.87 54.05
CA GLN F 169 -37.10 12.41 54.40
C GLN F 169 -36.15 12.65 53.23
N PRO F 170 -35.47 13.80 53.16
CA PRO F 170 -34.53 14.01 52.06
C PRO F 170 -33.30 13.11 52.20
N ALA F 171 -32.70 12.79 51.05
CA ALA F 171 -31.51 11.96 51.02
C ALA F 171 -30.26 12.82 51.22
N ASP F 172 -29.20 12.19 51.72
CA ASP F 172 -27.93 12.86 51.94
C ASP F 172 -27.12 12.78 50.66
N ILE F 173 -26.90 13.94 50.04
CA ILE F 173 -26.19 13.98 48.76
C ILE F 173 -24.73 13.58 48.91
N SER F 174 -24.16 13.66 50.11
CA SER F 174 -22.78 13.30 50.38
C SER F 174 -22.62 11.89 50.93
N ALA F 175 -23.67 11.07 50.87
CA ALA F 175 -23.61 9.72 51.41
C ALA F 175 -22.55 8.90 50.69
N ARG F 176 -21.92 7.98 51.43
CA ARG F 176 -20.84 7.14 50.94
C ARG F 176 -21.27 5.69 50.99
N ASP F 177 -21.00 4.97 49.91
CA ASP F 177 -21.37 3.56 49.81
C ASP F 177 -20.30 2.71 50.50
N SER F 178 -20.34 1.40 50.24
CA SER F 178 -19.45 0.47 50.93
C SER F 178 -17.98 0.70 50.60
N VAL F 179 -17.67 1.31 49.44
CA VAL F 179 -16.29 1.54 49.02
C VAL F 179 -15.94 3.02 49.04
N GLY F 180 -16.75 3.86 49.69
CA GLY F 180 -16.48 5.27 49.79
C GLY F 180 -16.93 6.10 48.60
N ASN F 181 -17.56 5.49 47.61
CA ASN F 181 -17.99 6.21 46.42
C ASN F 181 -19.30 6.96 46.69
N THR F 182 -19.40 8.15 46.09
CA THR F 182 -20.62 8.95 46.11
C THR F 182 -21.36 8.76 44.79
N VAL F 183 -22.41 9.57 44.59
CA VAL F 183 -23.21 9.47 43.37
C VAL F 183 -22.35 9.80 42.15
N LEU F 184 -21.48 10.80 42.27
CA LEU F 184 -20.67 11.20 41.12
C LEU F 184 -19.67 10.11 40.74
N HIS F 185 -19.08 9.45 41.74
CA HIS F 185 -18.19 8.33 41.46
C HIS F 185 -18.95 7.20 40.75
N ALA F 186 -20.17 6.93 41.19
CA ALA F 186 -21.00 5.94 40.50
C ALA F 186 -21.29 6.34 39.07
N LEU F 187 -21.56 7.63 38.83
CA LEU F 187 -21.79 8.09 37.47
C LEU F 187 -20.56 7.91 36.61
N VAL F 188 -19.39 8.19 37.17
CA VAL F 188 -18.14 7.97 36.43
C VAL F 188 -17.96 6.49 36.14
N GLU F 189 -18.27 5.63 37.11
CA GLU F 189 -18.02 4.20 36.97
C GLU F 189 -18.85 3.59 35.83
N VAL F 190 -20.12 3.99 35.71
CA VAL F 190 -21.01 3.37 34.73
C VAL F 190 -20.74 3.84 33.30
N ALA F 191 -19.83 4.79 33.10
CA ALA F 191 -19.53 5.25 31.75
C ALA F 191 -18.77 4.17 30.98
N ASP F 192 -19.06 4.08 29.67
CA ASP F 192 -18.36 3.16 28.79
C ASP F 192 -17.88 3.83 27.50
N ASN F 193 -17.82 5.16 27.47
CA ASN F 193 -17.25 5.92 26.36
C ASN F 193 -18.03 5.74 25.04
N THR F 194 -19.28 5.30 25.11
CA THR F 194 -20.18 5.31 23.98
C THR F 194 -20.90 6.66 23.90
N VAL F 195 -21.51 6.93 22.74
CA VAL F 195 -22.08 8.24 22.51
C VAL F 195 -23.28 8.48 23.43
N ASP F 196 -24.26 7.57 23.41
CA ASP F 196 -25.49 7.78 24.17
C ASP F 196 -25.25 7.73 25.67
N ASN F 197 -24.39 6.81 26.13
CA ASN F 197 -24.11 6.71 27.55
C ASN F 197 -23.30 7.91 28.03
N THR F 198 -22.38 8.41 27.21
CA THR F 198 -21.65 9.62 27.56
C THR F 198 -22.59 10.81 27.68
N LYS F 199 -23.54 10.95 26.74
CA LYS F 199 -24.52 12.03 26.83
C LYS F 199 -25.34 11.93 28.11
N PHE F 200 -25.83 10.72 28.43
CA PHE F 200 -26.63 10.53 29.64
C PHE F 200 -25.83 10.87 30.88
N VAL F 201 -24.60 10.36 30.97
CA VAL F 201 -23.79 10.59 32.16
C VAL F 201 -23.49 12.07 32.32
N THR F 202 -23.16 12.75 31.22
CA THR F 202 -22.87 14.18 31.29
C THR F 202 -24.07 14.97 31.79
N SER F 203 -25.25 14.70 31.22
CA SER F 203 -26.44 15.44 31.61
C SER F 203 -26.77 15.22 33.08
N MET F 204 -26.76 13.95 33.52
CA MET F 204 -27.10 13.66 34.90
C MET F 204 -26.06 14.25 35.86
N TYR F 205 -24.78 14.18 35.50
CA TYR F 205 -23.72 14.75 36.33
C TYR F 205 -23.93 16.24 36.51
N ASN F 206 -24.18 16.96 35.41
CA ASN F 206 -24.37 18.41 35.50
C ASN F 206 -25.57 18.76 36.36
N GLU F 207 -26.70 18.09 36.12
CA GLU F 207 -27.91 18.41 36.87
C GLU F 207 -27.74 18.14 38.36
N ILE F 208 -27.13 17.01 38.71
CA ILE F 208 -26.95 16.69 40.12
C ILE F 208 -25.99 17.67 40.78
N LEU F 209 -24.92 18.05 40.08
CA LEU F 209 -23.98 19.00 40.67
C LEU F 209 -24.66 20.35 40.92
N ILE F 210 -25.47 20.82 39.97
CA ILE F 210 -26.15 22.10 40.16
C ILE F 210 -27.13 22.03 41.32
N LEU F 211 -27.92 20.96 41.39
CA LEU F 211 -28.87 20.84 42.50
C LEU F 211 -28.15 20.73 43.84
N GLY F 212 -27.05 19.97 43.89
CA GLY F 212 -26.29 19.88 45.13
C GLY F 212 -25.73 21.22 45.55
N ALA F 213 -25.23 22.00 44.60
CA ALA F 213 -24.74 23.34 44.92
C ALA F 213 -25.87 24.21 45.47
N LYS F 214 -27.08 24.09 44.90
CA LYS F 214 -28.18 24.91 45.38
C LYS F 214 -28.62 24.49 46.78
N LEU F 215 -28.70 23.19 47.04
CA LEU F 215 -29.20 22.73 48.34
C LEU F 215 -28.18 22.95 49.45
N HIS F 216 -26.90 22.77 49.15
CA HIS F 216 -25.82 22.88 50.14
C HIS F 216 -24.72 23.76 49.55
N PRO F 217 -24.88 25.09 49.61
CA PRO F 217 -23.86 25.97 49.01
C PRO F 217 -22.48 25.83 49.62
N THR F 218 -22.37 25.36 50.87
CA THR F 218 -21.09 25.23 51.53
C THR F 218 -20.44 23.86 51.34
N LEU F 219 -21.06 22.96 50.56
CA LEU F 219 -20.54 21.63 50.35
C LEU F 219 -19.69 21.60 49.08
N LYS F 220 -18.42 21.21 49.23
CA LYS F 220 -17.53 20.99 48.08
C LYS F 220 -17.67 19.53 47.67
N LEU F 221 -18.71 19.27 46.87
CA LEU F 221 -19.10 17.89 46.58
C LEU F 221 -18.02 17.15 45.80
N GLU F 222 -17.37 17.82 44.85
CA GLU F 222 -16.40 17.14 43.99
C GLU F 222 -15.11 16.78 44.72
N GLU F 223 -14.86 17.32 45.91
CA GLU F 223 -13.63 17.05 46.63
C GLU F 223 -13.69 15.79 47.49
N ILE F 224 -14.84 15.13 47.57
CA ILE F 224 -14.95 13.93 48.40
C ILE F 224 -14.24 12.78 47.72
N THR F 225 -13.36 12.11 48.44
CA THR F 225 -12.55 11.00 47.92
C THR F 225 -13.06 9.68 48.49
N ASN F 226 -12.88 8.62 47.71
CA ASN F 226 -13.26 7.29 48.12
C ASN F 226 -12.14 6.66 48.94
N ARG F 227 -12.24 5.36 49.22
CA ARG F 227 -11.22 4.68 50.01
C ARG F 227 -9.85 4.75 49.36
N LYS F 228 -9.78 4.74 48.03
CA LYS F 228 -8.51 4.84 47.34
C LYS F 228 -7.95 6.25 47.30
N GLY F 229 -8.71 7.25 47.76
CA GLY F 229 -8.23 8.62 47.74
C GLY F 229 -8.42 9.33 46.42
N LEU F 230 -9.36 8.89 45.59
CA LEU F 230 -9.56 9.43 44.26
C LEU F 230 -10.82 10.29 44.23
N THR F 231 -10.70 11.49 43.66
CA THR F 231 -11.85 12.33 43.35
C THR F 231 -12.49 11.84 42.05
N PRO F 232 -13.71 12.28 41.74
CA PRO F 232 -14.33 11.86 40.47
C PRO F 232 -13.50 12.16 39.24
N LEU F 233 -12.81 13.30 39.21
CA LEU F 233 -11.93 13.61 38.07
C LEU F 233 -10.74 12.66 38.04
N ALA F 234 -10.12 12.43 39.19
CA ALA F 234 -8.98 11.51 39.25
C ALA F 234 -9.41 10.09 38.87
N LEU F 235 -10.58 9.65 39.34
CA LEU F 235 -11.07 8.33 38.98
C LEU F 235 -11.35 8.24 37.48
N ALA F 236 -11.97 9.28 36.91
CA ALA F 236 -12.27 9.27 35.48
C ALA F 236 -10.99 9.22 34.66
N ALA F 237 -9.97 9.99 35.05
CA ALA F 237 -8.71 9.97 34.32
C ALA F 237 -8.00 8.63 34.50
N SER F 238 -8.04 8.06 35.70
CA SER F 238 -7.34 6.80 35.96
C SER F 238 -7.95 5.65 35.18
N SER F 239 -9.28 5.56 35.14
CA SER F 239 -9.95 4.44 34.51
C SER F 239 -10.07 4.59 32.99
N GLY F 240 -9.64 5.71 32.43
CA GLY F 240 -9.73 5.90 30.99
C GLY F 240 -11.09 6.35 30.51
N LYS F 241 -11.88 7.00 31.37
CA LYS F 241 -13.20 7.50 30.98
C LYS F 241 -13.00 8.84 30.28
N ILE F 242 -12.53 8.76 29.03
CA ILE F 242 -12.18 9.95 28.27
C ILE F 242 -13.41 10.80 27.99
N GLY F 243 -14.58 10.17 27.81
CA GLY F 243 -15.78 10.91 27.47
C GLY F 243 -16.18 11.91 28.53
N VAL F 244 -16.19 11.47 29.80
CA VAL F 244 -16.56 12.38 30.88
C VAL F 244 -15.42 13.32 31.22
N LEU F 245 -14.16 12.90 31.03
CA LEU F 245 -13.03 13.80 31.25
C LEU F 245 -13.09 15.00 30.32
N ALA F 246 -13.39 14.75 29.03
CA ALA F 246 -13.42 15.82 28.05
C ALA F 246 -14.48 16.86 28.37
N TYR F 247 -15.53 16.48 29.11
CA TYR F 247 -16.54 17.43 29.57
C TYR F 247 -16.13 18.10 30.86
N ILE F 248 -15.63 17.32 31.82
CA ILE F 248 -15.32 17.87 33.15
C ILE F 248 -14.23 18.92 33.06
N LEU F 249 -13.18 18.66 32.29
CA LEU F 249 -12.03 19.56 32.27
C LEU F 249 -12.40 20.96 31.76
N GLN F 250 -13.42 21.05 30.90
CA GLN F 250 -13.79 22.31 30.24
C GLN F 250 -15.30 22.53 30.30
N ARG F 251 -15.92 22.19 31.43
CA ARG F 251 -17.35 22.43 31.60
C ARG F 251 -17.62 23.90 31.91
N GLU F 252 -18.78 24.37 31.44
CA GLU F 252 -19.21 25.74 31.70
C GLU F 252 -20.72 25.76 31.83
N ILE F 253 -21.22 26.48 32.83
CA ILE F 253 -22.66 26.68 33.04
C ILE F 253 -22.91 28.15 33.30
N HIS F 254 -24.09 28.63 32.91
CA HIS F 254 -24.48 30.04 33.00
C HIS F 254 -25.70 30.24 33.89
N GLU F 255 -25.95 29.32 34.82
CA GLU F 255 -27.08 29.46 35.72
C GLU F 255 -26.83 30.57 36.73
N PRO F 256 -27.88 31.16 37.31
CA PRO F 256 -27.66 32.22 38.31
C PRO F 256 -26.94 31.67 39.53
N GLU F 257 -25.98 32.46 40.03
CA GLU F 257 -25.22 32.11 41.23
C GLU F 257 -24.57 30.73 41.10
N CYS F 258 -24.04 30.44 39.91
CA CYS F 258 -23.38 29.18 39.64
C CYS F 258 -22.13 29.35 38.78
N ARG F 259 -21.53 30.55 38.75
CA ARG F 259 -20.28 30.72 38.03
C ARG F 259 -19.14 29.98 38.70
N HIS F 260 -19.16 29.87 40.04
CA HIS F 260 -18.07 29.25 40.76
C HIS F 260 -17.89 27.78 40.43
N LEU F 261 -18.92 27.12 39.91
CA LEU F 261 -18.82 25.71 39.55
C LEU F 261 -18.12 25.48 38.22
N SER F 262 -18.05 26.49 37.35
CA SER F 262 -17.48 26.32 36.03
C SER F 262 -15.96 26.32 36.09
N ARG F 263 -15.35 25.73 35.05
CA ARG F 263 -13.91 25.73 34.86
C ARG F 263 -13.46 26.50 33.64
N LYS F 264 -14.28 26.57 32.60
CA LYS F 264 -13.99 27.34 31.39
C LYS F 264 -14.73 28.67 31.46
N PHE F 265 -14.01 29.75 31.18
CA PHE F 265 -14.55 31.10 31.25
C PHE F 265 -14.10 31.87 30.02
N THR F 266 -14.59 33.10 29.88
CA THR F 266 -14.19 34.00 28.82
C THR F 266 -13.59 35.25 29.46
N GLU F 267 -12.36 35.60 29.07
CA GLU F 267 -11.71 36.76 29.62
C GLU F 267 -12.20 38.03 28.95
N TRP F 268 -12.25 38.03 27.62
CA TRP F 268 -12.77 39.17 26.88
C TRP F 268 -13.12 38.71 25.47
N ALA F 269 -13.88 39.56 24.79
CA ALA F 269 -14.28 39.31 23.41
C ALA F 269 -14.16 40.61 22.62
N TYR F 270 -13.73 40.46 21.37
CA TYR F 270 -13.61 41.53 20.40
C TYR F 270 -14.44 40.99 19.24
N GLY F 271 -14.16 41.42 18.01
CA GLY F 271 -14.98 40.98 16.91
C GLY F 271 -14.60 39.54 16.60
N PRO F 272 -13.86 39.26 15.53
CA PRO F 272 -13.54 37.84 15.25
C PRO F 272 -12.73 37.15 16.34
N VAL F 273 -12.04 37.87 17.23
CA VAL F 273 -11.07 37.30 18.16
C VAL F 273 -11.63 37.38 19.58
N HIS F 274 -11.43 36.31 20.35
CA HIS F 274 -11.81 36.31 21.76
C HIS F 274 -10.82 35.46 22.55
N SER F 275 -10.84 35.63 23.88
CA SER F 275 -9.88 34.99 24.77
C SER F 275 -10.62 34.16 25.81
N SER F 276 -10.42 32.84 25.79
CA SER F 276 -10.98 31.92 26.77
C SER F 276 -9.98 31.70 27.91
N LEU F 277 -10.53 31.27 29.05
CA LEU F 277 -9.79 31.18 30.30
C LEU F 277 -10.15 29.86 30.97
N TYR F 278 -9.17 28.98 31.12
CA TYR F 278 -9.35 27.64 31.66
C TYR F 278 -8.82 27.56 33.08
N ASP F 279 -9.45 26.72 33.91
CA ASP F 279 -9.01 26.48 35.27
C ASP F 279 -8.07 25.28 35.28
N LEU F 280 -6.89 25.46 35.89
CA LEU F 280 -5.90 24.40 36.05
C LEU F 280 -5.81 23.90 37.49
N SER F 281 -6.87 24.02 38.26
CA SER F 281 -6.86 23.51 39.63
C SER F 281 -6.71 22.01 39.63
N CYS F 282 -5.64 21.53 40.26
CA CYS F 282 -5.37 20.09 40.39
C CYS F 282 -5.18 19.41 39.03
N ILE F 283 -4.67 20.15 38.05
CA ILE F 283 -4.27 19.58 36.76
C ILE F 283 -2.77 19.36 36.70
N ASP F 284 -1.98 20.36 37.10
CA ASP F 284 -0.53 20.30 37.02
C ASP F 284 0.09 19.84 38.35
N THR F 285 -0.26 20.50 39.46
CA THR F 285 0.28 20.16 40.77
C THR F 285 -0.82 20.23 41.81
N CYS F 286 -0.96 19.16 42.59
CA CYS F 286 -1.81 19.16 43.77
C CYS F 286 -1.21 18.44 44.96
N GLU F 287 0.00 17.86 44.82
CA GLU F 287 0.77 17.18 45.85
C GLU F 287 0.21 15.81 46.24
N LYS F 288 -0.96 15.40 45.73
CA LYS F 288 -1.50 14.08 46.00
C LYS F 288 -1.63 13.26 44.72
N ASN F 289 -2.45 13.68 43.77
CA ASN F 289 -2.59 12.94 42.51
C ASN F 289 -3.22 13.88 41.47
N SER F 290 -2.40 14.38 40.56
CA SER F 290 -2.88 15.30 39.53
C SER F 290 -3.33 14.53 38.28
N VAL F 291 -3.98 15.26 37.37
CA VAL F 291 -4.45 14.65 36.12
C VAL F 291 -3.29 14.22 35.25
N LEU F 292 -2.29 15.10 35.11
CA LEU F 292 -1.13 14.75 34.30
C LEU F 292 -0.38 13.57 34.89
N GLU F 293 -0.25 13.54 36.22
CA GLU F 293 0.44 12.42 36.87
C GLU F 293 -0.32 11.11 36.68
N VAL F 294 -1.64 11.14 36.87
CA VAL F 294 -2.40 9.90 36.80
C VAL F 294 -2.50 9.39 35.36
N ILE F 295 -2.59 10.29 34.38
CA ILE F 295 -2.62 9.85 32.98
C ILE F 295 -1.24 9.36 32.54
N ALA F 296 -0.20 10.12 32.87
CA ALA F 296 1.14 9.84 32.32
C ALA F 296 1.69 8.51 32.84
N TYR F 297 1.55 8.26 34.14
CA TYR F 297 2.15 7.08 34.78
C TYR F 297 1.15 5.95 34.97
N SER F 298 0.15 5.84 34.09
CA SER F 298 -0.87 4.82 34.23
C SER F 298 -0.28 3.44 33.98
N SER F 299 -1.10 2.41 34.17
CA SER F 299 -0.66 1.02 34.05
C SER F 299 -0.50 0.56 32.62
N SER F 300 -0.93 1.35 31.63
CA SER F 300 -0.93 1.05 30.19
C SER F 300 -2.07 0.13 29.79
N GLU F 301 -2.90 -0.34 30.72
CA GLU F 301 -4.04 -1.18 30.40
C GLU F 301 -5.30 -0.38 30.10
N THR F 302 -5.29 0.94 30.31
CA THR F 302 -6.49 1.72 30.10
C THR F 302 -6.81 1.79 28.60
N PRO F 303 -8.09 1.87 28.23
CA PRO F 303 -8.42 1.84 26.79
C PRO F 303 -7.85 3.00 25.98
N ASN F 304 -7.78 4.20 26.55
CA ASN F 304 -7.48 5.42 25.81
C ASN F 304 -6.40 6.24 26.52
N ARG F 305 -5.28 5.58 26.83
CA ARG F 305 -4.17 6.30 27.47
C ARG F 305 -3.62 7.39 26.57
N HIS F 306 -3.51 7.12 25.27
CA HIS F 306 -2.87 8.05 24.35
C HIS F 306 -3.79 9.17 23.90
N ASP F 307 -5.11 8.98 23.96
CA ASP F 307 -6.06 9.98 23.50
C ASP F 307 -6.40 11.00 24.59
N MET F 308 -6.24 10.65 25.86
CA MET F 308 -6.61 11.56 26.94
C MET F 308 -5.73 12.80 26.99
N LEU F 309 -4.57 12.79 26.34
CA LEU F 309 -3.71 13.96 26.28
C LEU F 309 -4.03 14.89 25.11
N LEU F 310 -5.01 14.54 24.27
CA LEU F 310 -5.41 15.37 23.14
C LEU F 310 -6.52 16.35 23.49
N VAL F 311 -7.03 16.35 24.72
CA VAL F 311 -8.05 17.31 25.10
C VAL F 311 -7.45 18.71 25.09
N GLU F 312 -8.32 19.70 24.88
CA GLU F 312 -7.88 21.05 24.51
C GLU F 312 -6.96 21.71 25.53
N PRO F 313 -7.22 21.66 26.85
CA PRO F 313 -6.30 22.34 27.78
C PRO F 313 -4.94 21.67 27.90
N LEU F 314 -4.88 20.33 27.92
CA LEU F 314 -3.63 19.66 28.26
C LEU F 314 -2.62 19.72 27.13
N ASN F 315 -3.06 19.65 25.87
CA ASN F 315 -2.12 19.76 24.75
C ASN F 315 -1.40 21.10 24.75
N ARG F 316 -2.14 22.19 24.92
CA ARG F 316 -1.51 23.50 24.96
C ARG F 316 -0.71 23.71 26.24
N LEU F 317 -1.15 23.13 27.36
CA LEU F 317 -0.39 23.22 28.60
C LEU F 317 0.98 22.54 28.44
N LEU F 318 0.99 21.34 27.87
CA LEU F 318 2.25 20.63 27.68
C LEU F 318 3.15 21.35 26.67
N GLN F 319 2.57 21.86 25.58
CA GLN F 319 3.38 22.59 24.62
C GLN F 319 3.97 23.86 25.23
N ASP F 320 3.18 24.57 26.04
CA ASP F 320 3.69 25.75 26.72
C ASP F 320 4.82 25.38 27.69
N LYS F 321 4.64 24.30 28.44
CA LYS F 321 5.69 23.86 29.37
C LYS F 321 6.95 23.50 28.62
N TRP F 322 6.83 22.85 27.46
CA TRP F 322 8.00 22.52 26.66
C TRP F 322 8.69 23.78 26.16
N ASP F 323 7.94 24.69 25.57
CA ASP F 323 8.51 25.91 25.02
C ASP F 323 9.00 26.89 26.08
N ARG F 324 8.65 26.68 27.35
CA ARG F 324 9.02 27.64 28.38
C ARG F 324 10.45 27.41 28.87
N PHE F 325 10.69 26.28 29.54
CA PHE F 325 11.99 26.02 30.18
C PHE F 325 12.54 24.62 29.92
N VAL F 326 11.67 23.65 29.60
CA VAL F 326 12.11 22.26 29.54
C VAL F 326 13.01 22.01 28.34
N LYS F 327 12.73 22.66 27.21
CA LYS F 327 13.50 22.44 25.98
C LYS F 327 14.99 22.69 26.19
N ARG F 328 15.33 23.78 26.88
CA ARG F 328 16.73 24.12 27.09
C ARG F 328 17.42 23.10 27.99
N ILE F 329 16.71 22.64 29.02
CA ILE F 329 17.28 21.63 29.91
C ILE F 329 17.54 20.34 29.16
N PHE F 330 16.59 19.92 28.31
CA PHE F 330 16.78 18.68 27.55
C PHE F 330 17.97 18.80 26.61
N TYR F 331 18.08 19.94 25.90
CA TYR F 331 19.21 20.12 24.99
C TYR F 331 20.54 20.15 25.74
N PHE F 332 20.56 20.78 26.91
CA PHE F 332 21.78 20.81 27.71
C PHE F 332 22.18 19.39 28.14
N ASN F 333 21.21 18.58 28.57
CA ASN F 333 21.52 17.21 28.95
C ASN F 333 22.05 16.41 27.76
N PHE F 334 21.48 16.64 26.57
CA PHE F 334 21.97 15.96 25.38
C PHE F 334 23.42 16.34 25.09
N PHE F 335 23.74 17.64 25.22
CA PHE F 335 25.11 18.10 25.01
C PHE F 335 26.08 17.44 25.99
N VAL F 336 25.68 17.36 27.26
CA VAL F 336 26.56 16.75 28.27
C VAL F 336 26.78 15.28 27.96
N TYR F 337 25.72 14.57 27.56
CA TYR F 337 25.88 13.16 27.20
C TYR F 337 26.82 13.00 26.01
N CYS F 338 26.71 13.89 25.02
CA CYS F 338 27.62 13.84 23.87
C CYS F 338 29.06 14.01 24.31
N LEU F 339 29.33 14.96 25.21
CA LEU F 339 30.70 15.14 25.72
C LEU F 339 31.17 13.89 26.44
N TYR F 340 30.29 13.27 27.24
CA TYR F 340 30.65 12.05 27.95
C TYR F 340 31.04 10.95 26.98
N MET F 341 30.23 10.74 25.93
CA MET F 341 30.55 9.69 24.98
C MET F 341 31.83 9.97 24.21
N ILE F 342 32.10 11.24 23.88
CA ILE F 342 33.34 11.57 23.21
C ILE F 342 34.54 11.23 24.09
N ILE F 343 34.48 11.63 25.37
CA ILE F 343 35.60 11.33 26.26
C ILE F 343 35.77 9.83 26.45
N PHE F 344 34.66 9.10 26.63
CA PHE F 344 34.75 7.66 26.82
C PHE F 344 35.36 6.99 25.59
N THR F 345 34.94 7.40 24.39
CA THR F 345 35.48 6.82 23.17
C THR F 345 36.97 7.12 23.04
N ALA F 346 37.38 8.36 23.31
CA ALA F 346 38.78 8.72 23.20
C ALA F 346 39.63 7.94 24.20
N ALA F 347 39.15 7.78 25.43
CA ALA F 347 39.88 7.02 26.43
C ALA F 347 39.99 5.55 26.04
N ALA F 348 38.91 4.97 25.52
CA ALA F 348 38.94 3.55 25.15
C ALA F 348 39.86 3.31 23.97
N TYR F 349 39.87 4.22 23.00
CA TYR F 349 40.65 4.03 21.79
C TYR F 349 42.13 3.86 22.10
N TYR F 350 42.67 4.69 22.99
CA TYR F 350 44.09 4.73 23.30
C TYR F 350 44.45 3.90 24.52
N ARG F 351 43.77 2.77 24.74
CA ARG F 351 44.13 1.91 25.85
C ARG F 351 45.52 1.33 25.63
N PRO F 352 46.25 0.99 26.69
CA PRO F 352 47.53 0.31 26.50
C PRO F 352 47.32 -1.14 26.07
N VAL F 353 48.34 -1.69 25.42
CA VAL F 353 48.31 -3.04 24.87
C VAL F 353 49.24 -3.97 25.63
N GLU F 354 49.64 -3.61 26.84
CA GLU F 354 50.43 -4.48 27.71
C GLU F 354 49.51 -5.39 28.51
N GLY F 355 50.13 -6.34 29.23
CA GLY F 355 49.38 -7.30 30.01
C GLY F 355 49.28 -6.91 31.49
N LEU F 356 48.45 -7.67 32.21
CA LEU F 356 48.32 -7.61 33.65
C LEU F 356 48.01 -6.19 34.16
N PRO F 357 46.79 -5.69 33.99
CA PRO F 357 46.43 -4.40 34.59
C PRO F 357 46.42 -4.50 36.10
N PRO F 358 46.49 -3.37 36.83
CA PRO F 358 46.57 -1.97 36.40
C PRO F 358 47.93 -1.60 35.82
N TYR F 359 47.99 -0.50 35.08
CA TYR F 359 49.19 -0.06 34.39
C TYR F 359 49.84 1.10 35.13
N LYS F 360 51.15 1.23 34.94
CA LYS F 360 51.92 2.21 35.68
C LYS F 360 51.57 3.63 35.24
N LEU F 361 51.63 4.55 36.19
CA LEU F 361 51.29 5.96 35.96
C LEU F 361 52.51 6.68 35.42
N LYS F 362 52.61 6.76 34.10
CA LYS F 362 53.67 7.53 33.46
C LYS F 362 53.39 9.02 33.61
N ASN F 363 54.45 9.82 33.59
CA ASN F 363 54.37 11.25 33.87
C ASN F 363 54.37 12.10 32.61
N THR F 364 54.04 11.53 31.46
CA THR F 364 53.93 12.29 30.22
C THR F 364 52.49 12.77 30.01
N VAL F 365 52.33 13.65 29.02
CA VAL F 365 51.08 14.39 28.85
C VAL F 365 49.94 13.46 28.47
N GLY F 366 50.17 12.60 27.47
CA GLY F 366 49.13 11.72 26.98
C GLY F 366 48.59 10.80 28.05
N ASP F 367 49.44 10.33 28.95
CA ASP F 367 48.98 9.44 30.01
C ASP F 367 48.17 10.18 31.07
N TYR F 368 48.51 11.44 31.36
CA TYR F 368 47.66 12.26 32.22
C TYR F 368 46.26 12.40 31.62
N PHE F 369 46.19 12.72 30.32
CA PHE F 369 44.89 12.86 29.68
C PHE F 369 44.12 11.54 29.70
N ARG F 370 44.82 10.44 29.44
CA ARG F 370 44.19 9.12 29.43
C ARG F 370 43.59 8.78 30.79
N VAL F 371 44.34 9.01 31.86
CA VAL F 371 43.85 8.70 33.19
C VAL F 371 42.63 9.57 33.52
N THR F 372 42.69 10.86 33.15
CA THR F 372 41.54 11.73 33.36
C THR F 372 40.30 11.20 32.65
N GLY F 373 40.47 10.77 31.40
CA GLY F 373 39.34 10.24 30.65
C GLY F 373 38.75 8.99 31.30
N GLU F 374 39.62 8.09 31.77
CA GLU F 374 39.13 6.88 32.44
C GLU F 374 38.33 7.22 33.69
N ILE F 375 38.82 8.19 34.48
CA ILE F 375 38.13 8.57 35.71
C ILE F 375 36.75 9.12 35.38
N LEU F 376 36.68 9.99 34.37
CA LEU F 376 35.38 10.55 33.99
C LEU F 376 34.41 9.47 33.50
N SER F 377 34.93 8.49 32.75
CA SER F 377 34.07 7.42 32.26
C SER F 377 33.47 6.62 33.42
N VAL F 378 34.28 6.27 34.41
CA VAL F 378 33.76 5.50 35.53
C VAL F 378 32.75 6.33 36.32
N SER F 379 33.01 7.64 36.47
CA SER F 379 32.07 8.51 37.15
C SER F 379 30.71 8.50 36.46
N GLY F 380 30.69 8.62 35.14
CA GLY F 380 29.43 8.56 34.43
C GLY F 380 28.72 7.24 34.61
N GLY F 381 29.47 6.14 34.61
CA GLY F 381 28.87 4.84 34.79
C GLY F 381 28.15 4.71 36.13
N VAL F 382 28.83 5.10 37.21
CA VAL F 382 28.19 4.94 38.52
C VAL F 382 27.02 5.91 38.66
N TYR F 383 27.10 7.10 38.05
CA TYR F 383 25.96 8.01 38.03
C TYR F 383 24.74 7.35 37.41
N PHE F 384 24.90 6.74 36.25
CA PHE F 384 23.76 6.09 35.60
C PHE F 384 23.22 4.94 36.43
N PHE F 385 24.11 4.19 37.08
CA PHE F 385 23.68 3.10 37.95
C PHE F 385 22.75 3.59 39.06
N PHE F 386 23.18 4.63 39.79
CA PHE F 386 22.35 5.12 40.88
C PHE F 386 21.07 5.77 40.40
N ARG F 387 21.11 6.45 39.24
CA ARG F 387 19.88 7.01 38.69
C ARG F 387 18.88 5.91 38.36
N GLY F 388 19.36 4.78 37.83
CA GLY F 388 18.46 3.66 37.57
C GLY F 388 17.80 3.13 38.82
N ILE F 389 18.59 2.99 39.90
CA ILE F 389 18.01 2.51 41.15
C ILE F 389 16.96 3.49 41.67
N GLN F 390 17.28 4.79 41.61
CA GLN F 390 16.33 5.79 42.10
C GLN F 390 15.04 5.76 41.30
N TYR F 391 15.13 5.62 39.98
CA TYR F 391 13.92 5.53 39.16
C TYR F 391 13.08 4.34 39.58
N PHE F 392 13.71 3.16 39.73
CA PHE F 392 12.92 1.98 40.08
C PHE F 392 12.24 2.15 41.43
N LEU F 393 12.96 2.67 42.42
CA LEU F 393 12.38 2.77 43.75
C LEU F 393 11.27 3.81 43.80
N GLN F 394 11.41 4.92 43.07
CA GLN F 394 10.39 5.96 43.13
C GLN F 394 9.15 5.56 42.33
N ARG F 395 9.33 4.87 41.21
CA ARG F 395 8.18 4.54 40.37
C ARG F 395 7.46 3.27 40.84
N ARG F 396 8.20 2.27 41.30
CA ARG F 396 7.65 0.96 41.63
C ARG F 396 6.83 0.38 40.48
N PRO F 397 7.45 0.15 39.31
CA PRO F 397 6.71 -0.38 38.17
C PRO F 397 6.40 -1.86 38.34
N SER F 398 5.41 -2.32 37.58
CA SER F 398 5.03 -3.72 37.54
C SER F 398 5.86 -4.48 36.52
N LEU F 399 5.86 -5.81 36.65
CA LEU F 399 6.70 -6.64 35.79
C LEU F 399 6.30 -6.53 34.32
N LYS F 400 5.00 -6.53 34.04
CA LYS F 400 4.56 -6.47 32.66
C LYS F 400 4.87 -5.12 32.02
N SER F 401 4.69 -4.03 32.77
CA SER F 401 4.96 -2.70 32.24
C SER F 401 6.45 -2.39 32.21
N LEU F 402 7.26 -3.06 33.04
CA LEU F 402 8.68 -2.75 33.12
C LEU F 402 9.39 -2.99 31.79
N PHE F 403 9.01 -4.03 31.05
CA PHE F 403 9.61 -4.36 29.77
C PHE F 403 8.85 -3.78 28.58
N VAL F 404 7.83 -2.95 28.83
CA VAL F 404 7.07 -2.27 27.78
C VAL F 404 7.22 -0.76 27.90
N ASP F 405 6.88 -0.20 29.06
CA ASP F 405 6.98 1.23 29.31
C ASP F 405 8.30 1.57 29.96
N SER F 406 8.90 2.68 29.53
CA SER F 406 10.19 3.14 30.03
C SER F 406 11.26 2.07 29.85
N TYR F 407 11.31 1.49 28.65
CA TYR F 407 12.31 0.46 28.37
C TYR F 407 13.73 1.02 28.31
N SER F 408 13.89 2.31 28.00
CA SER F 408 15.23 2.89 27.89
C SER F 408 15.98 2.90 29.21
N GLU F 409 15.27 2.95 30.34
CA GLU F 409 15.94 2.95 31.63
C GLU F 409 16.70 1.65 31.85
N ILE F 410 16.14 0.53 31.37
CA ILE F 410 16.81 -0.76 31.48
C ILE F 410 18.10 -0.76 30.66
N LEU F 411 18.07 -0.15 29.47
CA LEU F 411 19.26 -0.10 28.63
C LEU F 411 20.36 0.74 29.27
N PHE F 412 20.00 1.90 29.82
CA PHE F 412 21.02 2.70 30.51
C PHE F 412 21.56 1.98 31.74
N PHE F 413 20.69 1.30 32.47
CA PHE F 413 21.13 0.53 33.63
C PHE F 413 22.10 -0.57 33.23
N VAL F 414 21.79 -1.28 32.14
CA VAL F 414 22.66 -2.36 31.68
C VAL F 414 24.02 -1.80 31.25
N GLN F 415 24.02 -0.65 30.58
CA GLN F 415 25.28 0.01 30.24
C GLN F 415 26.11 0.26 31.50
N SER F 416 25.49 0.79 32.55
CA SER F 416 26.22 1.04 33.78
C SER F 416 26.72 -0.26 34.42
N LEU F 417 25.93 -1.33 34.35
CA LEU F 417 26.37 -2.62 34.90
C LEU F 417 27.61 -3.12 34.18
N PHE F 418 27.64 -3.00 32.85
CA PHE F 418 28.83 -3.39 32.10
C PHE F 418 30.04 -2.56 32.51
N MET F 419 29.83 -1.25 32.73
CA MET F 419 30.95 -0.41 33.17
C MET F 419 31.49 -0.87 34.52
N LEU F 420 30.61 -1.18 35.46
CA LEU F 420 31.08 -1.58 36.79
C LEU F 420 31.82 -2.92 36.73
N VAL F 421 31.31 -3.86 35.95
CA VAL F 421 32.01 -5.14 35.78
C VAL F 421 33.38 -4.91 35.16
N SER F 422 33.46 -3.95 34.22
CA SER F 422 34.76 -3.61 33.64
C SER F 422 35.72 -3.09 34.71
N VAL F 423 35.23 -2.25 35.62
CA VAL F 423 36.10 -1.74 36.69
C VAL F 423 36.61 -2.89 37.56
N VAL F 424 35.72 -3.79 37.95
CA VAL F 424 36.12 -4.90 38.82
C VAL F 424 37.16 -5.76 38.14
N LEU F 425 36.93 -6.10 36.87
CA LEU F 425 37.90 -6.93 36.14
C LEU F 425 39.22 -6.19 35.96
N TYR F 426 39.17 -4.87 35.74
CA TYR F 426 40.40 -4.10 35.62
C TYR F 426 41.24 -4.22 36.88
N PHE F 427 40.62 -4.06 38.05
CA PHE F 427 41.37 -4.11 39.30
C PHE F 427 41.56 -5.54 39.83
N SER F 428 41.06 -6.56 39.14
CA SER F 428 41.29 -7.95 39.50
C SER F 428 42.45 -8.58 38.73
N GLN F 429 43.24 -7.79 38.00
CA GLN F 429 44.36 -8.28 37.20
C GLN F 429 43.90 -9.25 36.12
N ARG F 430 42.93 -8.80 35.31
CA ARG F 430 42.41 -9.59 34.21
C ARG F 430 42.33 -8.74 32.95
N LYS F 431 42.48 -9.41 31.80
CA LYS F 431 42.33 -8.77 30.49
C LYS F 431 40.90 -8.78 30.00
N GLU F 432 39.98 -9.44 30.71
CA GLU F 432 38.60 -9.53 30.26
C GLU F 432 37.83 -8.23 30.43
N TYR F 433 38.42 -7.20 31.06
CA TYR F 433 37.73 -5.92 31.17
C TYR F 433 37.47 -5.30 29.81
N VAL F 434 38.26 -5.66 28.79
CA VAL F 434 38.10 -5.07 27.47
C VAL F 434 36.75 -5.47 26.86
N ALA F 435 36.33 -6.72 27.04
CA ALA F 435 35.07 -7.16 26.46
C ALA F 435 33.89 -6.39 27.06
N SER F 436 33.87 -6.24 28.38
CA SER F 436 32.80 -5.46 29.01
C SER F 436 32.89 -4.00 28.61
N MET F 437 34.10 -3.46 28.51
CA MET F 437 34.25 -2.06 28.11
C MET F 437 33.70 -1.81 26.72
N VAL F 438 33.99 -2.71 25.77
CA VAL F 438 33.49 -2.48 24.40
C VAL F 438 31.98 -2.72 24.32
N PHE F 439 31.44 -3.68 25.09
CA PHE F 439 29.99 -3.81 25.12
C PHE F 439 29.33 -2.55 25.67
N SER F 440 29.92 -1.98 26.73
CA SER F 440 29.40 -0.74 27.28
C SER F 440 29.51 0.40 26.28
N LEU F 441 30.62 0.47 25.54
CA LEU F 441 30.79 1.53 24.56
C LEU F 441 29.77 1.42 23.42
N ALA F 442 29.58 0.21 22.90
CA ALA F 442 28.61 0.02 21.83
C ALA F 442 27.19 0.32 22.30
N MET F 443 26.84 -0.12 23.50
CA MET F 443 25.53 0.23 24.03
C MET F 443 25.40 1.71 24.28
N GLY F 444 26.48 2.37 24.72
CA GLY F 444 26.42 3.81 24.94
C GLY F 444 26.14 4.57 23.65
N TRP F 445 26.81 4.18 22.57
CA TRP F 445 26.53 4.84 21.29
C TRP F 445 25.13 4.52 20.79
N THR F 446 24.69 3.27 20.98
CA THR F 446 23.35 2.89 20.53
C THR F 446 22.26 3.62 21.30
N ASN F 447 22.46 3.85 22.59
CA ASN F 447 21.47 4.52 23.44
C ASN F 447 21.31 6.01 23.13
N MET F 448 22.14 6.57 22.26
CA MET F 448 21.97 7.96 21.88
C MET F 448 20.67 8.21 21.11
N LEU F 449 20.05 7.14 20.61
CA LEU F 449 18.75 7.27 19.95
C LEU F 449 17.67 7.77 20.90
N TYR F 450 17.88 7.65 22.21
CA TYR F 450 16.93 8.16 23.19
C TYR F 450 16.61 9.63 22.97
N TYR F 451 17.61 10.43 22.62
CA TYR F 451 17.45 11.87 22.56
C TYR F 451 16.79 12.36 21.28
N THR F 452 16.28 11.47 20.43
CA THR F 452 15.53 11.92 19.26
C THR F 452 14.17 12.47 19.64
N ARG F 453 13.64 12.11 20.80
CA ARG F 453 12.41 12.72 21.28
C ARG F 453 12.66 14.20 21.60
N GLY F 454 11.67 15.03 21.35
CA GLY F 454 11.81 16.46 21.38
C GLY F 454 12.10 17.07 20.03
N PHE F 455 12.51 16.26 19.07
CA PHE F 455 12.65 16.66 17.67
C PHE F 455 11.51 15.98 16.91
N GLN F 456 10.56 16.79 16.44
CA GLN F 456 9.42 16.26 15.70
C GLN F 456 9.86 15.53 14.44
N GLN F 457 10.99 15.93 13.85
CA GLN F 457 11.37 15.44 12.53
C GLN F 457 11.63 13.93 12.54
N MET F 458 12.29 13.41 13.58
CA MET F 458 12.77 12.04 13.60
C MET F 458 12.36 11.25 14.85
N GLY F 459 11.71 11.90 15.82
CA GLY F 459 11.14 11.15 16.93
C GLY F 459 10.11 10.14 16.49
N ILE F 460 9.34 10.47 15.45
CA ILE F 460 8.37 9.52 14.90
C ILE F 460 9.08 8.33 14.28
N TYR F 461 10.18 8.58 13.57
CA TYR F 461 10.99 7.50 13.01
C TYR F 461 11.51 6.57 14.11
N ALA F 462 12.01 7.17 15.20
CA ALA F 462 12.47 6.36 16.34
C ALA F 462 11.33 5.54 16.95
N VAL F 463 10.17 6.15 17.11
CA VAL F 463 9.02 5.44 17.68
C VAL F 463 8.62 4.28 16.77
N MET F 464 8.67 4.49 15.46
CA MET F 464 8.34 3.40 14.53
C MET F 464 9.34 2.25 14.65
N ILE F 465 10.64 2.56 14.81
CA ILE F 465 11.62 1.50 15.03
C ILE F 465 11.26 0.71 16.29
N GLU F 466 11.01 1.43 17.38
CA GLU F 466 10.81 0.78 18.66
C GLU F 466 9.47 0.06 18.75
N LYS F 467 8.51 0.45 17.90
CA LYS F 467 7.23 -0.25 17.83
C LYS F 467 7.38 -1.55 17.05
N MET F 468 8.00 -1.48 15.86
CA MET F 468 8.08 -2.68 15.03
C MET F 468 9.04 -3.71 15.61
N ILE F 469 10.08 -3.28 16.33
CA ILE F 469 11.05 -4.24 16.83
C ILE F 469 10.43 -5.17 17.87
N LEU F 470 9.45 -4.68 18.64
CA LEU F 470 8.79 -5.50 19.65
C LEU F 470 7.53 -6.16 19.14
N ARG F 471 6.77 -5.49 18.27
CA ARG F 471 5.48 -6.02 17.85
C ARG F 471 5.64 -7.20 16.89
N ASP F 472 6.31 -6.97 15.77
CA ASP F 472 6.26 -7.88 14.63
C ASP F 472 7.47 -8.79 14.52
N LEU F 473 8.68 -8.29 14.78
CA LEU F 473 9.87 -9.10 14.54
C LEU F 473 10.09 -10.19 15.58
N CYS F 474 9.49 -10.09 16.76
CA CYS F 474 9.68 -11.13 17.76
C CYS F 474 9.07 -12.46 17.31
N ARG F 475 7.88 -12.41 16.69
CA ARG F 475 7.26 -13.63 16.19
C ARG F 475 8.11 -14.27 15.09
N PHE F 476 8.60 -13.45 14.16
CA PHE F 476 9.44 -13.97 13.09
C PHE F 476 10.71 -14.58 13.64
N MET F 477 11.35 -13.92 14.61
CA MET F 477 12.57 -14.47 15.18
C MET F 477 12.30 -15.79 15.92
N PHE F 478 11.18 -15.89 16.62
CA PHE F 478 10.83 -17.15 17.28
C PHE F 478 10.71 -18.28 16.27
N VAL F 479 9.91 -18.08 15.23
CA VAL F 479 9.68 -19.10 14.23
C VAL F 479 10.99 -19.45 13.52
N TYR F 480 11.74 -18.43 13.11
CA TYR F 480 12.98 -18.63 12.38
C TYR F 480 14.00 -19.39 13.22
N LEU F 481 14.12 -19.06 14.50
CA LEU F 481 15.11 -19.72 15.34
C LEU F 481 14.77 -21.19 15.52
N VAL F 482 13.48 -21.52 15.72
CA VAL F 482 13.14 -22.93 15.86
C VAL F 482 13.43 -23.69 14.56
N PHE F 483 13.07 -23.08 13.43
CA PHE F 483 13.32 -23.70 12.13
C PHE F 483 14.82 -23.91 11.91
N LEU F 484 15.63 -22.91 12.24
CA LEU F 484 17.08 -23.00 12.09
C LEU F 484 17.66 -24.10 12.97
N PHE F 485 17.18 -24.20 14.22
CA PHE F 485 17.68 -25.24 15.11
C PHE F 485 17.39 -26.62 14.52
N GLY F 486 16.17 -26.81 14.01
CA GLY F 486 15.85 -28.11 13.42
C GLY F 486 16.74 -28.46 12.24
N PHE F 487 16.92 -27.51 11.32
CA PHE F 487 17.72 -27.84 10.14
C PHE F 487 19.20 -28.00 10.48
N SER F 488 19.71 -27.24 11.44
CA SER F 488 21.10 -27.41 11.85
C SER F 488 21.33 -28.75 12.52
N THR F 489 20.37 -29.23 13.31
CA THR F 489 20.53 -30.57 13.88
C THR F 489 20.52 -31.63 12.79
N ALA F 490 19.67 -31.49 11.77
CA ALA F 490 19.68 -32.44 10.67
C ALA F 490 21.02 -32.43 9.94
N VAL F 491 21.56 -31.24 9.68
CA VAL F 491 22.82 -31.14 8.94
C VAL F 491 23.96 -31.73 9.76
N VAL F 492 23.99 -31.47 11.07
CA VAL F 492 25.03 -32.05 11.91
C VAL F 492 24.90 -33.57 11.93
N THR F 493 23.67 -34.09 11.92
CA THR F 493 23.48 -35.53 11.88
C THR F 493 24.04 -36.15 10.61
N LEU F 494 23.81 -35.50 9.45
CA LEU F 494 24.34 -36.07 8.21
C LEU F 494 25.86 -36.01 8.16
N ILE F 495 26.43 -34.84 8.44
CA ILE F 495 27.85 -34.56 8.26
C ILE F 495 28.41 -34.24 9.63
N GLU F 496 29.43 -34.98 10.06
CA GLU F 496 30.02 -34.82 11.38
C GLU F 496 31.52 -34.54 11.33
N ASP F 497 32.02 -34.00 10.22
CA ASP F 497 33.45 -33.70 10.12
C ASP F 497 33.67 -32.61 9.08
N GLY F 498 34.12 -31.44 9.54
CA GLY F 498 34.52 -30.35 8.67
C GLY F 498 33.44 -29.30 8.55
N LYS F 499 33.55 -28.24 9.35
CA LYS F 499 32.59 -27.13 9.41
C LYS F 499 31.21 -27.52 9.93
N TYR F 500 30.98 -28.80 10.22
CA TYR F 500 29.66 -29.30 10.60
C TYR F 500 29.81 -30.36 11.68
N ASN F 501 30.72 -30.15 12.62
CA ASN F 501 30.93 -31.04 13.76
C ASN F 501 30.45 -30.41 15.06
N SER F 502 29.65 -29.35 14.99
CA SER F 502 29.08 -28.72 16.18
C SER F 502 27.86 -27.92 15.74
N LEU F 503 26.99 -27.65 16.71
CA LEU F 503 25.78 -26.87 16.40
C LEU F 503 26.10 -25.39 16.22
N TYR F 504 27.11 -24.87 16.91
CA TYR F 504 27.42 -23.45 16.81
C TYR F 504 27.89 -23.08 15.40
N SER F 505 28.87 -23.81 14.87
CA SER F 505 29.37 -23.51 13.54
C SER F 505 28.34 -23.80 12.47
N THR F 506 27.57 -24.89 12.62
CA THR F 506 26.52 -25.18 11.64
C THR F 506 25.46 -24.09 11.63
N CYS F 507 25.07 -23.60 12.82
CA CYS F 507 24.11 -22.52 12.89
C CYS F 507 24.64 -21.25 12.23
N LEU F 508 25.92 -20.93 12.45
CA LEU F 508 26.48 -19.74 11.79
C LEU F 508 26.50 -19.91 10.28
N GLU F 509 26.92 -21.09 9.80
CA GLU F 509 27.01 -21.31 8.37
C GLU F 509 25.64 -21.26 7.71
N LEU F 510 24.60 -21.71 8.42
CA LEU F 510 23.24 -21.62 7.88
C LEU F 510 22.70 -20.20 7.95
N PHE F 511 23.04 -19.46 9.02
CA PHE F 511 22.62 -18.08 9.13
C PHE F 511 23.19 -17.23 7.99
N LYS F 512 24.42 -17.54 7.56
CA LYS F 512 25.04 -16.76 6.50
C LYS F 512 24.22 -16.72 5.21
N PHE F 513 23.34 -17.71 4.99
CA PHE F 513 22.48 -17.66 3.81
C PHE F 513 21.41 -16.59 3.93
N THR F 514 20.95 -16.29 5.16
CA THR F 514 19.92 -15.29 5.34
C THR F 514 20.40 -13.90 4.89
N ILE F 515 21.70 -13.62 5.05
CA ILE F 515 22.27 -12.33 4.68
C ILE F 515 23.01 -12.41 3.34
N GLY F 516 22.77 -13.44 2.54
CA GLY F 516 23.33 -13.50 1.20
C GLY F 516 24.83 -13.66 1.15
N MET F 517 25.41 -14.46 2.04
CA MET F 517 26.85 -14.69 2.13
C MET F 517 27.14 -16.18 2.24
N GLY F 518 26.33 -17.00 1.58
CA GLY F 518 26.38 -18.44 1.78
C GLY F 518 27.54 -19.08 1.06
N ASP F 519 27.54 -20.42 1.09
CA ASP F 519 28.56 -21.22 0.43
C ASP F 519 27.86 -22.45 -0.17
N LEU F 520 27.64 -22.41 -1.49
CA LEU F 520 27.04 -23.52 -2.23
C LEU F 520 28.05 -24.11 -3.22
N GLU F 521 29.33 -24.07 -2.89
CA GLU F 521 30.33 -24.63 -3.79
C GLU F 521 30.31 -26.15 -3.79
N PHE F 522 30.09 -26.78 -2.63
CA PHE F 522 30.04 -28.24 -2.49
C PHE F 522 31.29 -28.89 -3.05
N THR F 523 32.45 -28.39 -2.63
CA THR F 523 33.73 -28.94 -3.06
C THR F 523 34.23 -30.08 -2.18
N GLU F 524 33.67 -30.26 -0.99
CA GLU F 524 34.15 -31.29 -0.09
C GLU F 524 33.57 -32.65 -0.47
N ASN F 525 34.33 -33.70 -0.14
CA ASN F 525 33.98 -35.08 -0.50
C ASN F 525 33.34 -35.75 0.70
N TYR F 526 32.08 -35.44 0.94
CA TYR F 526 31.35 -36.00 2.07
C TYR F 526 30.78 -37.37 1.73
N ASP F 527 30.38 -38.09 2.79
CA ASP F 527 29.78 -39.41 2.61
C ASP F 527 28.34 -39.32 2.11
N PHE F 528 27.60 -38.29 2.53
CA PHE F 528 26.20 -38.11 2.20
C PHE F 528 25.98 -36.88 1.32
N LYS F 529 26.88 -36.66 0.38
CA LYS F 529 26.65 -35.67 -0.66
C LYS F 529 25.53 -36.12 -1.57
N ALA F 530 24.84 -35.15 -2.16
CA ALA F 530 23.62 -35.28 -2.98
C ALA F 530 22.37 -35.46 -2.11
N VAL F 531 22.51 -35.66 -0.81
CA VAL F 531 21.42 -35.49 0.15
C VAL F 531 21.54 -34.16 0.86
N PHE F 532 22.78 -33.79 1.22
CA PHE F 532 23.08 -32.50 1.78
C PHE F 532 22.58 -31.36 0.90
N ILE F 533 22.73 -31.50 -0.41
CA ILE F 533 22.32 -30.46 -1.36
C ILE F 533 20.82 -30.23 -1.27
N ILE F 534 20.03 -31.30 -1.19
CA ILE F 534 18.58 -31.18 -1.14
C ILE F 534 18.15 -30.44 0.13
N LEU F 535 18.76 -30.80 1.28
CA LEU F 535 18.45 -30.10 2.52
C LEU F 535 18.79 -28.62 2.44
N LEU F 536 19.95 -28.29 1.88
CA LEU F 536 20.33 -26.88 1.81
C LEU F 536 19.37 -26.10 0.90
N LEU F 537 19.00 -26.68 -0.24
CA LEU F 537 18.06 -25.99 -1.12
C LEU F 537 16.71 -25.79 -0.45
N ALA F 538 16.22 -26.82 0.26
CA ALA F 538 14.96 -26.70 0.96
C ALA F 538 15.03 -25.63 2.04
N TYR F 539 16.14 -25.58 2.79
CA TYR F 539 16.30 -24.56 3.81
C TYR F 539 16.24 -23.17 3.22
N VAL F 540 17.00 -22.95 2.13
CA VAL F 540 17.03 -21.62 1.53
C VAL F 540 15.65 -21.21 1.04
N ILE F 541 14.95 -22.12 0.37
CA ILE F 541 13.64 -21.79 -0.17
C ILE F 541 12.65 -21.47 0.96
N LEU F 542 12.66 -22.30 2.02
CA LEU F 542 11.73 -22.07 3.12
C LEU F 542 12.03 -20.77 3.86
N THR F 543 13.30 -20.42 4.05
CA THR F 543 13.59 -19.17 4.73
C THR F 543 13.31 -17.95 3.87
N TYR F 544 13.41 -18.06 2.56
CA TYR F 544 13.01 -16.95 1.71
C TYR F 544 11.49 -16.79 1.69
N ILE F 545 10.75 -17.90 1.78
CA ILE F 545 9.29 -17.81 1.94
C ILE F 545 8.95 -17.12 3.26
N LEU F 546 9.66 -17.46 4.33
CA LEU F 546 9.40 -16.81 5.61
C LEU F 546 9.67 -15.31 5.55
N LEU F 547 10.80 -14.91 4.96
CA LEU F 547 11.12 -13.49 4.89
C LEU F 547 10.09 -12.74 4.05
N LEU F 548 9.67 -13.34 2.92
CA LEU F 548 8.65 -12.72 2.09
C LEU F 548 7.35 -12.56 2.86
N ASN F 549 6.95 -13.60 3.62
CA ASN F 549 5.75 -13.51 4.43
C ASN F 549 5.85 -12.38 5.44
N MET F 550 7.01 -12.26 6.11
CA MET F 550 7.22 -11.18 7.06
C MET F 550 7.02 -9.82 6.40
N LEU F 551 7.67 -9.61 5.27
CA LEU F 551 7.57 -8.34 4.57
C LEU F 551 6.13 -8.03 4.24
N ILE F 552 5.44 -8.98 3.62
CA ILE F 552 4.06 -8.72 3.22
C ILE F 552 3.17 -8.45 4.43
N ALA F 553 3.36 -9.21 5.51
CA ALA F 553 2.55 -9.02 6.70
C ALA F 553 2.76 -7.63 7.30
N LEU F 554 3.99 -7.12 7.22
CA LEU F 554 4.25 -5.78 7.74
C LEU F 554 3.51 -4.69 6.96
N MET F 555 3.05 -4.98 5.74
CA MET F 555 2.32 -3.98 4.97
C MET F 555 0.88 -3.79 5.44
N GLY F 556 0.34 -4.72 6.22
CA GLY F 556 -1.00 -4.52 6.74
C GLY F 556 -1.10 -3.51 7.86
N GLU F 557 0.04 -3.05 8.38
CA GLU F 557 0.08 -2.03 9.42
C GLU F 557 0.26 -0.62 8.85
N THR F 558 0.53 -0.49 7.56
CA THR F 558 0.68 0.83 6.97
C THR F 558 -0.65 1.48 6.60
N VAL F 559 -1.76 0.76 6.69
CA VAL F 559 -3.06 1.30 6.30
C VAL F 559 -3.64 2.05 7.50
N ASN F 560 -3.20 3.30 7.68
CA ASN F 560 -3.73 4.24 8.66
C ASN F 560 -3.61 3.75 10.11
N LYS F 561 -2.88 2.67 10.38
CA LYS F 561 -2.74 2.14 11.74
C LYS F 561 -1.53 2.75 12.45
N ILE F 562 -0.34 2.55 11.88
CA ILE F 562 0.87 3.09 12.48
C ILE F 562 0.88 4.61 12.43
N ALA F 563 0.26 5.18 11.39
CA ALA F 563 0.28 6.62 11.13
C ALA F 563 -0.11 7.44 12.34
N GLN F 564 -1.19 7.06 13.01
CA GLN F 564 -1.73 7.82 14.12
C GLN F 564 -1.43 7.22 15.48
N GLU F 565 -1.06 5.94 15.56
CA GLU F 565 -0.50 5.44 16.81
C GLU F 565 0.82 6.15 17.11
N SER F 566 1.66 6.29 16.09
CA SER F 566 2.80 7.17 16.18
C SER F 566 2.31 8.60 16.20
N LYS F 567 3.17 9.48 16.73
CA LYS F 567 2.93 10.89 17.06
C LYS F 567 2.06 11.06 18.31
N ASN F 568 1.18 10.09 18.61
CA ASN F 568 0.53 10.06 19.91
C ASN F 568 1.42 9.40 20.95
N ILE F 569 2.07 8.29 20.57
CA ILE F 569 3.08 7.72 21.45
C ILE F 569 4.21 8.72 21.67
N TRP F 570 4.58 9.47 20.63
CA TRP F 570 5.60 10.50 20.77
C TRP F 570 5.18 11.60 21.73
N LYS F 571 3.93 12.08 21.61
CA LYS F 571 3.45 13.11 22.53
C LYS F 571 3.46 12.59 23.96
N LEU F 572 3.09 11.33 24.16
CA LEU F 572 3.14 10.75 25.49
C LEU F 572 4.58 10.71 26.03
N GLN F 573 5.54 10.33 25.18
CA GLN F 573 6.94 10.30 25.61
C GLN F 573 7.44 11.68 26.00
N ARG F 574 7.09 12.70 25.20
CA ARG F 574 7.50 14.05 25.55
C ARG F 574 6.83 14.51 26.85
N ALA F 575 5.59 14.09 27.09
CA ALA F 575 4.93 14.39 28.35
C ALA F 575 5.68 13.78 29.53
N ILE F 576 6.13 12.53 29.37
CA ILE F 576 6.91 11.89 30.43
C ILE F 576 8.20 12.67 30.68
N THR F 577 8.86 13.10 29.59
CA THR F 577 10.08 13.88 29.74
C THR F 577 9.82 15.18 30.50
N ILE F 578 8.74 15.88 30.16
CA ILE F 578 8.42 17.14 30.81
C ILE F 578 8.17 16.93 32.30
N LEU F 579 7.38 15.91 32.64
CA LEU F 579 7.06 15.66 34.03
C LEU F 579 8.31 15.29 34.83
N ASP F 580 9.16 14.43 34.26
CA ASP F 580 10.37 14.03 34.98
C ASP F 580 11.33 15.20 35.15
N THR F 581 11.44 16.06 34.14
CA THR F 581 12.31 17.22 34.26
C THR F 581 11.81 18.19 35.32
N GLU F 582 10.50 18.46 35.33
CA GLU F 582 9.98 19.40 36.33
C GLU F 582 10.07 18.81 37.74
N LYS F 583 9.84 17.50 37.87
CA LYS F 583 9.76 16.91 39.20
C LYS F 583 11.08 17.01 39.95
N SER F 584 12.18 16.58 39.35
CA SER F 584 13.43 16.52 40.09
C SER F 584 14.15 17.85 40.12
N PHE F 585 14.70 18.28 38.99
CA PHE F 585 15.21 19.64 38.74
C PHE F 585 16.46 20.01 39.53
N LEU F 586 16.81 19.28 40.59
CA LEU F 586 18.02 19.44 41.40
C LEU F 586 18.23 20.85 41.96
N LYS F 587 17.24 21.76 41.87
CA LYS F 587 17.42 23.15 42.30
C LYS F 587 16.12 23.77 42.81
N CYS F 588 15.29 22.99 43.51
CA CYS F 588 14.14 23.55 44.22
C CYS F 588 13.15 24.27 43.30
N MET F 589 12.41 23.52 42.48
CA MET F 589 11.48 24.11 41.50
C MET F 589 10.34 24.79 42.26
N ARG F 590 10.63 26.00 42.77
CA ARG F 590 9.60 26.81 43.40
C ARG F 590 8.69 27.49 42.37
N LYS F 591 9.23 27.85 41.20
CA LYS F 591 8.45 28.47 40.13
C LYS F 591 7.77 27.39 39.29
N ALA F 592 6.87 26.65 39.94
CA ALA F 592 6.16 25.56 39.30
C ALA F 592 4.84 26.00 38.65
N PHE F 593 4.25 27.10 39.11
CA PHE F 593 2.99 27.55 38.55
C PHE F 593 3.23 28.32 37.25
N ARG F 594 2.21 28.32 36.39
CA ARG F 594 2.35 28.82 35.02
C ARG F 594 1.92 30.27 34.88
N SER F 595 0.66 30.58 35.22
CA SER F 595 -0.01 31.78 34.74
C SER F 595 -0.54 32.66 35.88
N GLY F 596 0.04 32.57 37.06
CA GLY F 596 -0.24 33.52 38.12
C GLY F 596 -1.67 33.40 38.64
N LYS F 597 -1.95 34.22 39.66
CA LYS F 597 -3.25 34.22 40.34
C LYS F 597 -4.16 35.23 39.65
N LEU F 598 -4.87 34.77 38.62
CA LEU F 598 -5.86 35.60 37.94
C LEU F 598 -7.20 35.49 38.63
N LEU F 599 -7.97 36.59 38.61
CA LEU F 599 -9.29 36.60 39.19
C LEU F 599 -10.26 35.95 38.23
N GLN F 600 -10.89 34.85 38.67
CA GLN F 600 -11.76 34.05 37.82
C GLN F 600 -13.18 34.59 37.80
N VAL F 601 -13.81 34.65 38.98
CA VAL F 601 -15.16 35.16 39.14
C VAL F 601 -15.19 36.36 40.08
N GLY F 602 -14.55 36.22 41.25
CA GLY F 602 -14.58 37.24 42.26
C GLY F 602 -15.82 37.24 43.13
N PHE F 603 -16.79 36.34 42.85
CA PHE F 603 -18.04 36.25 43.60
C PHE F 603 -18.32 34.78 43.91
N THR F 604 -17.80 34.32 45.03
CA THR F 604 -18.08 32.99 45.56
C THR F 604 -19.43 33.01 46.25
N PRO F 605 -19.92 31.85 46.71
CA PRO F 605 -21.11 31.88 47.59
C PRO F 605 -20.94 32.80 48.78
N ASP F 606 -19.75 32.84 49.37
CA ASP F 606 -19.39 33.89 50.31
C ASP F 606 -18.95 35.13 49.54
N GLY F 607 -18.88 36.26 50.23
CA GLY F 607 -18.53 37.52 49.59
C GLY F 607 -17.08 37.63 49.13
N LYS F 608 -16.24 36.65 49.42
CA LYS F 608 -14.83 36.72 49.06
C LYS F 608 -14.64 36.46 47.56
N ASP F 609 -13.50 36.91 47.06
CA ASP F 609 -13.10 36.68 45.68
C ASP F 609 -12.33 35.35 45.60
N ASP F 610 -11.92 34.98 44.39
CA ASP F 610 -11.23 33.72 44.16
C ASP F 610 -10.20 33.87 43.05
N TYR F 611 -9.08 33.18 43.21
CA TYR F 611 -8.01 33.10 42.21
C TYR F 611 -7.61 31.65 42.09
N ARG F 612 -7.60 31.13 40.85
CA ARG F 612 -7.53 29.69 40.61
C ARG F 612 -6.48 29.29 39.59
N TRP F 613 -5.44 30.10 39.40
CA TRP F 613 -4.32 29.77 38.52
C TRP F 613 -4.79 29.41 37.11
N CYS F 614 -5.40 30.38 36.45
CA CYS F 614 -6.06 30.14 35.18
C CYS F 614 -5.11 30.33 34.00
N PHE F 615 -5.50 29.75 32.87
CA PHE F 615 -4.66 29.63 31.68
C PHE F 615 -5.38 30.27 30.50
N ARG F 616 -4.67 31.11 29.75
CA ARG F 616 -5.27 31.89 28.67
C ARG F 616 -5.10 31.16 27.34
N VAL F 617 -6.18 31.10 26.56
CA VAL F 617 -6.16 30.52 25.22
C VAL F 617 -6.93 31.44 24.29
N ASP F 618 -6.30 31.87 23.21
CA ASP F 618 -6.95 32.73 22.23
C ASP F 618 -7.68 31.89 21.18
N GLU F 619 -8.69 32.49 20.56
CA GLU F 619 -9.43 31.79 19.51
C GLU F 619 -10.06 32.83 18.59
N VAL F 620 -10.31 32.40 17.35
CA VAL F 620 -10.94 33.21 16.32
C VAL F 620 -12.15 32.47 15.78
N ASN F 621 -13.26 33.19 15.61
CA ASN F 621 -14.51 32.62 15.12
C ASN F 621 -15.11 33.56 14.10
N TRP F 622 -15.16 33.11 12.84
CA TRP F 622 -15.70 33.89 11.73
C TRP F 622 -17.17 33.59 11.45
N THR F 623 -17.82 32.76 12.27
CA THR F 623 -19.20 32.34 12.08
C THR F 623 -20.07 32.81 13.24
N THR F 624 -19.91 34.08 13.63
CA THR F 624 -20.70 34.65 14.71
C THR F 624 -20.70 36.17 14.63
#